data_6QCX
#
_entry.id   6QCX
#
_cell.length_a   200.407
_cell.length_b   200.407
_cell.length_c   256.372
_cell.angle_alpha   90.00
_cell.angle_beta   90.00
_cell.angle_gamma   120.00
#
_symmetry.space_group_name_H-M   'P 32 2 1'
#
loop_
_entity.id
_entity.type
_entity.pdbx_description
1 polymer 'Polymerase acidic protein'
2 polymer 'RNA-directed RNA polymerase catalytic subunit'
3 polymer 'Polymerase basic protein 2'
4 polymer "RNA (5'-D(*(GDM))-R(P*GP*AP*AP*UP*GP*CP*UP*AP*UP*AP*AP*UP*AP*GP*C)-3')"
5 polymer "RNA (5'-R(*UP*AP*UP*AP*CP*CP*UP*CP*UP*GP*CP*UP*UP*CP*UP*GP*CP*UP*AP*UP*U)-3')"
6 polymer "RNA (5'-R(P*AP*GP*UP*AP*GP*UP*AP*AP*CP*AP*AP*GP*AP*G)-3')"
7 non-polymer 'PHOSPHATE ION'
8 non-polymer 'PYROPHOSPHATE 2-'
9 non-polymer 'MAGNESIUM ION'
#
loop_
_entity_poly.entity_id
_entity_poly.type
_entity_poly.pdbx_seq_one_letter_code
_entity_poly.pdbx_strand_id
1 'polypeptide(L)'
;GSHHHHHHHHGSGSMDTFITRNFQTTIIQKAKNTMAEFSEDPELQPAMLFNICVHLEVCYVISDMNFLDEEGKAYTALEG
QGKEQNLRPQYEVIEGMPRTIAWMVQRSLAQEHGIETPKYLADLFDYKTKRFIEVGITKGLADDYFWKKKEKLGNSMELM
IFSYNQDYSLSNESSLDEEGKGRVLSRLTELQAELSLKNLWQVLIGEEDVEKGIDFKLGQTISRLRDISVPAGFSNFEGM
RSYIDNIDPKGAIERNLARMSPLVSVTPKKLTWEDLRPIGPHIYNHELPEVPYNAFLLMSDELGLANMTEGKSKKPKTLA
KECLEKYSTLRDQTDPILIMKSEKANENFLWKLWRDCVNTISNEEMSNELQKTNYAKWATGDGLTYQKIMKEVAIDDETM
CQEEPKIPNKCRVAAWVQTEMNLLSTLTSKRALDLPEIGPDVAPVEHVGSERRKYFVNEINYCKASTVMMKYVLFHTSLL
NESNASMGKYKVIPITNRVVNEKGESFDMLYGLAVKGQSHLRGDTDVVTVVTFEFSSTDPRVDSGKWPKYTVFRIGSLFV
SGREKSVYLYCRVNGTNKIQMKWGMEARRCLLQSMQQMEAIVEQESSIQGYDMTKACFKGDRVNSPKTFSIGTQEGKLVK
GSFGKALRVIFTKCLMHYVFGNAQLEGFSAESRRLLLLIQALKDRKGPWVFDLEGMYSGIEECISNNPWVIQSAYWFNEW
LGFEKEGSKVLESVDEIMDEGSGSGENLYFQ
;
A
2 'polypeptide(L)'
;GSGSGSGSGMNINPYFLFIDVPIQAAISTTFPYTGVPPYSHGTGTGYTIDTVIRTHEYSNKGKQYISDVTGCTMVDPTNG
PLPEDNEPSAYAQLDCVLEALDRMDEEHPGLFQAASQNAMETLMVTTVDKLTQGRQTFDWTVCRNQPAATALNTTITSFR
LNDLNGADKGGLIPFCQDIIDSLDRPEMTFFSVKNIKKKLPAKNRKGFLIKRIPMKVKDKITKVEYIKRALSLNTMTKDA
ERGKLKRRAIATAGIQIRGFVLVVENLAKNICENLEQSGLPVGGNEKKAKLSNAVAKMLSNCPPGGISMTVTGDNTKWNE
CLNPRIFLAMTERITRDSPIWFRDFCSIAPVLFSNKIARLGKGFMITSKTKRLKAQIPCPDLFSIPLERYNEETRAKLKK
LKPFFNEEGTASLSPGMMMGMFNMLSTVLGVAALGIKNIGNKEYLWDGLQSSDDFALFVNAKDEETCMEGINDFYRTCKL
LGINMSKKKSYCNETGMFEFTSMFYRDGFVSNFAMELPSFGVAGVNESADMAIGMTIIKNNMINNGMGPATAQTAIQLFI
ADYRYTYKCHRGDSKVEGKRMKIIKELWENTKGRDGLLVADGGPNIYNLRNLHIPEIVLKYNLMDPEYKGRLLHPQNPFV
GHLSIEGIKEADITPAHGPVKKMDYDAVSGTHSWRTKRNRSILNTDQRNMILEEQCYAKCCNLFEACFNSASYRKPVGQH
SMLEAMAHRLRMDARLDYESGRMSKDDFEKAMAHLGEIGYIGSGSGENLYFQ
;
B
3 'polypeptide(L)'
;GSGSGSGSGMTLAKIELLKQLLRDNEAKTVLKQTTVDQYNIIRKFNTSRIEKNPSLRMKWAMCSNFPLALTKGDMANRIP
LEYKGIQLKTNAEDIGTKGQMCSIAAVTWWNTYGPIGDTEGFERVYESFFLRKMRLDNATWGRITFGPVERVRKRVLLNP
LTKEMPPDEASNVIMEILFPKEAGIPRESTWIHRELIKEKREKLKGTMITPIVLAYMLERELVARRRFLPVAGATSAEFI
EMLHCLQGENWRQIYHPGGNKLTESRSQSMIVACRKIIRRSIVASNPLELAVEIANKTVIDTEPLKSCLAAIDGGDVACD
IIRAALGLKIRQRQRFGRLELKRISGRGFKNDEEILIGNGTIQKIGIWDGEEEFHVRCGECRGILKKSKMKLEKLLINSA
KKEDMRDLIILCMVFSQDTRMFQGVRGEINFLNRAGQLLSPMYQLQRYFLNRSNDLFDQWGYEESPKASELHGINESMNA
SDYTLKGVVVTRNVIDDFSSTETEKVSITKNLSLIKRTGEVIMGANDVSELESQAQLMITYDTPKMWEMGTTKELVQNTY
QWVLKNLVTLKAQFLLGKEDMFQWDAFEAFESIIPQKMAGQYSGFARAVLKQMRDQEVMKTDQFIKLLPFCFSPPKLRSN
GEPYQFLKLVLKGGGENFIEVRKGSPLFSYNPQTEVLTICGRMMSLKGKIEDEERNRSMGNAVLAGFLVSGKYDPDLGDF
KTIEELEKLKPGEKANILLYQGKPVKVVKRKRYSALSNDISQGIKRQRMTVESMGWALSGWSHPQFEKGSGSENLYFQ
;
C
4 'polyribonucleotide' (M7G)GAAUGCUAUAAUAGC M
5 'polyribonucleotide' UAUACCUCUGCUUCUGCUAUU R
6 'polyribonucleotide' AGUAGUAACAAGAG V
#
# COMPACT_ATOMS: atom_id res chain seq x y z
N SER A 14 -19.21 56.56 -6.15
CA SER A 14 -18.32 55.40 -5.93
C SER A 14 -17.04 55.54 -6.76
N MET A 15 -16.10 54.60 -6.59
CA MET A 15 -14.77 54.59 -7.29
C MET A 15 -14.88 53.81 -8.60
N ASP A 16 -15.88 52.93 -8.73
CA ASP A 16 -16.05 51.99 -9.88
C ASP A 16 -16.07 52.76 -11.20
N THR A 17 -16.83 53.87 -11.26
CA THR A 17 -17.04 54.70 -12.48
C THR A 17 -15.88 55.69 -12.67
N PHE A 18 -15.13 56.00 -11.60
CA PHE A 18 -14.01 56.97 -11.60
C PHE A 18 -12.81 56.39 -12.37
N ILE A 19 -12.37 55.20 -11.99
CA ILE A 19 -11.14 54.52 -12.50
C ILE A 19 -11.26 54.28 -14.01
N THR A 20 -12.49 54.02 -14.49
CA THR A 20 -12.81 53.79 -15.93
C THR A 20 -12.41 55.02 -16.78
N ARG A 21 -12.67 56.23 -16.26
CA ARG A 21 -12.39 57.51 -16.96
C ARG A 21 -10.88 57.77 -17.01
N ASN A 22 -10.22 57.75 -15.83
CA ASN A 22 -8.82 58.18 -15.63
C ASN A 22 -7.86 57.20 -16.30
N PHE A 23 -7.83 55.95 -15.83
CA PHE A 23 -6.86 54.89 -16.21
C PHE A 23 -7.38 54.13 -17.43
N GLN A 24 -6.45 53.66 -18.28
CA GLN A 24 -6.75 52.81 -19.47
C GLN A 24 -7.07 51.39 -18.99
N THR A 25 -7.61 50.55 -19.88
CA THR A 25 -8.08 49.17 -19.59
C THR A 25 -6.88 48.27 -19.26
N THR A 26 -5.67 48.63 -19.73
CA THR A 26 -4.40 47.94 -19.40
C THR A 26 -4.16 47.99 -17.89
N ILE A 27 -4.12 49.20 -17.33
CA ILE A 27 -3.81 49.49 -15.90
C ILE A 27 -4.94 48.92 -15.03
N ILE A 28 -6.19 49.05 -15.48
CA ILE A 28 -7.41 48.53 -14.77
C ILE A 28 -7.26 47.03 -14.55
N GLN A 29 -7.17 46.25 -15.63
CA GLN A 29 -7.11 44.76 -15.61
C GLN A 29 -5.86 44.30 -14.87
N LYS A 30 -4.69 44.82 -15.24
CA LYS A 30 -3.36 44.35 -14.74
C LYS A 30 -3.24 44.62 -13.23
N ALA A 31 -4.06 45.54 -12.68
CA ALA A 31 -4.22 45.77 -11.23
C ALA A 31 -5.19 44.73 -10.65
N LYS A 32 -6.32 44.49 -11.35
CA LYS A 32 -7.39 43.55 -10.93
C LYS A 32 -6.84 42.12 -10.86
N ASN A 33 -5.85 41.79 -11.69
CA ASN A 33 -5.15 40.49 -11.70
C ASN A 33 -4.26 40.39 -10.44
N THR A 34 -3.51 41.46 -10.13
CA THR A 34 -2.66 41.59 -8.92
C THR A 34 -3.55 41.49 -7.67
N MET A 35 -4.75 42.07 -7.72
CA MET A 35 -5.76 41.99 -6.63
C MET A 35 -6.33 40.55 -6.56
N ALA A 36 -6.64 39.96 -7.72
CA ALA A 36 -7.19 38.58 -7.85
C ALA A 36 -6.20 37.57 -7.26
N GLU A 37 -4.91 37.69 -7.58
CA GLU A 37 -3.82 36.79 -7.10
C GLU A 37 -3.77 36.78 -5.57
N PHE A 38 -4.03 37.92 -4.92
CA PHE A 38 -4.06 38.09 -3.44
C PHE A 38 -5.44 37.69 -2.89
N SER A 39 -6.37 37.32 -3.77
CA SER A 39 -7.75 36.84 -3.46
C SER A 39 -8.52 37.91 -2.69
N GLU A 40 -8.72 39.08 -3.32
CA GLU A 40 -9.49 40.23 -2.78
C GLU A 40 -10.29 40.88 -3.91
N ASP A 41 -11.56 41.19 -3.66
CA ASP A 41 -12.55 41.65 -4.67
C ASP A 41 -12.24 43.09 -5.06
N PRO A 42 -12.03 43.37 -6.38
CA PRO A 42 -11.84 44.74 -6.86
C PRO A 42 -12.96 45.72 -6.48
N GLU A 43 -14.21 45.27 -6.50
CA GLU A 43 -15.43 46.11 -6.27
C GLU A 43 -15.62 46.35 -4.76
N LEU A 44 -15.38 45.33 -3.93
CA LEU A 44 -15.60 45.40 -2.45
C LEU A 44 -14.45 46.14 -1.76
N GLN A 45 -13.34 46.38 -2.45
CA GLN A 45 -12.22 47.23 -1.94
C GLN A 45 -11.60 48.05 -3.08
N PRO A 46 -12.29 49.12 -3.55
CA PRO A 46 -11.76 49.97 -4.61
C PRO A 46 -10.61 50.90 -4.18
N ALA A 47 -10.47 51.14 -2.87
CA ALA A 47 -9.37 51.93 -2.26
C ALA A 47 -8.03 51.20 -2.52
N MET A 48 -8.03 49.88 -2.38
CA MET A 48 -6.85 49.00 -2.60
C MET A 48 -6.55 48.90 -4.10
N LEU A 49 -7.58 48.95 -4.94
CA LEU A 49 -7.48 48.93 -6.43
C LEU A 49 -6.77 50.20 -6.90
N PHE A 50 -7.23 51.37 -6.45
CA PHE A 50 -6.68 52.70 -6.82
C PHE A 50 -5.20 52.78 -6.43
N ASN A 51 -4.87 52.35 -5.20
CA ASN A 51 -3.48 52.32 -4.65
C ASN A 51 -2.56 51.59 -5.64
N ILE A 52 -2.95 50.39 -6.07
CA ILE A 52 -2.16 49.53 -7.01
C ILE A 52 -2.19 50.15 -8.42
N CYS A 53 -3.33 50.74 -8.82
CA CYS A 53 -3.50 51.45 -10.13
C CYS A 53 -2.46 52.57 -10.24
N VAL A 54 -2.43 53.48 -9.26
CA VAL A 54 -1.47 54.61 -9.17
C VAL A 54 -0.04 54.04 -9.13
N HIS A 55 0.18 53.05 -8.26
CA HIS A 55 1.48 52.33 -8.09
C HIS A 55 1.99 51.83 -9.44
N LEU A 56 1.09 51.29 -10.27
CA LEU A 56 1.39 50.72 -11.61
C LEU A 56 1.61 51.86 -12.61
N GLU A 57 0.70 52.85 -12.64
CA GLU A 57 0.76 53.99 -13.61
C GLU A 57 2.05 54.81 -13.40
N VAL A 58 2.43 55.06 -12.14
CA VAL A 58 3.67 55.80 -11.77
C VAL A 58 4.89 55.06 -12.34
N CYS A 59 4.90 53.72 -12.26
CA CYS A 59 6.03 52.85 -12.68
C CYS A 59 6.21 52.89 -14.20
N TYR A 60 5.11 52.82 -14.95
CA TYR A 60 5.10 52.80 -16.44
C TYR A 60 5.62 54.13 -17.01
N VAL A 61 5.33 55.25 -16.33
CA VAL A 61 5.72 56.62 -16.76
C VAL A 61 7.25 56.79 -16.64
N ILE A 62 7.88 56.09 -15.70
CA ILE A 62 9.36 56.15 -15.45
C ILE A 62 10.09 55.40 -16.58
N SER A 63 9.46 54.37 -17.16
CA SER A 63 10.06 53.48 -18.20
C SER A 63 9.55 53.83 -19.61
N ASP A 64 8.48 54.62 -19.72
CA ASP A 64 7.72 54.88 -20.98
C ASP A 64 8.69 55.08 -22.16
N MET A 65 9.44 56.18 -22.17
CA MET A 65 10.27 56.63 -23.32
C MET A 65 11.77 56.37 -23.04
N ASN A 66 12.12 55.87 -21.85
CA ASN A 66 13.53 55.59 -21.47
C ASN A 66 14.03 54.35 -22.21
N PHE A 67 14.90 54.53 -23.20
CA PHE A 67 15.45 53.43 -24.05
C PHE A 67 16.98 53.41 -23.97
N LEU A 68 17.57 52.27 -24.35
CA LEU A 68 19.04 52.04 -24.42
C LEU A 68 19.44 51.72 -25.86
N ASP A 69 20.57 52.27 -26.31
CA ASP A 69 21.16 51.99 -27.65
C ASP A 69 22.16 50.85 -27.53
N GLU A 70 22.74 50.40 -28.65
CA GLU A 70 23.64 49.22 -28.74
C GLU A 70 24.98 49.50 -28.05
N GLU A 71 25.37 50.78 -27.93
CA GLU A 71 26.59 51.21 -27.19
C GLU A 71 26.39 50.99 -25.68
N GLY A 72 25.27 51.49 -25.14
CA GLY A 72 24.88 51.31 -23.72
C GLY A 72 24.72 52.64 -23.00
N LYS A 73 23.89 53.54 -23.54
CA LYS A 73 23.61 54.89 -22.99
C LYS A 73 22.11 55.18 -23.07
N ALA A 74 21.58 55.92 -22.10
CA ALA A 74 20.14 56.28 -21.97
C ALA A 74 19.79 57.34 -23.02
N TYR A 75 18.60 57.24 -23.63
CA TYR A 75 18.04 58.22 -24.59
C TYR A 75 16.51 58.14 -24.60
N THR A 76 15.87 59.20 -25.09
CA THR A 76 14.40 59.38 -25.19
C THR A 76 13.94 59.13 -26.63
N ALA A 77 12.84 58.38 -26.80
CA ALA A 77 12.20 58.07 -28.10
C ALA A 77 11.10 59.11 -28.38
N GLN A 85 10.87 50.89 -34.12
CA GLN A 85 12.30 50.94 -34.55
C GLN A 85 13.16 50.17 -33.53
N ASN A 86 13.22 50.66 -32.30
CA ASN A 86 14.06 50.09 -31.19
C ASN A 86 13.14 49.42 -30.17
N LEU A 87 13.49 48.20 -29.74
CA LEU A 87 12.69 47.35 -28.80
C LEU A 87 13.59 46.84 -27.68
N ARG A 88 14.14 47.74 -26.86
CA ARG A 88 14.94 47.40 -25.65
C ARG A 88 14.95 48.60 -24.69
N PRO A 89 14.14 48.56 -23.61
CA PRO A 89 14.03 49.70 -22.69
C PRO A 89 15.19 49.76 -21.67
N GLN A 90 15.22 50.82 -20.86
CA GLN A 90 16.26 51.06 -19.82
C GLN A 90 15.82 50.43 -18.49
N TYR A 91 14.51 50.41 -18.23
CA TYR A 91 13.90 49.89 -16.98
C TYR A 91 13.16 48.59 -17.25
N GLU A 92 12.81 47.85 -16.19
CA GLU A 92 12.00 46.59 -16.26
C GLU A 92 10.83 46.68 -15.28
N VAL A 93 9.61 46.89 -15.78
CA VAL A 93 8.36 47.02 -14.97
C VAL A 93 7.98 45.64 -14.43
N ILE A 94 8.19 45.42 -13.13
CA ILE A 94 7.90 44.12 -12.44
C ILE A 94 6.48 44.18 -11.85
N GLU A 95 6.13 45.30 -11.20
CA GLU A 95 4.77 45.61 -10.70
C GLU A 95 3.78 45.48 -11.87
N GLY A 96 2.73 44.68 -11.71
CA GLY A 96 1.72 44.40 -12.75
C GLY A 96 1.78 42.96 -13.23
N MET A 97 2.99 42.46 -13.54
CA MET A 97 3.22 41.08 -14.04
C MET A 97 2.85 40.08 -12.96
N PRO A 98 2.10 39.00 -13.28
CA PRO A 98 1.77 37.96 -12.31
C PRO A 98 2.97 37.44 -11.50
N ARG A 99 2.73 37.20 -10.20
CA ARG A 99 3.74 36.81 -9.18
C ARG A 99 4.83 35.93 -9.78
N THR A 100 4.45 34.76 -10.31
CA THR A 100 5.37 33.70 -10.79
C THR A 100 6.15 34.17 -12.02
N ILE A 101 5.58 35.06 -12.85
CA ILE A 101 6.30 35.70 -13.99
C ILE A 101 7.29 36.73 -13.41
N ALA A 102 6.78 37.63 -12.55
CA ALA A 102 7.57 38.69 -11.89
C ALA A 102 8.82 38.09 -11.22
N TRP A 103 8.64 37.03 -10.44
CA TRP A 103 9.72 36.36 -9.67
C TRP A 103 10.76 35.74 -10.61
N MET A 104 10.30 35.08 -11.68
CA MET A 104 11.17 34.54 -12.75
C MET A 104 12.05 35.66 -13.31
N VAL A 105 11.43 36.81 -13.63
CA VAL A 105 12.13 38.01 -14.18
C VAL A 105 13.13 38.51 -13.14
N GLN A 106 12.71 38.67 -11.89
CA GLN A 106 13.54 39.19 -10.76
C GLN A 106 14.75 38.27 -10.55
N ARG A 107 14.55 36.95 -10.59
CA ARG A 107 15.62 35.93 -10.40
C ARG A 107 16.54 35.91 -11.63
N SER A 108 15.97 35.94 -12.83
CA SER A 108 16.70 35.96 -14.13
C SER A 108 17.73 37.10 -14.13
N LEU A 109 17.30 38.31 -13.78
CA LEU A 109 18.13 39.54 -13.77
C LEU A 109 19.29 39.39 -12.78
N ALA A 110 18.97 39.06 -11.52
CA ALA A 110 19.93 38.91 -10.40
C ALA A 110 21.07 37.96 -10.79
N GLN A 111 20.71 36.74 -11.20
CA GLN A 111 21.66 35.63 -11.49
C GLN A 111 22.53 35.98 -12.70
N GLU A 112 21.98 36.69 -13.69
CA GLU A 112 22.69 37.10 -14.93
C GLU A 112 23.79 38.12 -14.59
N HIS A 113 23.42 39.26 -14.03
CA HIS A 113 24.34 40.38 -13.68
C HIS A 113 25.26 39.96 -12.53
N GLY A 114 24.80 39.07 -11.65
CA GLY A 114 25.62 38.46 -10.58
C GLY A 114 25.49 39.25 -9.28
N ILE A 115 24.26 39.40 -8.77
CA ILE A 115 23.94 40.02 -7.46
C ILE A 115 22.89 39.15 -6.76
N GLU A 116 22.77 39.28 -5.43
CA GLU A 116 21.85 38.47 -4.59
C GLU A 116 20.41 38.97 -4.81
N THR A 117 19.46 38.05 -4.94
CA THR A 117 18.02 38.32 -5.19
C THR A 117 17.38 38.86 -3.92
N PRO A 118 16.69 40.03 -3.97
CA PRO A 118 16.02 40.55 -2.79
C PRO A 118 14.85 39.65 -2.36
N LYS A 119 14.67 39.46 -1.05
CA LYS A 119 13.70 38.51 -0.45
C LYS A 119 12.26 38.97 -0.75
N TYR A 120 12.05 40.28 -0.87
CA TYR A 120 10.75 40.91 -1.23
C TYR A 120 10.73 41.20 -2.73
N LEU A 121 9.54 41.21 -3.33
CA LEU A 121 9.32 41.42 -4.78
C LEU A 121 9.55 42.90 -5.11
N ALA A 122 10.45 43.19 -6.04
CA ALA A 122 10.82 44.57 -6.47
C ALA A 122 9.75 45.13 -7.41
N ASP A 123 9.82 46.42 -7.73
CA ASP A 123 8.86 47.15 -8.61
C ASP A 123 9.51 47.42 -9.96
N LEU A 124 10.72 47.99 -9.95
CA LEU A 124 11.49 48.32 -11.18
C LEU A 124 12.92 47.81 -11.07
N PHE A 125 13.64 47.80 -12.19
CA PHE A 125 15.07 47.42 -12.31
C PHE A 125 15.68 48.19 -13.49
N ASP A 126 16.78 48.90 -13.23
CA ASP A 126 17.49 49.78 -14.20
C ASP A 126 18.66 48.98 -14.80
N TYR A 127 18.61 48.73 -16.11
CA TYR A 127 19.59 47.88 -16.86
C TYR A 127 20.96 48.57 -16.92
N LYS A 128 21.01 49.91 -16.81
CA LYS A 128 22.26 50.71 -16.86
C LYS A 128 22.90 50.76 -15.47
N THR A 129 22.10 50.98 -14.42
CA THR A 129 22.54 51.04 -13.00
C THR A 129 22.89 49.63 -12.50
N LYS A 130 22.19 48.60 -12.99
CA LYS A 130 22.29 47.18 -12.52
C LYS A 130 21.93 47.12 -11.03
N ARG A 131 20.80 47.70 -10.66
CA ARG A 131 20.25 47.70 -9.27
C ARG A 131 18.72 47.68 -9.34
N PHE A 132 18.08 47.05 -8.34
CA PHE A 132 16.61 46.96 -8.19
C PHE A 132 16.09 48.27 -7.59
N ILE A 133 14.87 48.65 -7.97
CA ILE A 133 14.18 49.91 -7.54
C ILE A 133 12.85 49.54 -6.89
N GLU A 134 12.61 50.07 -5.69
CA GLU A 134 11.34 49.94 -4.93
C GLU A 134 10.61 51.29 -4.97
N VAL A 135 9.38 51.29 -5.51
CA VAL A 135 8.50 52.49 -5.64
C VAL A 135 7.44 52.41 -4.54
N GLY A 136 7.05 53.56 -3.98
CA GLY A 136 6.04 53.68 -2.93
C GLY A 136 5.26 54.99 -3.03
N ILE A 137 3.94 54.92 -2.83
CA ILE A 137 3.03 56.11 -2.80
C ILE A 137 2.42 56.19 -1.39
N THR A 138 2.53 57.35 -0.74
CA THR A 138 2.12 57.58 0.67
C THR A 138 1.15 58.77 0.73
N LYS A 139 0.22 58.73 1.70
CA LYS A 139 -0.82 59.76 1.93
C LYS A 139 -0.19 60.95 2.68
N GLY A 140 0.63 60.66 3.70
CA GLY A 140 1.28 61.66 4.57
C GLY A 140 2.57 62.18 3.98
N LEU A 141 3.69 61.94 4.67
CA LEU A 141 5.04 62.51 4.35
C LEU A 141 5.85 61.49 3.56
N ALA A 142 6.52 61.94 2.49
CA ALA A 142 7.38 61.11 1.61
C ALA A 142 8.71 60.81 2.30
N ASP A 143 9.20 61.74 3.11
CA ASP A 143 10.50 61.62 3.85
C ASP A 143 10.36 60.55 4.95
N ASP A 144 9.21 60.52 5.63
CA ASP A 144 8.92 59.57 6.74
C ASP A 144 8.78 58.15 6.18
N TYR A 145 8.12 58.00 5.02
CA TYR A 145 7.80 56.70 4.38
C TYR A 145 9.07 56.07 3.79
N PHE A 146 10.10 56.88 3.53
CA PHE A 146 11.44 56.43 3.06
C PHE A 146 12.12 55.60 4.15
N TRP A 147 12.12 56.10 5.39
CA TRP A 147 12.78 55.46 6.57
C TRP A 147 11.94 54.26 7.06
N LYS A 148 10.63 54.26 6.77
CA LYS A 148 9.69 53.15 7.13
C LYS A 148 10.06 51.89 6.36
N LYS A 149 10.30 52.01 5.04
CA LYS A 149 10.59 50.87 4.12
C LYS A 149 12.10 50.58 4.10
N LYS A 150 12.92 51.36 4.82
CA LYS A 150 14.40 51.17 4.94
C LYS A 150 14.70 50.04 5.94
N GLU A 151 13.73 49.63 6.76
CA GLU A 151 13.89 48.60 7.82
C GLU A 151 13.94 47.20 7.19
N LYS A 152 13.11 46.94 6.18
CA LYS A 152 12.98 45.61 5.52
C LYS A 152 14.12 45.40 4.50
N LEU A 153 14.32 46.38 3.61
CA LEU A 153 15.30 46.28 2.48
C LEU A 153 16.71 46.57 2.99
N GLY A 154 16.91 47.74 3.61
CA GLY A 154 18.23 48.22 4.09
C GLY A 154 19.05 48.83 2.97
N ASN A 155 19.59 47.97 2.09
CA ASN A 155 20.31 48.37 0.85
C ASN A 155 20.25 47.22 -0.16
N SER A 156 19.06 46.63 -0.36
CA SER A 156 18.76 45.58 -1.36
C SER A 156 18.27 46.24 -2.66
N MET A 157 17.36 47.22 -2.53
CA MET A 157 16.77 48.01 -3.65
C MET A 157 16.99 49.50 -3.36
N GLU A 158 17.18 50.30 -4.41
CA GLU A 158 17.31 51.79 -4.33
C GLU A 158 15.90 52.40 -4.33
N LEU A 159 15.37 52.75 -3.16
CA LEU A 159 14.00 53.28 -2.95
C LEU A 159 13.77 54.52 -3.82
N MET A 160 12.53 54.76 -4.25
CA MET A 160 12.09 56.01 -4.94
C MET A 160 10.66 56.34 -4.51
N ILE A 161 10.51 57.09 -3.40
CA ILE A 161 9.22 57.40 -2.73
C ILE A 161 8.68 58.73 -3.28
N PHE A 162 7.35 58.82 -3.42
CA PHE A 162 6.59 60.03 -3.83
C PHE A 162 5.31 60.14 -2.99
N SER A 163 4.67 61.31 -3.01
CA SER A 163 3.39 61.61 -2.30
C SER A 163 2.61 62.69 -3.06
N TYR A 164 1.36 62.93 -2.65
CA TYR A 164 0.37 63.77 -3.37
C TYR A 164 0.54 65.25 -3.02
N ASN A 165 1.36 65.58 -2.02
CA ASN A 165 1.58 66.98 -1.53
C ASN A 165 2.87 67.55 -2.14
N GLN A 166 3.20 67.14 -3.37
CA GLN A 166 4.38 67.61 -4.14
C GLN A 166 5.64 67.47 -3.27
N ASP A 167 6.06 66.22 -3.03
CA ASP A 167 7.19 65.85 -2.13
C ASP A 167 7.82 64.56 -2.64
N TYR A 168 9.12 64.61 -2.97
CA TYR A 168 9.91 63.48 -3.53
C TYR A 168 11.10 63.18 -2.63
N SER A 169 11.40 61.89 -2.43
CA SER A 169 12.52 61.36 -1.59
C SER A 169 13.14 60.14 -2.28
N LEU A 170 14.12 60.39 -3.16
CA LEU A 170 14.85 59.34 -3.92
C LEU A 170 16.14 58.99 -3.16
N SER A 171 16.83 57.93 -3.60
CA SER A 171 18.12 57.46 -3.04
C SER A 171 19.25 58.35 -3.55
N ASN A 172 20.38 58.39 -2.82
CA ASN A 172 21.57 59.24 -3.11
C ASN A 172 21.94 59.11 -4.59
N GLU A 173 21.92 57.89 -5.13
CA GLU A 173 22.14 57.58 -6.57
C GLU A 173 20.78 57.48 -7.27
N SER A 174 20.18 58.63 -7.60
CA SER A 174 18.89 58.76 -8.33
C SER A 174 19.16 58.95 -9.83
N SER A 175 18.66 58.03 -10.66
CA SER A 175 18.80 58.05 -12.14
C SER A 175 17.71 58.92 -12.78
N LEU A 176 16.63 59.19 -12.04
CA LEU A 176 15.46 59.99 -12.51
C LEU A 176 15.89 61.44 -12.78
N ASP A 177 15.81 61.87 -14.04
CA ASP A 177 16.24 63.22 -14.51
C ASP A 177 15.16 64.25 -14.15
N GLU A 178 15.53 65.54 -14.16
CA GLU A 178 14.67 66.68 -13.77
C GLU A 178 13.40 66.72 -14.62
N GLU A 179 13.54 66.55 -15.94
CA GLU A 179 12.41 66.56 -16.93
C GLU A 179 11.47 65.38 -16.65
N GLY A 180 12.02 64.24 -16.22
CA GLY A 180 11.25 63.03 -15.87
C GLY A 180 10.55 63.17 -14.53
N LYS A 181 11.23 63.78 -13.55
CA LYS A 181 10.75 63.94 -12.15
C LYS A 181 9.44 64.74 -12.12
N GLY A 182 9.27 65.69 -13.04
CA GLY A 182 8.06 66.53 -13.16
C GLY A 182 6.83 65.71 -13.52
N ARG A 183 6.92 64.95 -14.63
CA ARG A 183 5.79 64.16 -15.22
C ARG A 183 5.07 63.37 -14.12
N VAL A 184 5.81 62.79 -13.18
CA VAL A 184 5.28 62.00 -12.02
C VAL A 184 4.44 62.94 -11.14
N LEU A 185 5.03 64.07 -10.72
CA LEU A 185 4.44 65.03 -9.75
C LEU A 185 3.25 65.76 -10.38
N SER A 186 3.24 65.90 -11.72
CA SER A 186 2.11 66.44 -12.51
C SER A 186 0.90 65.50 -12.38
N ARG A 187 1.09 64.23 -12.74
CA ARG A 187 0.03 63.18 -12.76
C ARG A 187 -0.39 62.84 -11.32
N LEU A 188 0.52 62.96 -10.34
CA LEU A 188 0.23 62.75 -8.90
C LEU A 188 -0.84 63.76 -8.43
N THR A 189 -0.67 65.05 -8.79
CA THR A 189 -1.55 66.16 -8.36
C THR A 189 -2.78 66.26 -9.27
N GLU A 190 -2.62 65.97 -10.57
CA GLU A 190 -3.71 66.04 -11.59
C GLU A 190 -4.85 65.09 -11.20
N LEU A 191 -4.52 63.86 -10.82
CA LEU A 191 -5.51 62.82 -10.37
C LEU A 191 -6.06 63.22 -8.99
N GLN A 192 -5.18 63.61 -8.07
CA GLN A 192 -5.54 64.07 -6.69
C GLN A 192 -6.56 65.22 -6.78
N ALA A 193 -6.42 66.08 -7.78
CA ALA A 193 -7.37 67.18 -8.09
C ALA A 193 -8.67 66.60 -8.66
N GLU A 194 -8.56 65.60 -9.55
CA GLU A 194 -9.72 64.96 -10.24
C GLU A 194 -10.57 64.18 -9.24
N LEU A 195 -9.96 63.68 -8.14
CA LEU A 195 -10.67 62.99 -7.03
C LEU A 195 -11.41 64.03 -6.18
N SER A 196 -10.80 65.20 -5.96
CA SER A 196 -11.37 66.34 -5.19
C SER A 196 -12.45 67.06 -6.02
N LEU A 197 -12.40 66.96 -7.35
CA LEU A 197 -13.39 67.57 -8.28
C LEU A 197 -14.69 66.76 -8.25
N LYS A 198 -14.59 65.43 -8.23
CA LYS A 198 -15.74 64.47 -8.23
C LYS A 198 -16.19 64.18 -6.79
N ASN A 199 -15.45 64.68 -5.78
CA ASN A 199 -15.74 64.51 -4.34
C ASN A 199 -15.60 63.04 -3.94
N LEU A 200 -14.66 62.32 -4.57
CA LEU A 200 -14.36 60.89 -4.31
C LEU A 200 -13.04 60.75 -3.55
N TRP A 201 -12.32 61.86 -3.34
CA TRP A 201 -11.06 61.94 -2.55
C TRP A 201 -11.32 61.43 -1.12
N GLN A 202 -12.49 61.74 -0.57
CA GLN A 202 -12.93 61.37 0.81
C GLN A 202 -13.08 59.85 0.94
N VAL A 203 -13.36 59.14 -0.16
CA VAL A 203 -13.58 57.66 -0.19
C VAL A 203 -12.26 56.93 0.13
N LEU A 204 -11.14 57.44 -0.39
CA LEU A 204 -9.79 56.83 -0.24
C LEU A 204 -9.20 57.16 1.14
N ILE A 205 -9.57 58.32 1.71
CA ILE A 205 -9.06 58.84 3.02
C ILE A 205 -9.50 57.88 4.14
N GLY A 206 -10.81 57.63 4.26
CA GLY A 206 -11.40 56.76 5.30
C GLY A 206 -10.82 55.35 5.26
N GLU A 207 -10.68 54.72 6.43
CA GLU A 207 -10.09 53.36 6.60
C GLU A 207 -11.07 52.32 6.05
N GLU A 208 -10.57 51.38 5.24
CA GLU A 208 -11.37 50.30 4.59
C GLU A 208 -10.72 48.94 4.90
N ASP A 209 -11.45 48.07 5.62
CA ASP A 209 -11.00 46.71 6.02
C ASP A 209 -12.21 45.77 5.94
N VAL A 210 -12.01 44.56 5.40
CA VAL A 210 -13.05 43.49 5.31
C VAL A 210 -12.37 42.14 5.07
N GLU A 211 -12.67 41.14 5.91
CA GLU A 211 -12.18 39.74 5.77
C GLU A 211 -13.02 39.05 4.69
N LYS A 212 -12.37 38.61 3.61
CA LYS A 212 -13.02 38.01 2.42
C LYS A 212 -13.55 36.61 2.78
N GLY A 213 -14.79 36.54 3.26
CA GLY A 213 -15.49 35.28 3.59
C GLY A 213 -15.50 34.33 2.42
N ILE A 214 -15.16 33.06 2.67
CA ILE A 214 -15.10 31.99 1.62
C ILE A 214 -16.53 31.49 1.39
N ASP A 215 -17.34 32.29 0.70
CA ASP A 215 -18.80 32.05 0.48
C ASP A 215 -18.96 31.01 -0.63
N PHE A 216 -19.81 30.01 -0.42
CA PHE A 216 -20.16 28.93 -1.38
C PHE A 216 -21.68 28.73 -1.34
N LYS A 217 -22.41 29.49 -2.16
CA LYS A 217 -23.90 29.54 -2.15
C LYS A 217 -24.45 28.50 -3.13
N LEU A 218 -25.51 27.80 -2.71
CA LEU A 218 -26.19 26.75 -3.52
C LEU A 218 -27.19 27.42 -4.46
N GLY A 219 -27.32 26.90 -5.68
CA GLY A 219 -28.32 27.33 -6.67
C GLY A 219 -29.72 26.94 -6.25
N GLN A 220 -30.67 26.94 -7.19
CA GLN A 220 -32.09 26.59 -6.96
C GLN A 220 -32.28 25.08 -7.17
N THR A 221 -31.74 24.54 -8.27
CA THR A 221 -31.83 23.11 -8.65
C THR A 221 -31.31 22.25 -7.48
N ILE A 222 -30.02 22.38 -7.16
CA ILE A 222 -29.30 21.55 -6.15
C ILE A 222 -30.03 21.67 -4.80
N SER A 223 -30.56 22.85 -4.47
CA SER A 223 -31.33 23.13 -3.23
C SER A 223 -32.59 22.25 -3.20
N ARG A 224 -33.25 22.08 -4.36
CA ARG A 224 -34.48 21.24 -4.48
C ARG A 224 -34.10 19.78 -4.23
N LEU A 225 -33.06 19.30 -4.91
CA LEU A 225 -32.53 17.90 -4.79
C LEU A 225 -32.25 17.60 -3.31
N ARG A 226 -31.67 18.55 -2.59
CA ARG A 226 -31.33 18.40 -1.14
C ARG A 226 -32.61 18.22 -0.32
N ASP A 227 -33.68 18.95 -0.66
CA ASP A 227 -34.97 18.95 0.09
C ASP A 227 -35.68 17.60 -0.09
N ILE A 228 -35.60 17.00 -1.28
CA ILE A 228 -36.22 15.67 -1.58
C ILE A 228 -35.32 14.55 -1.05
N SER A 229 -34.04 14.84 -0.82
CA SER A 229 -33.03 13.89 -0.28
C SER A 229 -32.98 14.01 1.25
N VAL A 230 -34.11 13.81 1.92
CA VAL A 230 -34.26 13.92 3.40
C VAL A 230 -34.95 12.66 3.92
N PRO A 231 -34.64 12.23 5.17
CA PRO A 231 -35.37 11.11 5.78
C PRO A 231 -36.87 11.40 5.91
N ALA A 232 -37.68 10.36 6.14
CA ALA A 232 -39.15 10.44 6.29
C ALA A 232 -39.49 11.14 7.62
N GLY A 233 -40.49 12.02 7.60
CA GLY A 233 -40.91 12.86 8.74
C GLY A 233 -40.20 14.20 8.75
N PHE A 234 -39.94 14.76 7.55
CA PHE A 234 -39.27 16.08 7.34
C PHE A 234 -39.88 16.75 6.10
N SER A 235 -40.17 18.05 6.21
CA SER A 235 -40.77 18.88 5.14
C SER A 235 -39.69 19.28 4.12
N ASN A 236 -38.61 19.89 4.61
CA ASN A 236 -37.46 20.37 3.78
C ASN A 236 -36.16 20.16 4.58
N PHE A 237 -35.02 20.54 3.99
CA PHE A 237 -33.66 20.33 4.54
C PHE A 237 -33.47 21.18 5.81
N GLU A 238 -33.89 22.46 5.76
CA GLU A 238 -33.90 23.38 6.92
C GLU A 238 -34.36 22.64 8.16
N GLY A 239 -35.49 21.91 8.04
CA GLY A 239 -36.08 21.07 9.10
C GLY A 239 -35.10 20.04 9.62
N MET A 240 -34.47 19.28 8.71
CA MET A 240 -33.51 18.19 9.05
C MET A 240 -32.28 18.78 9.74
N ARG A 241 -31.80 19.95 9.27
CA ARG A 241 -30.60 20.63 9.82
C ARG A 241 -30.86 21.01 11.28
N SER A 242 -31.94 21.77 11.53
CA SER A 242 -32.34 22.28 12.87
C SER A 242 -32.53 21.10 13.84
N TYR A 243 -33.14 20.01 13.39
CA TYR A 243 -33.36 18.76 14.17
C TYR A 243 -32.02 18.24 14.68
N ILE A 244 -31.10 17.95 13.75
CA ILE A 244 -29.73 17.42 14.04
C ILE A 244 -28.97 18.42 14.92
N ASP A 245 -29.09 19.71 14.63
CA ASP A 245 -28.39 20.79 15.37
C ASP A 245 -28.89 20.89 16.81
N ASN A 246 -30.21 20.79 17.02
CA ASN A 246 -30.90 21.17 18.29
C ASN A 246 -31.17 19.93 19.16
N ILE A 247 -32.08 19.05 18.72
CA ILE A 247 -32.75 18.03 19.60
C ILE A 247 -31.71 16.97 20.02
N ASP A 248 -31.99 16.29 21.15
CA ASP A 248 -31.12 15.27 21.78
C ASP A 248 -31.81 13.92 21.68
N PRO A 249 -31.21 12.90 21.00
CA PRO A 249 -31.89 11.63 20.75
C PRO A 249 -31.59 10.49 21.75
N LYS A 250 -31.15 10.82 22.97
CA LYS A 250 -30.76 9.82 24.00
C LYS A 250 -31.97 8.94 24.35
N GLY A 251 -31.75 7.64 24.49
CA GLY A 251 -32.78 6.63 24.80
C GLY A 251 -33.36 5.98 23.55
N ALA A 252 -33.05 6.52 22.36
CA ALA A 252 -33.64 6.11 21.07
C ALA A 252 -33.30 4.66 20.77
N ILE A 253 -32.04 4.25 20.91
CA ILE A 253 -31.55 2.87 20.63
C ILE A 253 -32.32 1.91 21.54
N GLU A 254 -32.30 2.15 22.86
CA GLU A 254 -33.09 1.39 23.86
C GLU A 254 -34.56 1.31 23.40
N ARG A 255 -35.15 2.46 23.07
CA ARG A 255 -36.59 2.58 22.69
C ARG A 255 -36.89 1.69 21.47
N ASN A 256 -36.04 1.78 20.43
CA ASN A 256 -36.21 1.02 19.17
C ASN A 256 -35.99 -0.47 19.43
N LEU A 257 -34.92 -0.84 20.15
CA LEU A 257 -34.62 -2.25 20.52
C LEU A 257 -35.78 -2.84 21.33
N ALA A 258 -36.39 -2.03 22.21
CA ALA A 258 -37.54 -2.41 23.04
C ALA A 258 -38.73 -2.77 22.15
N ARG A 259 -39.03 -1.93 21.15
CA ARG A 259 -40.26 -2.06 20.31
C ARG A 259 -40.00 -2.96 19.09
N MET A 260 -38.75 -3.32 18.78
CA MET A 260 -38.40 -4.21 17.63
C MET A 260 -38.85 -5.65 17.96
N SER A 261 -39.28 -6.40 16.94
CA SER A 261 -39.81 -7.78 17.04
C SER A 261 -38.71 -8.74 17.53
N PRO A 262 -38.99 -9.59 18.55
CA PRO A 262 -38.05 -10.61 19.00
C PRO A 262 -37.61 -11.59 17.90
N LEU A 263 -38.37 -11.67 16.81
CA LEU A 263 -38.07 -12.50 15.60
C LEU A 263 -36.70 -12.12 15.02
N VAL A 264 -36.30 -10.86 15.19
CA VAL A 264 -34.96 -10.34 14.75
C VAL A 264 -33.94 -10.73 15.83
N SER A 265 -33.07 -11.70 15.53
CA SER A 265 -31.99 -12.18 16.43
C SER A 265 -30.94 -12.98 15.64
N VAL A 266 -29.72 -13.10 16.18
CA VAL A 266 -28.61 -13.89 15.58
C VAL A 266 -28.90 -15.38 15.71
N THR A 267 -29.86 -15.77 16.56
CA THR A 267 -30.28 -17.17 16.75
C THR A 267 -29.04 -18.03 16.95
N PRO A 268 -28.25 -17.78 18.02
CA PRO A 268 -26.94 -18.41 18.15
C PRO A 268 -27.05 -19.82 18.73
N LYS A 269 -26.15 -20.72 18.30
CA LYS A 269 -26.03 -22.09 18.85
C LYS A 269 -24.55 -22.44 19.03
N LYS A 270 -24.20 -23.09 20.15
CA LYS A 270 -22.82 -23.57 20.42
C LYS A 270 -22.52 -24.74 19.47
N LEU A 271 -21.39 -24.67 18.76
CA LEU A 271 -20.99 -25.70 17.77
C LEU A 271 -20.63 -26.99 18.54
N THR A 272 -21.10 -28.13 18.04
CA THR A 272 -20.69 -29.49 18.49
C THR A 272 -20.28 -30.31 17.27
N TRP A 273 -19.28 -31.18 17.41
CA TRP A 273 -18.75 -32.05 16.33
C TRP A 273 -19.89 -32.65 15.52
N GLU A 274 -20.92 -33.20 16.19
CA GLU A 274 -22.07 -33.90 15.57
C GLU A 274 -22.83 -32.96 14.61
N ASP A 275 -22.82 -31.65 14.87
CA ASP A 275 -23.47 -30.62 14.00
C ASP A 275 -22.72 -30.53 12.66
N LEU A 276 -21.40 -30.77 12.66
CA LEU A 276 -20.57 -30.72 11.43
C LEU A 276 -20.81 -31.98 10.60
N ARG A 277 -21.88 -31.97 9.79
CA ARG A 277 -22.23 -33.07 8.86
C ARG A 277 -21.23 -33.03 7.69
N PRO A 278 -21.11 -34.11 6.88
CA PRO A 278 -20.23 -34.09 5.72
C PRO A 278 -20.71 -33.07 4.67
N ILE A 279 -19.76 -32.35 4.05
CA ILE A 279 -20.05 -31.32 3.00
C ILE A 279 -20.29 -32.03 1.67
N GLY A 280 -21.26 -31.53 0.90
CA GLY A 280 -21.54 -31.94 -0.49
C GLY A 280 -21.87 -33.43 -0.60
N PRO A 281 -22.97 -33.90 0.05
CA PRO A 281 -23.30 -35.32 0.06
C PRO A 281 -23.56 -35.92 -1.33
N HIS A 282 -23.90 -35.09 -2.32
CA HIS A 282 -24.25 -35.50 -3.70
C HIS A 282 -23.06 -36.21 -4.36
N ILE A 283 -21.82 -35.86 -4.00
CA ILE A 283 -20.58 -36.44 -4.61
C ILE A 283 -20.51 -37.95 -4.37
N TYR A 284 -21.26 -38.45 -3.37
CA TYR A 284 -21.33 -39.89 -3.01
C TYR A 284 -22.51 -40.57 -3.72
N ASN A 285 -23.39 -39.81 -4.37
CA ASN A 285 -24.55 -40.36 -5.12
C ASN A 285 -24.04 -40.98 -6.43
N HIS A 286 -24.21 -42.31 -6.56
CA HIS A 286 -23.64 -43.13 -7.67
C HIS A 286 -24.47 -42.93 -8.96
N GLU A 287 -25.67 -42.34 -8.86
CA GLU A 287 -26.58 -42.07 -10.01
C GLU A 287 -25.98 -40.97 -10.91
N LEU A 288 -25.30 -39.98 -10.31
CA LEU A 288 -24.59 -38.90 -11.04
C LEU A 288 -23.42 -39.51 -11.82
N PRO A 289 -22.91 -38.83 -12.87
CA PRO A 289 -21.72 -39.30 -13.59
C PRO A 289 -20.43 -39.09 -12.79
N GLU A 290 -19.48 -40.01 -12.93
CA GLU A 290 -18.07 -39.86 -12.50
C GLU A 290 -17.52 -38.58 -13.16
N VAL A 291 -16.97 -37.66 -12.35
CA VAL A 291 -16.33 -36.41 -12.87
C VAL A 291 -15.23 -36.82 -13.83
N PRO A 292 -15.22 -36.31 -15.08
CA PRO A 292 -14.23 -36.71 -16.09
C PRO A 292 -12.97 -35.85 -16.08
N TYR A 293 -11.82 -36.44 -16.44
CA TYR A 293 -10.52 -35.75 -16.62
C TYR A 293 -10.73 -34.61 -17.62
N ASN A 294 -10.49 -33.37 -17.19
CA ASN A 294 -10.76 -32.14 -17.99
C ASN A 294 -9.55 -31.20 -17.95
N ALA A 295 -8.37 -31.68 -17.59
CA ALA A 295 -7.11 -30.91 -17.61
C ALA A 295 -6.74 -30.61 -19.06
N PHE A 296 -5.82 -29.67 -19.28
CA PHE A 296 -5.36 -29.23 -20.62
C PHE A 296 -4.48 -30.31 -21.23
N LEU A 297 -3.52 -30.80 -20.47
CA LEU A 297 -2.59 -31.91 -20.86
C LEU A 297 -2.75 -33.08 -19.90
N LEU A 298 -2.22 -34.25 -20.28
CA LEU A 298 -2.12 -35.46 -19.43
C LEU A 298 -1.10 -35.22 -18.32
N MET A 299 -1.21 -35.97 -17.22
CA MET A 299 -0.35 -35.80 -16.03
C MET A 299 0.28 -37.15 -15.67
N SER A 300 -0.40 -37.99 -14.87
CA SER A 300 0.12 -39.30 -14.40
C SER A 300 0.00 -40.34 -15.51
N ASP A 301 -0.84 -40.07 -16.52
CA ASP A 301 -1.09 -40.97 -17.68
C ASP A 301 -0.15 -40.59 -18.84
N GLU A 302 0.71 -39.58 -18.65
CA GLU A 302 1.61 -39.04 -19.70
C GLU A 302 2.67 -40.09 -20.05
N LEU A 303 3.26 -39.98 -21.25
CA LEU A 303 4.39 -40.83 -21.70
C LEU A 303 5.27 -40.02 -22.64
N GLY A 304 6.46 -39.61 -22.16
CA GLY A 304 7.45 -38.86 -22.97
C GLY A 304 8.40 -39.82 -23.67
N LEU A 305 8.64 -39.60 -24.96
CA LEU A 305 9.64 -40.38 -25.74
C LEU A 305 11.03 -39.78 -25.47
N ALA A 306 11.92 -40.56 -24.85
CA ALA A 306 13.27 -40.12 -24.42
C ALA A 306 14.19 -40.05 -25.63
N ASN A 307 14.91 -38.94 -25.77
CA ASN A 307 15.84 -38.64 -26.90
C ASN A 307 17.05 -37.90 -26.34
N MET A 308 18.11 -38.65 -26.01
CA MET A 308 19.35 -38.11 -25.36
C MET A 308 20.01 -37.12 -26.31
N THR A 309 20.15 -35.86 -25.86
CA THR A 309 20.72 -34.74 -26.63
C THR A 309 22.24 -34.65 -26.42
N GLU A 310 22.92 -33.92 -27.31
CA GLU A 310 24.33 -33.47 -27.16
C GLU A 310 24.46 -32.67 -25.86
N GLY A 311 23.39 -31.97 -25.45
CA GLY A 311 23.31 -31.17 -24.22
C GLY A 311 22.90 -29.74 -24.50
N LYS A 312 23.39 -29.19 -25.61
CA LYS A 312 23.03 -27.83 -26.13
C LYS A 312 21.80 -27.97 -27.04
N SER A 313 20.93 -26.96 -27.01
CA SER A 313 19.54 -26.99 -27.55
C SER A 313 19.53 -26.88 -29.08
N LYS A 314 18.34 -27.02 -29.66
CA LYS A 314 18.05 -26.97 -31.12
C LYS A 314 16.62 -26.45 -31.28
N LYS A 315 16.11 -26.34 -32.51
CA LYS A 315 14.75 -25.85 -32.81
C LYS A 315 13.72 -26.89 -32.39
N PRO A 316 12.51 -26.48 -31.97
CA PRO A 316 11.51 -27.39 -31.42
C PRO A 316 11.00 -28.42 -32.45
N LYS A 317 10.97 -28.04 -33.73
CA LYS A 317 10.67 -28.95 -34.87
C LYS A 317 11.78 -30.00 -34.98
N THR A 318 13.04 -29.56 -34.98
CA THR A 318 14.26 -30.39 -35.15
C THR A 318 14.32 -31.48 -34.07
N LEU A 319 14.00 -31.15 -32.82
CA LEU A 319 14.07 -32.13 -31.68
C LEU A 319 12.89 -33.10 -31.80
N ALA A 320 11.71 -32.60 -32.15
CA ALA A 320 10.45 -33.38 -32.28
C ALA A 320 10.60 -34.37 -33.43
N LYS A 321 11.24 -33.96 -34.53
CA LYS A 321 11.62 -34.84 -35.68
C LYS A 321 12.55 -35.94 -35.17
N GLU A 322 13.75 -35.57 -34.72
CA GLU A 322 14.83 -36.50 -34.28
C GLU A 322 14.30 -37.45 -33.19
N CYS A 323 13.35 -36.99 -32.38
CA CYS A 323 12.70 -37.79 -31.31
C CYS A 323 11.86 -38.92 -31.94
N LEU A 324 11.12 -38.61 -33.01
CA LEU A 324 10.28 -39.58 -33.75
C LEU A 324 11.20 -40.50 -34.60
N GLU A 325 12.23 -39.91 -35.23
CA GLU A 325 13.26 -40.63 -36.03
C GLU A 325 13.77 -41.84 -35.25
N LYS A 326 13.96 -41.68 -33.93
CA LYS A 326 14.40 -42.77 -33.02
C LYS A 326 13.25 -43.77 -32.83
N TYR A 327 12.04 -43.28 -32.59
CA TYR A 327 10.82 -44.11 -32.32
C TYR A 327 10.00 -44.24 -33.61
N SER A 328 10.68 -44.50 -34.72
CA SER A 328 10.12 -44.53 -36.10
C SER A 328 8.90 -45.46 -36.18
N THR A 329 8.93 -46.60 -35.48
CA THR A 329 7.85 -47.63 -35.47
C THR A 329 6.50 -46.99 -35.15
N LEU A 330 6.47 -46.02 -34.22
CA LEU A 330 5.26 -45.24 -33.86
C LEU A 330 4.97 -44.21 -34.96
N ARG A 331 5.95 -43.34 -35.23
CA ARG A 331 5.86 -42.23 -36.21
C ARG A 331 5.26 -42.73 -37.53
N ASP A 332 5.64 -43.93 -37.95
CA ASP A 332 5.24 -44.56 -39.24
C ASP A 332 3.81 -45.11 -39.14
N GLN A 333 3.37 -45.60 -37.98
CA GLN A 333 2.10 -46.37 -37.86
C GLN A 333 0.95 -45.54 -38.43
N THR A 334 0.50 -45.87 -39.65
CA THR A 334 -0.45 -45.08 -40.48
C THR A 334 -1.86 -45.69 -40.44
N ASP A 335 -2.05 -46.82 -39.76
CA ASP A 335 -3.36 -47.54 -39.71
C ASP A 335 -4.08 -47.16 -38.41
N PRO A 336 -5.26 -46.49 -38.50
CA PRO A 336 -5.97 -46.04 -37.30
C PRO A 336 -6.64 -47.21 -36.56
N ILE A 337 -6.05 -47.62 -35.43
CA ILE A 337 -6.63 -48.65 -34.50
C ILE A 337 -7.36 -47.91 -33.39
N LEU A 338 -8.60 -47.48 -33.66
CA LEU A 338 -9.43 -46.66 -32.74
C LEU A 338 -9.88 -47.53 -31.57
N ILE A 339 -9.77 -47.00 -30.35
CA ILE A 339 -10.12 -47.71 -29.08
C ILE A 339 -11.34 -47.01 -28.45
N MET A 340 -11.22 -45.70 -28.21
CA MET A 340 -12.23 -44.82 -27.58
C MET A 340 -12.53 -43.66 -28.53
N LYS A 341 -13.79 -43.20 -28.59
CA LYS A 341 -14.21 -42.02 -29.39
C LYS A 341 -15.05 -41.07 -28.53
N SER A 342 -14.70 -39.79 -28.54
CA SER A 342 -15.47 -38.69 -27.88
C SER A 342 -16.76 -38.43 -28.66
N GLU A 343 -17.90 -38.41 -27.95
CA GLU A 343 -19.28 -38.37 -28.52
C GLU A 343 -19.31 -37.60 -29.85
N LYS A 344 -18.94 -36.32 -29.81
CA LYS A 344 -19.08 -35.38 -30.96
C LYS A 344 -17.72 -35.13 -31.61
N ALA A 345 -16.90 -36.17 -31.77
CA ALA A 345 -15.58 -36.11 -32.45
C ALA A 345 -15.67 -36.82 -33.81
N ASN A 346 -14.63 -36.68 -34.63
CA ASN A 346 -14.51 -37.28 -35.99
C ASN A 346 -13.18 -38.03 -36.07
N GLU A 347 -13.25 -39.36 -35.89
CA GLU A 347 -12.09 -40.30 -35.90
C GLU A 347 -11.20 -39.96 -37.11
N ASN A 348 -11.78 -40.03 -38.32
CA ASN A 348 -11.10 -39.83 -39.62
C ASN A 348 -10.33 -38.50 -39.57
N PHE A 349 -11.05 -37.40 -39.38
CA PHE A 349 -10.48 -36.02 -39.30
C PHE A 349 -9.34 -36.00 -38.27
N LEU A 350 -9.58 -36.47 -37.04
CA LEU A 350 -8.57 -36.42 -35.95
C LEU A 350 -7.31 -37.19 -36.40
N TRP A 351 -7.48 -38.41 -36.92
CA TRP A 351 -6.35 -39.26 -37.37
C TRP A 351 -5.59 -38.55 -38.51
N LYS A 352 -6.33 -38.09 -39.53
CA LYS A 352 -5.77 -37.30 -40.67
C LYS A 352 -4.93 -36.16 -40.09
N LEU A 353 -5.46 -35.47 -39.08
CA LEU A 353 -4.77 -34.31 -38.42
C LEU A 353 -3.48 -34.81 -37.76
N TRP A 354 -3.58 -35.83 -36.90
CA TRP A 354 -2.40 -36.49 -36.28
C TRP A 354 -1.33 -36.74 -37.34
N ARG A 355 -1.72 -37.44 -38.42
CA ARG A 355 -0.80 -37.80 -39.53
C ARG A 355 -0.23 -36.52 -40.16
N ASP A 356 -1.05 -35.47 -40.34
CA ASP A 356 -0.62 -34.16 -40.90
C ASP A 356 0.48 -33.59 -39.99
N CYS A 357 0.24 -33.58 -38.67
CA CYS A 357 1.22 -33.15 -37.64
C CYS A 357 2.51 -33.97 -37.79
N VAL A 358 2.40 -35.30 -37.70
CA VAL A 358 3.59 -36.20 -37.73
C VAL A 358 4.39 -35.93 -39.00
N ASN A 359 3.71 -35.91 -40.16
CA ASN A 359 4.33 -35.67 -41.50
C ASN A 359 5.01 -34.30 -41.51
N THR A 360 4.25 -33.25 -41.18
CA THR A 360 4.73 -31.83 -41.19
C THR A 360 5.97 -31.70 -40.29
N ILE A 361 5.93 -32.30 -39.10
CA ILE A 361 7.04 -32.19 -38.10
C ILE A 361 8.21 -33.07 -38.56
N SER A 362 7.93 -34.19 -39.26
CA SER A 362 8.96 -35.13 -39.74
C SER A 362 9.65 -34.61 -41.01
N ASN A 363 8.98 -33.75 -41.80
CA ASN A 363 9.48 -33.28 -43.12
C ASN A 363 10.75 -32.43 -42.95
N GLU A 364 11.35 -32.01 -44.07
CA GLU A 364 12.68 -31.34 -44.14
C GLU A 364 12.51 -29.81 -44.29
N GLU A 365 11.29 -29.29 -44.15
CA GLU A 365 10.99 -27.84 -44.30
C GLU A 365 11.27 -27.15 -42.97
N MET A 366 11.41 -25.82 -43.00
CA MET A 366 11.65 -24.96 -41.80
C MET A 366 10.34 -24.83 -41.00
N SER A 367 9.22 -24.61 -41.71
CA SER A 367 7.90 -24.23 -41.14
C SER A 367 7.24 -25.42 -40.43
N ASN A 368 6.42 -25.12 -39.42
CA ASN A 368 5.55 -26.07 -38.68
C ASN A 368 4.09 -25.69 -38.92
N GLU A 369 3.83 -24.96 -40.02
CA GLU A 369 2.49 -24.49 -40.45
C GLU A 369 1.71 -25.69 -41.00
N LEU A 370 0.38 -25.67 -40.85
CA LEU A 370 -0.53 -26.72 -41.35
C LEU A 370 -1.51 -26.10 -42.35
N GLN A 371 -1.62 -26.69 -43.55
CA GLN A 371 -2.65 -26.33 -44.56
C GLN A 371 -4.02 -26.45 -43.87
N LYS A 372 -4.91 -25.49 -44.15
CA LYS A 372 -6.28 -25.44 -43.56
C LYS A 372 -7.17 -26.42 -44.32
N THR A 373 -6.96 -27.71 -44.05
CA THR A 373 -7.72 -28.85 -44.62
C THR A 373 -9.14 -28.86 -44.04
N ASN A 374 -10.03 -29.65 -44.64
CA ASN A 374 -11.44 -29.79 -44.20
C ASN A 374 -11.46 -30.35 -42.76
N TYR A 375 -10.50 -31.21 -42.42
CA TYR A 375 -10.39 -31.83 -41.06
C TYR A 375 -9.86 -30.78 -40.08
N ALA A 376 -8.68 -30.21 -40.34
CA ALA A 376 -8.01 -29.20 -39.49
C ALA A 376 -8.99 -28.07 -39.16
N LYS A 377 -9.75 -27.60 -40.16
CA LYS A 377 -10.81 -26.57 -39.99
C LYS A 377 -11.84 -27.06 -38.96
N TRP A 378 -12.34 -28.29 -39.09
CA TRP A 378 -13.34 -28.86 -38.15
C TRP A 378 -12.71 -28.94 -36.75
N ALA A 379 -11.45 -29.37 -36.68
CA ALA A 379 -10.69 -29.59 -35.43
C ALA A 379 -10.47 -28.26 -34.71
N THR A 380 -10.12 -27.19 -35.44
CA THR A 380 -9.83 -25.84 -34.87
C THR A 380 -11.11 -24.99 -34.80
N GLY A 381 -12.23 -25.48 -35.35
CA GLY A 381 -13.54 -24.81 -35.25
C GLY A 381 -13.64 -23.60 -36.17
N ASP A 382 -13.12 -23.71 -37.39
CA ASP A 382 -13.10 -22.63 -38.41
C ASP A 382 -14.52 -22.07 -38.58
N GLY A 383 -14.63 -20.73 -38.62
CA GLY A 383 -15.86 -19.97 -38.94
C GLY A 383 -17.08 -20.42 -38.17
N LEU A 384 -16.90 -20.95 -36.95
CA LEU A 384 -18.03 -21.45 -36.11
C LEU A 384 -18.66 -20.30 -35.31
N THR A 385 -18.03 -19.12 -35.29
CA THR A 385 -18.58 -17.90 -34.61
C THR A 385 -19.87 -17.48 -35.32
N TYR A 386 -20.85 -16.99 -34.57
CA TYR A 386 -22.13 -16.45 -35.09
C TYR A 386 -21.85 -15.11 -35.79
N GLN A 387 -22.74 -14.68 -36.69
CA GLN A 387 -22.63 -13.40 -37.43
C GLN A 387 -23.37 -12.32 -36.65
N LYS A 388 -22.71 -11.19 -36.39
CA LYS A 388 -23.33 -9.98 -35.78
C LYS A 388 -24.30 -9.37 -36.79
N ILE A 389 -25.49 -8.95 -36.34
CA ILE A 389 -26.49 -8.22 -37.16
C ILE A 389 -27.05 -7.05 -36.34
N MET A 390 -27.74 -6.13 -37.01
CA MET A 390 -28.34 -4.92 -36.39
C MET A 390 -29.43 -5.32 -35.38
N LYS A 391 -29.48 -4.61 -34.25
CA LYS A 391 -30.55 -4.76 -33.23
C LYS A 391 -31.91 -4.49 -33.89
N GLU A 392 -31.97 -3.56 -34.85
CA GLU A 392 -33.19 -3.26 -35.65
C GLU A 392 -33.72 -4.55 -36.28
N VAL A 393 -32.85 -5.31 -36.95
CA VAL A 393 -33.20 -6.60 -37.64
C VAL A 393 -33.45 -7.66 -36.57
N ALA A 394 -32.59 -7.74 -35.56
CA ALA A 394 -32.66 -8.71 -34.45
C ALA A 394 -34.04 -8.65 -33.78
N ILE A 395 -34.53 -7.44 -33.50
CA ILE A 395 -35.82 -7.18 -32.79
C ILE A 395 -36.99 -7.75 -33.62
N ASP A 396 -36.93 -7.64 -34.95
CA ASP A 396 -38.00 -8.12 -35.87
C ASP A 396 -38.08 -9.66 -35.85
N ASP A 397 -36.94 -10.34 -35.68
CA ASP A 397 -36.84 -11.82 -35.69
C ASP A 397 -37.34 -12.37 -34.34
N GLU A 398 -38.42 -13.18 -34.37
CA GLU A 398 -39.02 -13.81 -33.16
C GLU A 398 -38.17 -15.00 -32.70
N THR A 399 -37.54 -15.72 -33.65
CA THR A 399 -36.77 -16.96 -33.37
C THR A 399 -35.45 -16.63 -32.64
N MET A 400 -35.01 -15.36 -32.69
CA MET A 400 -33.78 -14.88 -31.99
C MET A 400 -34.14 -14.55 -30.53
N CYS A 401 -33.50 -15.24 -29.58
CA CYS A 401 -33.79 -15.18 -28.13
C CYS A 401 -32.48 -15.20 -27.34
N GLN A 402 -32.50 -14.63 -26.12
CA GLN A 402 -31.41 -14.75 -25.11
C GLN A 402 -31.32 -16.21 -24.66
N GLU A 403 -30.16 -16.84 -24.85
CA GLU A 403 -29.94 -18.29 -24.56
C GLU A 403 -29.94 -18.50 -23.04
N GLU A 404 -30.54 -19.60 -22.58
CA GLU A 404 -30.48 -20.08 -21.17
C GLU A 404 -29.03 -20.32 -20.81
N PRO A 405 -28.48 -19.70 -19.74
CA PRO A 405 -27.07 -19.89 -19.38
C PRO A 405 -26.78 -21.38 -19.19
N LYS A 406 -25.70 -21.88 -19.81
CA LYS A 406 -25.19 -23.25 -19.60
C LYS A 406 -24.55 -23.29 -18.19
N ILE A 407 -24.93 -24.26 -17.37
CA ILE A 407 -24.47 -24.42 -15.97
C ILE A 407 -23.53 -25.63 -15.90
N PRO A 408 -22.51 -25.63 -15.01
CA PRO A 408 -21.72 -26.82 -14.74
C PRO A 408 -22.60 -27.91 -14.11
N ASN A 409 -22.64 -29.10 -14.72
CA ASN A 409 -23.45 -30.26 -14.26
C ASN A 409 -22.80 -30.86 -13.01
N LYS A 410 -23.60 -31.56 -12.19
CA LYS A 410 -23.14 -32.22 -10.95
C LYS A 410 -22.50 -33.57 -11.30
N CYS A 411 -21.38 -33.89 -10.64
CA CYS A 411 -20.63 -35.17 -10.82
C CYS A 411 -20.40 -35.84 -9.46
N ARG A 412 -20.04 -37.13 -9.46
CA ARG A 412 -19.70 -37.88 -8.23
C ARG A 412 -18.18 -38.03 -8.13
N VAL A 413 -17.69 -38.53 -6.99
CA VAL A 413 -16.24 -38.71 -6.69
C VAL A 413 -15.64 -39.68 -7.72
N ALA A 414 -14.39 -39.46 -8.13
CA ALA A 414 -13.69 -40.24 -9.16
C ALA A 414 -12.28 -40.59 -8.68
N ALA A 415 -11.99 -41.90 -8.57
CA ALA A 415 -10.72 -42.47 -8.07
C ALA A 415 -9.53 -41.81 -8.78
N TRP A 416 -9.61 -41.63 -10.09
CA TRP A 416 -8.49 -41.09 -10.93
C TRP A 416 -7.92 -39.82 -10.30
N VAL A 417 -8.74 -39.00 -9.62
CA VAL A 417 -8.30 -37.72 -8.98
C VAL A 417 -7.34 -38.09 -7.83
N GLN A 418 -7.80 -38.97 -6.94
CA GLN A 418 -6.99 -39.55 -5.84
C GLN A 418 -5.71 -40.15 -6.43
N THR A 419 -5.86 -40.92 -7.51
CA THR A 419 -4.76 -41.68 -8.18
C THR A 419 -3.74 -40.69 -8.75
N GLU A 420 -4.19 -39.53 -9.25
CA GLU A 420 -3.30 -38.45 -9.75
C GLU A 420 -2.40 -38.01 -8.58
N MET A 421 -2.99 -37.36 -7.57
CA MET A 421 -2.29 -36.91 -6.34
C MET A 421 -1.21 -37.94 -5.96
N ASN A 422 -1.64 -39.19 -5.72
CA ASN A 422 -0.78 -40.32 -5.27
C ASN A 422 0.47 -40.41 -6.15
N LEU A 423 0.28 -40.41 -7.48
CA LEU A 423 1.37 -40.69 -8.47
C LEU A 423 2.22 -39.44 -8.70
N LEU A 424 1.60 -38.26 -8.70
CA LEU A 424 2.29 -36.95 -8.87
C LEU A 424 3.17 -36.69 -7.64
N SER A 425 2.71 -37.14 -6.46
CA SER A 425 3.43 -37.06 -5.15
C SER A 425 4.73 -37.87 -5.19
N THR A 426 4.70 -39.06 -5.80
CA THR A 426 5.78 -40.09 -5.73
C THR A 426 7.06 -39.60 -6.42
N LEU A 427 8.19 -40.22 -6.06
CA LEU A 427 9.55 -39.86 -6.54
C LEU A 427 9.81 -40.48 -7.92
N THR A 428 10.70 -39.86 -8.69
CA THR A 428 11.21 -40.35 -10.01
C THR A 428 12.74 -40.29 -10.00
N SER A 429 13.38 -40.77 -11.06
CA SER A 429 14.84 -40.69 -11.28
C SER A 429 15.19 -39.39 -12.02
N LYS A 430 14.17 -38.67 -12.48
CA LYS A 430 14.30 -37.60 -13.53
C LYS A 430 14.08 -36.21 -12.91
N ARG A 431 15.00 -35.29 -13.18
CA ARG A 431 14.93 -33.85 -12.79
C ARG A 431 14.55 -33.02 -14.01
N ALA A 432 13.52 -32.19 -13.90
CA ALA A 432 12.97 -31.35 -14.99
C ALA A 432 13.36 -29.88 -14.81
N LEU A 433 13.24 -29.35 -13.58
CA LEU A 433 13.34 -27.89 -13.26
C LEU A 433 14.56 -27.25 -13.94
N ASP A 434 14.39 -26.02 -14.43
CA ASP A 434 15.39 -25.26 -15.23
C ASP A 434 15.94 -24.08 -14.42
N LEU A 435 16.08 -24.25 -13.10
CA LEU A 435 16.38 -23.15 -12.14
C LEU A 435 17.74 -22.54 -12.49
N PRO A 436 17.80 -21.24 -12.84
CA PRO A 436 19.03 -20.61 -13.30
C PRO A 436 20.03 -20.35 -12.15
N GLU A 437 21.16 -19.72 -12.48
CA GLU A 437 22.27 -19.44 -11.54
C GLU A 437 21.85 -18.42 -10.49
N ILE A 438 22.61 -18.35 -9.41
CA ILE A 438 22.46 -17.37 -8.29
C ILE A 438 23.84 -16.75 -8.05
N GLY A 439 23.91 -15.57 -7.43
CA GLY A 439 25.17 -14.94 -7.01
C GLY A 439 25.90 -15.82 -5.98
N PRO A 440 27.25 -15.72 -5.87
CA PRO A 440 27.98 -16.47 -4.85
C PRO A 440 27.53 -16.09 -3.43
N ASP A 441 27.54 -17.06 -2.52
CA ASP A 441 27.16 -16.87 -1.09
C ASP A 441 28.30 -16.14 -0.37
N VAL A 442 27.96 -15.33 0.63
CA VAL A 442 28.92 -14.59 1.50
C VAL A 442 28.40 -14.62 2.94
N ALA A 443 27.18 -14.12 3.15
CA ALA A 443 26.48 -14.08 4.47
C ALA A 443 26.09 -15.49 4.89
N PRO A 444 26.31 -15.88 6.15
CA PRO A 444 25.91 -17.20 6.64
C PRO A 444 24.45 -17.53 6.31
N VAL A 445 23.55 -16.53 6.34
CA VAL A 445 22.10 -16.68 5.97
C VAL A 445 22.03 -17.33 4.58
N GLU A 446 22.85 -16.84 3.65
CA GLU A 446 22.89 -17.33 2.23
C GLU A 446 23.43 -18.76 2.21
N HIS A 447 24.45 -19.06 3.03
CA HIS A 447 25.04 -20.42 3.14
C HIS A 447 23.99 -21.39 3.72
N VAL A 448 23.16 -20.91 4.65
CA VAL A 448 22.05 -21.69 5.27
C VAL A 448 20.99 -21.91 4.20
N GLY A 449 20.58 -20.83 3.52
CA GLY A 449 19.61 -20.88 2.41
C GLY A 449 20.03 -21.90 1.34
N SER A 450 21.25 -21.75 0.82
CA SER A 450 21.82 -22.61 -0.25
C SER A 450 21.78 -24.08 0.15
N GLU A 451 22.31 -24.40 1.33
CA GLU A 451 22.36 -25.79 1.87
C GLU A 451 20.93 -26.28 2.08
N ARG A 452 20.05 -25.43 2.61
CA ARG A 452 18.63 -25.76 2.89
C ARG A 452 17.93 -26.10 1.57
N ARG A 453 18.21 -25.35 0.49
CA ARG A 453 17.65 -25.58 -0.87
C ARG A 453 17.96 -27.03 -1.28
N LYS A 454 19.20 -27.47 -1.14
CA LYS A 454 19.68 -28.81 -1.61
C LYS A 454 18.72 -29.90 -1.15
N TYR A 455 18.12 -29.76 0.04
CA TYR A 455 17.12 -30.71 0.61
C TYR A 455 15.75 -30.47 -0.02
N PHE A 456 15.29 -29.22 -0.06
CA PHE A 456 13.91 -28.82 -0.47
C PHE A 456 13.74 -29.02 -1.97
N VAL A 457 14.49 -28.26 -2.77
CA VAL A 457 14.41 -28.21 -4.26
C VAL A 457 14.49 -29.64 -4.81
N ASN A 458 15.52 -30.40 -4.42
CA ASN A 458 15.78 -31.78 -4.92
C ASN A 458 14.55 -32.65 -4.69
N GLU A 459 14.04 -32.66 -3.45
CA GLU A 459 12.89 -33.50 -3.02
C GLU A 459 11.73 -33.33 -4.03
N ILE A 460 11.52 -32.11 -4.54
CA ILE A 460 10.45 -31.78 -5.53
C ILE A 460 10.95 -32.15 -6.94
N ASN A 461 12.15 -31.69 -7.31
CA ASN A 461 12.76 -31.87 -8.65
C ASN A 461 12.75 -33.37 -9.01
N TYR A 462 12.94 -34.25 -8.02
CA TYR A 462 12.95 -35.73 -8.19
C TYR A 462 11.56 -36.32 -7.94
N CYS A 463 10.48 -35.59 -8.23
CA CYS A 463 9.09 -36.11 -8.10
C CYS A 463 8.28 -35.79 -9.36
N LYS A 464 7.27 -36.60 -9.66
CA LYS A 464 6.50 -36.57 -10.93
C LYS A 464 5.86 -35.18 -11.10
N ALA A 465 5.15 -34.69 -10.08
CA ALA A 465 4.48 -33.36 -10.07
C ALA A 465 5.34 -32.32 -10.81
N SER A 466 6.65 -32.28 -10.52
CA SER A 466 7.64 -31.30 -11.06
C SER A 466 7.64 -31.32 -12.59
N THR A 467 7.95 -32.48 -13.17
CA THR A 467 8.02 -32.70 -14.64
C THR A 467 6.74 -32.15 -15.28
N VAL A 468 5.58 -32.56 -14.76
CA VAL A 468 4.23 -32.14 -15.24
C VAL A 468 4.18 -30.61 -15.27
N MET A 469 4.40 -29.97 -14.12
CA MET A 469 4.47 -28.49 -13.99
C MET A 469 5.36 -27.93 -15.10
N MET A 470 6.61 -28.40 -15.19
CA MET A 470 7.60 -27.85 -16.17
C MET A 470 7.05 -27.98 -17.59
N LYS A 471 6.52 -29.16 -17.95
CA LYS A 471 5.83 -29.40 -19.25
C LYS A 471 4.75 -28.32 -19.45
N TYR A 472 3.82 -28.23 -18.50
CA TYR A 472 2.69 -27.25 -18.52
C TYR A 472 3.24 -25.84 -18.79
N VAL A 473 4.28 -25.43 -18.07
CA VAL A 473 4.93 -24.09 -18.28
C VAL A 473 5.43 -24.02 -19.73
N LEU A 474 6.43 -24.84 -20.04
CA LEU A 474 7.23 -24.74 -21.29
C LEU A 474 6.31 -24.84 -22.51
N PHE A 475 5.22 -25.61 -22.43
CA PHE A 475 4.17 -25.63 -23.49
C PHE A 475 3.53 -24.24 -23.57
N HIS A 476 2.88 -23.84 -22.46
CA HIS A 476 2.08 -22.60 -22.36
C HIS A 476 2.91 -21.39 -22.81
N THR A 477 4.23 -21.44 -22.63
CA THR A 477 5.18 -20.44 -23.20
C THR A 477 5.02 -20.45 -24.74
N SER A 478 5.47 -21.53 -25.39
CA SER A 478 5.56 -21.66 -26.88
C SER A 478 4.18 -21.44 -27.50
N LEU A 479 3.13 -21.92 -26.83
CA LEU A 479 1.71 -21.71 -27.24
C LEU A 479 1.39 -20.22 -27.28
N LEU A 480 1.82 -19.45 -26.26
CA LEU A 480 1.59 -17.98 -26.22
C LEU A 480 2.47 -17.34 -27.30
N ASN A 481 3.73 -17.78 -27.42
CA ASN A 481 4.66 -17.22 -28.43
C ASN A 481 4.06 -17.38 -29.84
N GLU A 482 3.53 -18.56 -30.16
CA GLU A 482 2.87 -18.82 -31.47
C GLU A 482 1.61 -17.95 -31.57
N SER A 483 0.67 -18.09 -30.63
CA SER A 483 -0.65 -17.40 -30.61
C SER A 483 -0.53 -15.96 -31.11
N ASN A 484 0.49 -15.21 -30.66
CA ASN A 484 0.72 -13.80 -31.07
C ASN A 484 1.40 -13.75 -32.44
N ALA A 485 2.49 -14.50 -32.61
CA ALA A 485 3.40 -14.41 -33.79
C ALA A 485 2.64 -14.85 -35.05
N SER A 486 2.14 -16.09 -35.05
CA SER A 486 1.44 -16.77 -36.17
C SER A 486 -0.07 -16.76 -35.90
N MET A 487 -0.70 -15.58 -35.94
CA MET A 487 -2.13 -15.35 -35.59
C MET A 487 -3.02 -16.14 -36.55
N GLY A 488 -2.85 -15.92 -37.86
CA GLY A 488 -3.74 -16.46 -38.91
C GLY A 488 -3.20 -17.74 -39.53
N LYS A 489 -2.48 -18.54 -38.75
CA LYS A 489 -1.87 -19.83 -39.19
C LYS A 489 -2.24 -20.95 -38.22
N TYR A 490 -2.60 -22.13 -38.74
CA TYR A 490 -2.64 -23.40 -38.01
C TYR A 490 -1.20 -23.87 -37.84
N LYS A 491 -0.76 -24.17 -36.61
CA LYS A 491 0.66 -24.52 -36.33
C LYS A 491 0.75 -25.77 -35.47
N VAL A 492 1.70 -26.65 -35.80
CA VAL A 492 2.03 -27.89 -35.04
C VAL A 492 3.07 -27.52 -33.98
N ILE A 493 2.66 -27.46 -32.72
CA ILE A 493 3.54 -27.19 -31.56
C ILE A 493 3.77 -28.52 -30.83
N PRO A 494 5.02 -29.03 -30.78
CA PRO A 494 5.31 -30.27 -30.06
C PRO A 494 5.30 -30.06 -28.53
N ILE A 495 4.74 -31.02 -27.80
CA ILE A 495 4.69 -31.03 -26.31
C ILE A 495 6.03 -31.60 -25.80
N THR A 496 6.99 -30.69 -25.58
CA THR A 496 8.42 -30.97 -25.29
C THR A 496 8.75 -30.57 -23.85
N ASN A 497 9.96 -30.89 -23.41
CA ASN A 497 10.40 -30.89 -21.98
C ASN A 497 11.80 -31.51 -21.90
N ARG A 498 12.73 -30.85 -21.22
CA ARG A 498 14.12 -31.36 -21.01
C ARG A 498 14.23 -31.97 -19.62
N VAL A 499 14.86 -33.14 -19.52
CA VAL A 499 14.93 -33.98 -18.29
C VAL A 499 16.36 -34.49 -18.12
N VAL A 500 16.86 -34.53 -16.88
CA VAL A 500 18.22 -35.04 -16.53
C VAL A 500 18.04 -36.22 -15.56
N ASN A 501 18.71 -37.34 -15.85
CA ASN A 501 18.69 -38.60 -15.04
C ASN A 501 19.74 -38.49 -13.93
N GLU A 502 19.71 -39.42 -12.97
CA GLU A 502 20.65 -39.51 -11.82
C GLU A 502 22.09 -39.48 -12.34
N LYS A 503 22.34 -40.07 -13.52
CA LYS A 503 23.68 -40.17 -14.15
C LYS A 503 24.14 -38.81 -14.69
N GLY A 504 23.21 -37.85 -14.87
CA GLY A 504 23.50 -36.48 -15.31
C GLY A 504 23.61 -36.38 -16.83
N GLU A 505 22.58 -36.89 -17.53
CA GLU A 505 22.49 -36.88 -19.02
C GLU A 505 21.17 -36.23 -19.42
N SER A 506 21.23 -35.23 -20.32
CA SER A 506 20.05 -34.48 -20.83
C SER A 506 19.30 -35.33 -21.87
N PHE A 507 17.98 -35.49 -21.68
CA PHE A 507 17.05 -36.20 -22.58
C PHE A 507 15.91 -35.26 -22.97
N ASP A 508 15.71 -35.02 -24.28
CA ASP A 508 14.52 -34.30 -24.80
C ASP A 508 13.33 -35.25 -24.77
N MET A 509 12.22 -34.83 -24.17
CA MET A 509 11.02 -35.68 -23.93
C MET A 509 9.83 -35.14 -24.74
N LEU A 510 9.45 -35.83 -25.81
CA LEU A 510 8.25 -35.54 -26.62
C LEU A 510 7.05 -36.34 -26.05
N TYR A 511 6.08 -35.63 -25.46
CA TYR A 511 4.87 -36.24 -24.82
C TYR A 511 3.71 -36.31 -25.82
N GLY A 512 3.87 -35.63 -26.96
CA GLY A 512 2.87 -35.58 -28.04
C GLY A 512 3.00 -34.33 -28.89
N LEU A 513 2.05 -34.12 -29.80
CA LEU A 513 1.98 -32.94 -30.69
C LEU A 513 0.64 -32.22 -30.44
N ALA A 514 0.65 -30.90 -30.46
CA ALA A 514 -0.56 -30.05 -30.39
C ALA A 514 -0.68 -29.26 -31.69
N VAL A 515 -1.90 -28.89 -32.08
CA VAL A 515 -2.13 -27.95 -33.22
C VAL A 515 -2.91 -26.74 -32.69
N LYS A 516 -2.43 -25.55 -33.04
CA LYS A 516 -2.98 -24.25 -32.59
C LYS A 516 -3.77 -23.66 -33.74
N GLY A 517 -5.10 -23.51 -33.57
CA GLY A 517 -5.98 -22.87 -34.57
C GLY A 517 -5.68 -21.39 -34.70
N GLN A 518 -6.45 -20.66 -35.53
CA GLN A 518 -6.29 -19.19 -35.67
C GLN A 518 -6.42 -18.56 -34.27
N SER A 519 -5.64 -17.52 -33.99
CA SER A 519 -5.47 -16.90 -32.65
C SER A 519 -5.47 -15.37 -32.78
N HIS A 520 -6.56 -14.81 -33.32
CA HIS A 520 -6.84 -13.35 -33.38
C HIS A 520 -7.44 -12.91 -32.04
N LEU A 521 -6.65 -13.04 -30.97
CA LEU A 521 -7.07 -12.88 -29.56
C LEU A 521 -7.03 -11.40 -29.18
N ARG A 522 -8.20 -10.74 -29.23
CA ARG A 522 -8.40 -9.32 -28.83
C ARG A 522 -8.53 -9.28 -27.31
N GLY A 523 -9.67 -9.74 -26.79
CA GLY A 523 -9.92 -9.90 -25.34
C GLY A 523 -8.99 -10.91 -24.74
N ASP A 524 -8.74 -10.81 -23.43
CA ASP A 524 -7.87 -11.76 -22.68
C ASP A 524 -8.61 -13.10 -22.56
N THR A 525 -9.94 -13.05 -22.51
CA THR A 525 -10.84 -14.23 -22.34
C THR A 525 -11.09 -14.92 -23.69
N ASP A 526 -10.84 -14.22 -24.81
CA ASP A 526 -11.03 -14.76 -26.18
C ASP A 526 -10.24 -16.07 -26.31
N VAL A 527 -10.87 -17.10 -26.86
CA VAL A 527 -10.39 -18.51 -26.85
C VAL A 527 -9.59 -18.79 -28.13
N VAL A 528 -8.57 -19.64 -28.04
CA VAL A 528 -7.83 -20.21 -29.21
C VAL A 528 -7.87 -21.73 -29.07
N THR A 529 -8.47 -22.42 -30.06
CA THR A 529 -8.61 -23.90 -30.07
C THR A 529 -7.22 -24.53 -30.28
N VAL A 530 -6.84 -25.38 -29.32
CA VAL A 530 -5.59 -26.20 -29.36
C VAL A 530 -6.02 -27.67 -29.34
N VAL A 531 -5.69 -28.42 -30.39
CA VAL A 531 -6.04 -29.87 -30.49
C VAL A 531 -4.80 -30.66 -30.06
N THR A 532 -4.95 -31.48 -29.01
CA THR A 532 -3.85 -32.21 -28.34
C THR A 532 -3.85 -33.68 -28.79
N PHE A 533 -2.69 -34.14 -29.25
CA PHE A 533 -2.35 -35.58 -29.49
C PHE A 533 -1.25 -35.97 -28.50
N GLU A 534 -1.59 -36.79 -27.51
CA GLU A 534 -0.68 -37.10 -26.36
C GLU A 534 -0.41 -38.61 -26.27
N PHE A 535 0.86 -39.00 -26.16
CA PHE A 535 1.28 -40.41 -25.95
C PHE A 535 0.93 -40.83 -24.51
N SER A 536 0.52 -42.09 -24.34
CA SER A 536 0.11 -42.68 -23.04
C SER A 536 0.14 -44.21 -23.10
N SER A 537 0.51 -44.85 -21.98
CA SER A 537 0.50 -46.31 -21.75
C SER A 537 -0.82 -46.74 -21.09
N THR A 538 -1.62 -45.79 -20.63
CA THR A 538 -2.89 -46.05 -19.89
C THR A 538 -3.94 -46.56 -20.88
N ASP A 539 -4.50 -47.75 -20.62
CA ASP A 539 -5.61 -48.35 -21.39
C ASP A 539 -6.88 -47.62 -21.02
N PRO A 540 -7.50 -46.83 -21.91
CA PRO A 540 -8.67 -46.01 -21.57
C PRO A 540 -9.93 -46.86 -21.28
N ARG A 541 -9.89 -48.14 -21.66
CA ARG A 541 -11.01 -49.10 -21.46
C ARG A 541 -11.11 -49.45 -19.96
N VAL A 542 -9.99 -49.40 -19.23
CA VAL A 542 -9.92 -49.68 -17.76
C VAL A 542 -10.92 -48.77 -17.04
N ASP A 543 -10.66 -47.47 -17.01
CA ASP A 543 -11.51 -46.43 -16.38
C ASP A 543 -12.13 -45.57 -17.49
N SER A 544 -13.22 -46.06 -18.10
CA SER A 544 -13.88 -45.47 -19.30
C SER A 544 -14.58 -44.16 -18.95
N GLY A 545 -15.09 -44.03 -17.72
CA GLY A 545 -15.81 -42.83 -17.23
C GLY A 545 -14.88 -41.63 -17.03
N LYS A 546 -13.57 -41.84 -17.14
CA LYS A 546 -12.52 -40.78 -17.01
C LYS A 546 -12.35 -40.03 -18.32
N TRP A 547 -12.57 -40.69 -19.47
CA TRP A 547 -12.09 -40.23 -20.80
C TRP A 547 -13.23 -39.96 -21.78
N PRO A 548 -14.40 -39.41 -21.36
CA PRO A 548 -15.48 -39.14 -22.33
C PRO A 548 -15.15 -37.99 -23.28
N LYS A 549 -14.15 -37.17 -22.91
CA LYS A 549 -13.68 -35.98 -23.66
C LYS A 549 -12.60 -36.37 -24.68
N TYR A 550 -12.10 -37.61 -24.63
CA TYR A 550 -10.90 -38.06 -25.37
C TYR A 550 -11.28 -39.07 -26.46
N THR A 551 -10.48 -39.08 -27.53
CA THR A 551 -10.54 -40.06 -28.65
C THR A 551 -9.16 -40.74 -28.74
N VAL A 552 -9.11 -42.05 -28.53
CA VAL A 552 -7.84 -42.82 -28.32
C VAL A 552 -7.61 -43.81 -29.47
N PHE A 553 -6.38 -43.83 -29.99
CA PHE A 553 -5.90 -44.77 -31.03
C PHE A 553 -4.71 -45.57 -30.47
N ARG A 554 -4.75 -46.89 -30.54
CA ARG A 554 -3.59 -47.77 -30.24
C ARG A 554 -2.59 -47.60 -31.40
N ILE A 555 -1.35 -47.19 -31.13
CA ILE A 555 -0.40 -46.81 -32.23
C ILE A 555 0.90 -47.63 -32.18
N GLY A 556 0.92 -48.71 -31.40
CA GLY A 556 2.07 -49.65 -31.34
C GLY A 556 2.35 -50.11 -29.93
N SER A 557 3.64 -50.26 -29.60
CA SER A 557 4.12 -50.80 -28.30
C SER A 557 5.53 -50.29 -28.00
N LEU A 558 5.97 -50.48 -26.75
CA LEU A 558 7.34 -50.15 -26.26
C LEU A 558 7.69 -51.08 -25.09
N PHE A 559 8.99 -51.33 -24.89
CA PHE A 559 9.55 -51.98 -23.67
C PHE A 559 9.56 -50.95 -22.54
N VAL A 560 8.58 -51.02 -21.62
CA VAL A 560 8.49 -50.10 -20.45
C VAL A 560 9.56 -50.52 -19.42
N SER A 561 9.97 -51.80 -19.47
CA SER A 561 11.10 -52.38 -18.71
C SER A 561 11.44 -53.74 -19.33
N GLY A 562 11.00 -54.85 -18.71
CA GLY A 562 10.94 -56.19 -19.32
C GLY A 562 9.60 -56.42 -19.99
N ARG A 563 8.65 -55.51 -19.76
CA ARG A 563 7.24 -55.59 -20.24
C ARG A 563 7.09 -54.79 -21.53
N GLU A 564 6.47 -55.41 -22.55
CA GLU A 564 6.02 -54.77 -23.81
C GLU A 564 4.65 -54.12 -23.57
N LYS A 565 4.65 -52.85 -23.12
CA LYS A 565 3.41 -52.05 -22.91
C LYS A 565 2.99 -51.44 -24.25
N SER A 566 1.70 -51.54 -24.58
CA SER A 566 1.06 -50.92 -25.76
C SER A 566 1.01 -49.40 -25.57
N VAL A 567 1.25 -48.65 -26.65
CA VAL A 567 1.26 -47.16 -26.67
C VAL A 567 -0.02 -46.68 -27.37
N TYR A 568 -0.82 -45.88 -26.66
CA TYR A 568 -2.05 -45.23 -27.18
C TYR A 568 -1.73 -43.78 -27.52
N LEU A 569 -2.67 -43.11 -28.18
CA LEU A 569 -2.60 -41.69 -28.59
C LEU A 569 -3.91 -41.02 -28.24
N TYR A 570 -3.89 -40.19 -27.19
CA TYR A 570 -5.07 -39.45 -26.65
C TYR A 570 -5.23 -38.15 -27.44
N CYS A 571 -6.33 -38.08 -28.20
CA CYS A 571 -6.71 -36.95 -29.09
C CYS A 571 -7.89 -36.21 -28.48
N ARG A 572 -7.72 -34.91 -28.22
CA ARG A 572 -8.77 -34.03 -27.65
C ARG A 572 -8.70 -32.64 -28.30
N VAL A 573 -9.83 -32.17 -28.82
CA VAL A 573 -10.07 -30.75 -29.18
C VAL A 573 -10.16 -29.97 -27.87
N ASN A 574 -9.18 -29.09 -27.60
CA ASN A 574 -9.07 -28.33 -26.32
C ASN A 574 -9.03 -26.84 -26.66
N GLY A 575 -9.08 -25.99 -25.62
CA GLY A 575 -9.09 -24.53 -25.74
C GLY A 575 -8.37 -23.86 -24.58
N THR A 576 -7.78 -22.69 -24.84
CA THR A 576 -7.11 -21.84 -23.83
C THR A 576 -7.25 -20.38 -24.27
N ASN A 577 -6.90 -19.44 -23.40
CA ASN A 577 -6.98 -17.99 -23.67
C ASN A 577 -5.72 -17.31 -23.13
N LYS A 578 -5.56 -16.01 -23.43
CA LYS A 578 -4.36 -15.21 -23.07
C LYS A 578 -4.04 -15.39 -21.59
N ILE A 579 -5.03 -15.28 -20.70
CA ILE A 579 -4.85 -15.34 -19.23
C ILE A 579 -4.22 -16.69 -18.86
N GLN A 580 -4.95 -17.78 -19.15
CA GLN A 580 -4.59 -19.16 -18.77
C GLN A 580 -3.16 -19.47 -19.26
N MET A 581 -2.85 -19.11 -20.51
CA MET A 581 -1.49 -19.26 -21.11
C MET A 581 -0.48 -18.50 -20.26
N LYS A 582 -0.80 -17.27 -19.86
CA LYS A 582 0.10 -16.40 -19.06
C LYS A 582 0.34 -17.08 -17.71
N TRP A 583 -0.73 -17.41 -16.99
CA TRP A 583 -0.68 -18.06 -15.65
C TRP A 583 0.02 -19.43 -15.75
N GLY A 584 -0.05 -20.08 -16.92
CA GLY A 584 0.71 -21.30 -17.22
C GLY A 584 2.21 -21.07 -17.17
N MET A 585 2.68 -19.93 -17.70
CA MET A 585 4.12 -19.57 -17.71
C MET A 585 4.56 -19.18 -16.29
N GLU A 586 3.60 -18.94 -15.39
CA GLU A 586 3.84 -18.52 -13.97
C GLU A 586 3.40 -19.64 -13.02
N ALA A 587 3.51 -20.90 -13.44
CA ALA A 587 3.16 -22.11 -12.66
C ALA A 587 4.37 -22.56 -11.84
N ARG A 588 5.56 -22.01 -12.14
CA ARG A 588 6.82 -22.28 -11.40
C ARG A 588 6.65 -21.93 -9.92
N ARG A 589 5.85 -20.89 -9.64
CA ARG A 589 5.62 -20.32 -8.28
C ARG A 589 4.88 -21.33 -7.38
N CYS A 590 4.50 -22.51 -7.90
CA CYS A 590 3.98 -23.64 -7.08
C CYS A 590 5.09 -24.13 -6.13
N LEU A 591 6.36 -24.05 -6.56
CA LEU A 591 7.55 -24.34 -5.73
C LEU A 591 7.50 -23.52 -4.44
N LEU A 592 7.38 -22.19 -4.57
CA LEU A 592 7.47 -21.22 -3.45
C LEU A 592 6.39 -21.53 -2.41
N GLN A 593 5.12 -21.60 -2.81
CA GLN A 593 3.97 -21.79 -1.89
C GLN A 593 4.19 -23.03 -1.02
N SER A 594 4.68 -24.13 -1.63
CA SER A 594 4.92 -25.44 -0.96
C SER A 594 6.19 -25.37 -0.11
N MET A 595 7.28 -24.88 -0.69
CA MET A 595 8.63 -24.77 -0.07
C MET A 595 8.52 -23.91 1.20
N GLN A 596 8.01 -22.68 1.08
CA GLN A 596 7.86 -21.72 2.20
C GLN A 596 7.23 -22.43 3.41
N GLN A 597 6.00 -22.93 3.22
CA GLN A 597 5.14 -23.54 4.28
C GLN A 597 5.95 -24.53 5.14
N MET A 598 6.88 -25.29 4.54
CA MET A 598 7.71 -26.31 5.24
C MET A 598 8.96 -25.65 5.84
N GLU A 599 9.55 -24.69 5.12
CA GLU A 599 10.72 -23.91 5.62
C GLU A 599 10.31 -23.19 6.91
N ALA A 600 9.04 -22.78 7.00
CA ALA A 600 8.40 -22.25 8.23
C ALA A 600 8.56 -23.28 9.36
N ILE A 601 8.20 -24.55 9.09
CA ILE A 601 8.32 -25.67 10.08
C ILE A 601 9.80 -25.84 10.44
N VAL A 602 10.69 -25.94 9.45
CA VAL A 602 12.15 -26.14 9.72
C VAL A 602 12.67 -24.98 10.59
N GLU A 603 12.32 -23.75 10.24
CA GLU A 603 12.79 -22.52 10.96
C GLU A 603 12.19 -22.46 12.37
N GLN A 604 10.91 -22.83 12.51
CA GLN A 604 10.22 -22.95 13.83
C GLN A 604 10.97 -23.98 14.69
N GLU A 605 11.10 -25.21 14.19
CA GLU A 605 11.76 -26.33 14.91
C GLU A 605 13.21 -25.95 15.23
N SER A 606 13.88 -25.21 14.34
CA SER A 606 15.29 -24.75 14.50
C SER A 606 15.43 -23.87 15.75
N SER A 607 14.44 -23.01 16.03
CA SER A 607 14.45 -22.07 17.19
C SER A 607 14.33 -22.86 18.49
N ILE A 608 13.64 -24.00 18.45
CA ILE A 608 13.39 -24.87 19.64
C ILE A 608 14.69 -25.59 20.01
N GLN A 609 15.40 -26.12 19.02
CA GLN A 609 16.61 -26.98 19.21
C GLN A 609 17.87 -26.11 19.29
N GLY A 610 17.87 -24.93 18.67
CA GLY A 610 18.97 -23.95 18.77
C GLY A 610 20.01 -24.09 17.68
N TYR A 611 19.80 -25.00 16.72
CA TYR A 611 20.67 -25.16 15.52
C TYR A 611 19.79 -25.34 14.28
N ASP A 612 20.43 -25.45 13.10
CA ASP A 612 19.75 -25.64 11.79
C ASP A 612 19.18 -27.06 11.73
N MET A 613 17.86 -27.20 11.86
CA MET A 613 17.15 -28.51 11.96
C MET A 613 16.75 -29.03 10.57
N THR A 614 17.24 -28.40 9.50
CA THR A 614 16.97 -28.79 8.09
C THR A 614 17.30 -30.27 7.90
N LYS A 615 18.58 -30.62 8.03
CA LYS A 615 19.10 -32.00 7.84
C LYS A 615 18.40 -32.95 8.81
N ALA A 616 18.11 -32.48 10.03
CA ALA A 616 17.46 -33.23 11.11
C ALA A 616 16.02 -33.63 10.71
N CYS A 617 15.24 -32.70 10.18
CA CYS A 617 13.78 -32.92 9.90
C CYS A 617 13.60 -34.01 8.84
N PHE A 618 14.36 -33.94 7.73
CA PHE A 618 14.30 -34.90 6.59
C PHE A 618 14.79 -36.29 7.03
N LYS A 619 16.07 -36.38 7.38
CA LYS A 619 16.83 -37.64 7.63
C LYS A 619 16.85 -38.00 9.12
N GLY A 620 17.13 -37.02 9.98
CA GLY A 620 17.42 -37.21 11.41
C GLY A 620 18.90 -37.05 11.68
N ASP A 621 19.26 -36.57 12.88
CA ASP A 621 20.68 -36.35 13.30
C ASP A 621 20.95 -37.20 14.55
N ARG A 622 22.02 -36.90 15.28
CA ARG A 622 22.45 -37.66 16.49
C ARG A 622 21.44 -37.42 17.62
N VAL A 623 20.92 -36.20 17.71
CA VAL A 623 20.00 -35.73 18.80
C VAL A 623 18.57 -36.11 18.43
N ASN A 624 18.06 -35.56 17.32
CA ASN A 624 16.64 -35.64 16.90
C ASN A 624 16.48 -36.70 15.81
N SER A 625 15.41 -37.51 15.92
CA SER A 625 14.93 -38.48 14.90
C SER A 625 14.09 -37.73 13.88
N PRO A 626 13.93 -38.25 12.64
CA PRO A 626 13.29 -37.52 11.55
C PRO A 626 11.84 -37.08 11.85
N LYS A 627 11.45 -35.91 11.32
CA LYS A 627 10.07 -35.37 11.37
C LYS A 627 9.16 -36.22 10.47
N THR A 628 8.03 -36.67 11.02
CA THR A 628 7.00 -37.49 10.31
C THR A 628 5.65 -36.79 10.41
N PHE A 629 4.83 -36.86 9.35
CA PHE A 629 3.49 -36.23 9.27
C PHE A 629 2.43 -37.30 9.00
N SER A 630 1.24 -37.16 9.61
CA SER A 630 0.01 -37.88 9.20
C SER A 630 -0.25 -37.58 7.72
N ILE A 631 -0.03 -38.55 6.82
CA ILE A 631 0.08 -38.30 5.36
C ILE A 631 -1.21 -38.70 4.65
N GLY A 632 -1.78 -39.85 4.98
CA GLY A 632 -2.99 -40.41 4.31
C GLY A 632 -3.55 -41.61 5.06
N THR A 633 -4.40 -42.39 4.38
CA THR A 633 -5.13 -43.56 4.94
C THR A 633 -4.77 -44.83 4.16
N GLN A 634 -5.09 -45.99 4.74
CA GLN A 634 -4.81 -47.35 4.19
C GLN A 634 -5.73 -48.34 4.90
N GLU A 635 -6.79 -48.78 4.20
CA GLU A 635 -7.93 -49.58 4.73
C GLU A 635 -8.33 -49.04 6.11
N GLY A 636 -8.76 -47.78 6.17
CA GLY A 636 -9.47 -47.17 7.31
C GLY A 636 -8.55 -46.62 8.39
N LYS A 637 -7.23 -46.83 8.28
CA LYS A 637 -6.25 -46.50 9.35
C LYS A 637 -5.26 -45.46 8.85
N LEU A 638 -4.91 -44.50 9.72
CA LEU A 638 -4.02 -43.34 9.41
C LEU A 638 -2.61 -43.87 9.16
N VAL A 639 -1.88 -43.21 8.24
CA VAL A 639 -0.49 -43.57 7.85
C VAL A 639 0.42 -42.36 8.04
N LYS A 640 1.58 -42.58 8.65
CA LYS A 640 2.64 -41.55 8.84
C LYS A 640 3.59 -41.59 7.64
N GLY A 641 4.14 -40.43 7.27
CA GLY A 641 5.01 -40.23 6.10
C GLY A 641 6.09 -39.22 6.37
N SER A 642 7.07 -39.14 5.47
CA SER A 642 8.29 -38.29 5.57
C SER A 642 7.93 -36.81 5.51
N PHE A 643 8.85 -35.97 5.99
CA PHE A 643 8.87 -34.49 5.78
C PHE A 643 8.91 -34.21 4.28
N GLY A 644 9.82 -34.90 3.58
CA GLY A 644 9.97 -34.85 2.11
C GLY A 644 8.70 -35.21 1.38
N LYS A 645 7.97 -36.22 1.89
CA LYS A 645 6.64 -36.63 1.37
C LYS A 645 5.63 -35.49 1.61
N ALA A 646 5.46 -35.09 2.87
CA ALA A 646 4.52 -34.01 3.27
C ALA A 646 4.78 -32.75 2.43
N LEU A 647 6.05 -32.45 2.13
CA LEU A 647 6.45 -31.33 1.24
C LEU A 647 5.80 -31.56 -0.14
N ARG A 648 6.18 -32.64 -0.81
CA ARG A 648 5.75 -33.01 -2.18
C ARG A 648 4.21 -33.01 -2.26
N VAL A 649 3.53 -33.54 -1.24
CA VAL A 649 2.05 -33.61 -1.19
C VAL A 649 1.47 -32.19 -1.27
N ILE A 650 2.16 -31.19 -0.71
CA ILE A 650 1.71 -29.76 -0.81
C ILE A 650 2.01 -29.27 -2.22
N PHE A 651 3.26 -29.41 -2.68
CA PHE A 651 3.70 -29.00 -4.04
C PHE A 651 2.70 -29.48 -5.09
N THR A 652 2.32 -30.76 -5.02
CA THR A 652 1.29 -31.38 -5.88
C THR A 652 -0.01 -30.56 -5.75
N LYS A 653 -0.53 -30.42 -4.53
CA LYS A 653 -1.78 -29.67 -4.22
C LYS A 653 -1.73 -28.31 -4.92
N CYS A 654 -0.61 -27.59 -4.78
CA CYS A 654 -0.40 -26.23 -5.33
C CYS A 654 -0.39 -26.27 -6.87
N LEU A 655 0.08 -27.37 -7.46
CA LEU A 655 0.04 -27.59 -8.93
C LEU A 655 -1.43 -27.82 -9.34
N MET A 656 -2.14 -28.67 -8.60
CA MET A 656 -3.57 -28.99 -8.87
C MET A 656 -4.42 -27.72 -8.73
N HIS A 657 -4.05 -26.83 -7.80
CA HIS A 657 -4.69 -25.50 -7.61
C HIS A 657 -4.64 -24.73 -8.93
N TYR A 658 -3.53 -24.81 -9.67
CA TYR A 658 -3.40 -24.23 -11.04
C TYR A 658 -4.19 -25.09 -12.03
N VAL A 659 -3.81 -26.36 -12.17
CA VAL A 659 -4.31 -27.28 -13.23
C VAL A 659 -5.85 -27.28 -13.24
N PHE A 660 -6.50 -27.31 -12.07
CA PHE A 660 -7.99 -27.30 -11.93
C PHE A 660 -8.45 -25.96 -11.34
N GLY A 661 -7.78 -24.87 -11.69
CA GLY A 661 -8.02 -23.53 -11.13
C GLY A 661 -9.11 -22.77 -11.89
N ASN A 662 -10.30 -22.67 -11.31
CA ASN A 662 -11.45 -21.90 -11.87
C ASN A 662 -12.25 -21.28 -10.71
N ALA A 663 -13.38 -20.67 -11.02
CA ALA A 663 -14.26 -19.94 -10.06
C ALA A 663 -14.90 -20.92 -9.08
N GLN A 664 -15.11 -22.18 -9.49
CA GLN A 664 -15.66 -23.25 -8.61
C GLN A 664 -14.71 -23.50 -7.45
N LEU A 665 -13.40 -23.57 -7.72
CA LEU A 665 -12.34 -23.80 -6.71
C LEU A 665 -12.25 -22.57 -5.80
N GLU A 666 -12.04 -21.39 -6.39
CA GLU A 666 -11.92 -20.09 -5.64
C GLU A 666 -13.00 -20.07 -4.55
N GLY A 667 -14.26 -20.21 -4.96
CA GLY A 667 -15.45 -20.14 -4.09
C GLY A 667 -15.43 -21.19 -2.99
N PHE A 668 -15.02 -22.43 -3.33
CA PHE A 668 -14.97 -23.57 -2.39
C PHE A 668 -13.87 -23.32 -1.34
N SER A 669 -12.64 -23.11 -1.81
CA SER A 669 -11.43 -22.81 -1.01
C SER A 669 -11.74 -21.76 0.07
N ALA A 670 -12.39 -20.66 -0.34
CA ALA A 670 -12.66 -19.48 0.51
C ALA A 670 -13.75 -19.80 1.55
N GLU A 671 -14.79 -20.56 1.16
CA GLU A 671 -15.97 -20.83 2.02
C GLU A 671 -15.67 -21.98 2.99
N SER A 672 -14.92 -22.99 2.54
CA SER A 672 -14.49 -24.16 3.36
C SER A 672 -13.49 -23.70 4.42
N ARG A 673 -12.60 -22.76 4.07
CA ARG A 673 -11.61 -22.15 4.98
C ARG A 673 -12.31 -21.64 6.25
N ARG A 674 -13.53 -21.14 6.09
CA ARG A 674 -14.42 -20.65 7.19
C ARG A 674 -14.76 -21.81 8.13
N LEU A 675 -15.04 -23.00 7.58
CA LEU A 675 -15.43 -24.23 8.34
C LEU A 675 -14.17 -24.88 8.96
N LEU A 676 -13.04 -24.87 8.23
CA LEU A 676 -11.71 -25.33 8.72
C LEU A 676 -11.39 -24.62 10.04
N LEU A 677 -11.62 -23.31 10.11
CA LEU A 677 -11.33 -22.47 11.30
C LEU A 677 -12.31 -22.82 12.44
N LEU A 678 -13.59 -23.06 12.12
CA LEU A 678 -14.61 -23.51 13.10
C LEU A 678 -14.19 -24.86 13.70
N ILE A 679 -13.57 -25.73 12.90
CA ILE A 679 -13.02 -27.04 13.38
C ILE A 679 -11.84 -26.77 14.31
N GLN A 680 -10.85 -26.01 13.82
CA GLN A 680 -9.62 -25.67 14.58
C GLN A 680 -9.98 -25.13 15.96
N ALA A 681 -11.08 -24.38 16.06
CA ALA A 681 -11.65 -23.89 17.34
C ALA A 681 -12.00 -25.09 18.24
N LEU A 682 -12.88 -25.97 17.77
CA LEU A 682 -13.29 -27.21 18.49
C LEU A 682 -12.03 -27.96 18.92
N LYS A 683 -11.03 -28.07 18.03
CA LYS A 683 -9.73 -28.72 18.33
C LYS A 683 -9.02 -27.98 19.47
N ASP A 684 -9.01 -26.64 19.42
CA ASP A 684 -8.34 -25.77 20.43
C ASP A 684 -9.14 -25.72 21.73
N ARG A 685 -10.37 -26.26 21.72
CA ARG A 685 -11.32 -26.24 22.86
C ARG A 685 -11.65 -24.78 23.21
N LYS A 686 -11.85 -23.95 22.18
CA LYS A 686 -12.19 -22.51 22.29
C LYS A 686 -13.72 -22.35 22.15
N GLY A 687 -14.46 -23.45 22.31
CA GLY A 687 -15.94 -23.48 22.37
C GLY A 687 -16.58 -22.53 21.37
N PRO A 688 -16.53 -22.86 20.06
CA PRO A 688 -17.09 -21.98 19.03
C PRO A 688 -18.62 -21.99 19.00
N TRP A 689 -19.21 -20.87 18.58
CA TRP A 689 -20.66 -20.68 18.35
C TRP A 689 -20.91 -20.34 16.88
N VAL A 690 -22.12 -20.63 16.40
CA VAL A 690 -22.56 -20.38 14.99
C VAL A 690 -23.97 -19.77 15.04
N PHE A 691 -24.37 -19.07 13.97
CA PHE A 691 -25.62 -18.29 13.87
C PHE A 691 -26.55 -18.92 12.82
N ASP A 692 -26.02 -19.23 11.63
CA ASP A 692 -26.75 -19.93 10.54
C ASP A 692 -25.77 -20.88 9.84
N LEU A 693 -25.58 -22.09 10.41
CA LEU A 693 -24.59 -23.09 9.92
C LEU A 693 -24.99 -23.59 8.52
N GLU A 694 -26.28 -23.88 8.32
CA GLU A 694 -26.85 -24.35 7.02
C GLU A 694 -26.46 -23.35 5.91
N GLY A 695 -26.72 -22.06 6.14
CA GLY A 695 -26.31 -20.97 5.24
C GLY A 695 -24.83 -21.04 4.92
N MET A 696 -24.00 -21.28 5.94
CA MET A 696 -22.52 -21.46 5.83
C MET A 696 -22.24 -22.63 4.89
N TYR A 697 -22.90 -23.77 5.11
CA TYR A 697 -22.74 -25.03 4.34
C TYR A 697 -23.13 -24.80 2.87
N SER A 698 -24.33 -24.25 2.62
CA SER A 698 -24.91 -24.03 1.26
C SER A 698 -23.90 -23.28 0.37
N GLY A 699 -23.26 -22.23 0.92
CA GLY A 699 -22.21 -21.46 0.25
C GLY A 699 -21.04 -22.33 -0.21
N ILE A 700 -20.66 -23.32 0.61
CA ILE A 700 -19.60 -24.32 0.28
C ILE A 700 -20.16 -25.28 -0.79
N GLU A 701 -21.36 -25.81 -0.57
CA GLU A 701 -21.95 -26.94 -1.33
C GLU A 701 -22.39 -26.49 -2.73
N GLU A 702 -22.70 -25.20 -2.92
CA GLU A 702 -23.11 -24.67 -4.25
C GLU A 702 -21.89 -24.59 -5.19
N CYS A 703 -20.66 -24.53 -4.64
CA CYS A 703 -19.38 -24.47 -5.40
C CYS A 703 -19.01 -25.86 -5.94
N ILE A 704 -19.47 -26.93 -5.28
CA ILE A 704 -19.13 -28.34 -5.63
C ILE A 704 -20.02 -28.77 -6.80
N SER A 705 -19.49 -28.75 -8.03
CA SER A 705 -20.23 -29.12 -9.27
C SER A 705 -19.43 -30.15 -10.09
N ASN A 706 -18.58 -29.71 -11.02
CA ASN A 706 -17.90 -30.58 -12.02
C ASN A 706 -16.37 -30.46 -11.93
N ASN A 707 -15.83 -29.68 -10.99
CA ASN A 707 -14.37 -29.54 -10.78
C ASN A 707 -13.85 -30.80 -10.07
N PRO A 708 -12.94 -31.58 -10.68
CA PRO A 708 -12.44 -32.81 -10.07
C PRO A 708 -11.84 -32.56 -8.68
N TRP A 709 -10.98 -31.54 -8.59
CA TRP A 709 -10.20 -31.20 -7.37
C TRP A 709 -11.13 -30.77 -6.24
N VAL A 710 -12.19 -30.01 -6.57
CA VAL A 710 -13.22 -29.55 -5.60
C VAL A 710 -13.99 -30.76 -5.08
N ILE A 711 -14.32 -31.71 -5.97
CA ILE A 711 -15.11 -32.93 -5.61
C ILE A 711 -14.24 -33.82 -4.73
N GLN A 712 -12.95 -33.95 -5.05
CA GLN A 712 -12.00 -34.81 -4.28
C GLN A 712 -11.66 -34.13 -2.95
N SER A 713 -11.55 -32.79 -2.94
CA SER A 713 -11.27 -31.99 -1.72
C SER A 713 -12.42 -32.17 -0.72
N ALA A 714 -13.66 -32.26 -1.19
CA ALA A 714 -14.88 -32.48 -0.37
C ALA A 714 -14.83 -33.89 0.23
N TYR A 715 -14.34 -34.87 -0.53
CA TYR A 715 -14.12 -36.27 -0.07
C TYR A 715 -13.05 -36.27 1.01
N TRP A 716 -11.87 -35.71 0.71
CA TRP A 716 -10.69 -35.64 1.62
C TRP A 716 -11.07 -34.90 2.91
N PHE A 717 -11.74 -33.75 2.80
CA PHE A 717 -12.26 -32.95 3.93
C PHE A 717 -13.16 -33.84 4.80
N ASN A 718 -14.18 -34.44 4.19
CA ASN A 718 -15.18 -35.31 4.87
C ASN A 718 -14.45 -36.49 5.55
N GLU A 719 -13.39 -37.02 4.91
CA GLU A 719 -12.56 -38.12 5.46
C GLU A 719 -11.86 -37.64 6.73
N TRP A 720 -11.08 -36.55 6.61
CA TRP A 720 -10.28 -35.95 7.72
C TRP A 720 -11.19 -35.56 8.89
N LEU A 721 -12.29 -34.85 8.59
CA LEU A 721 -13.30 -34.43 9.60
C LEU A 721 -13.68 -35.63 10.48
N GLY A 722 -13.95 -36.77 9.86
CA GLY A 722 -14.31 -38.04 10.53
C GLY A 722 -13.21 -38.52 11.46
N PHE A 723 -11.94 -38.34 11.06
CA PHE A 723 -10.73 -38.74 11.84
C PHE A 723 -10.57 -37.81 13.04
N GLU A 724 -10.66 -36.50 12.79
CA GLU A 724 -10.60 -35.46 13.87
C GLU A 724 -11.73 -35.70 14.87
N LYS A 725 -12.94 -35.94 14.35
CA LYS A 725 -14.18 -36.22 15.14
C LYS A 725 -13.95 -37.43 16.06
N GLU A 726 -13.14 -38.38 15.62
CA GLU A 726 -12.73 -39.57 16.44
C GLU A 726 -11.69 -39.11 17.48
N GLY A 727 -10.64 -38.42 17.03
CA GLY A 727 -9.58 -37.88 17.89
C GLY A 727 -10.13 -37.09 19.06
N SER A 728 -11.16 -36.26 18.82
CA SER A 728 -11.83 -35.40 19.83
C SER A 728 -12.24 -36.20 21.06
N LYS A 729 -12.71 -37.45 20.87
CA LYS A 729 -13.24 -38.32 21.95
C LYS A 729 -12.28 -38.33 23.14
N VAL A 730 -10.97 -38.48 22.87
CA VAL A 730 -9.89 -38.48 23.91
C VAL A 730 -10.13 -37.33 24.90
N LEU A 731 -10.50 -36.15 24.41
CA LEU A 731 -10.66 -34.91 25.22
C LEU A 731 -11.99 -34.93 26.00
N GLU A 732 -13.00 -35.68 25.55
CA GLU A 732 -14.35 -35.68 26.20
C GLU A 732 -14.19 -35.88 27.72
N SER A 733 -13.47 -36.93 28.13
CA SER A 733 -13.21 -37.28 29.55
C SER A 733 -11.80 -36.81 29.97
N VAL A 734 -11.64 -35.50 30.17
CA VAL A 734 -10.39 -34.88 30.72
C VAL A 734 -10.79 -33.90 31.82
N ASP A 735 -10.23 -34.06 33.02
CA ASP A 735 -10.57 -33.28 34.24
C ASP A 735 -12.06 -33.46 34.56
N GLU A 736 -12.59 -34.68 34.38
CA GLU A 736 -14.03 -35.03 34.55
C GLU A 736 -14.22 -35.77 35.89
N ILE A 737 -13.16 -35.95 36.68
CA ILE A 737 -13.15 -36.62 38.01
C ILE A 737 -13.49 -38.11 37.82
N MET A 738 -14.78 -38.48 37.81
CA MET A 738 -15.31 -39.85 37.68
C MET A 738 -14.55 -40.81 38.59
N GLY B 9 -3.45 -49.89 -2.19
CA GLY B 9 -2.31 -48.93 -2.06
C GLY B 9 -2.41 -48.09 -0.80
N MET B 10 -1.83 -46.88 -0.83
CA MET B 10 -1.86 -45.89 0.28
C MET B 10 -2.40 -44.56 -0.26
N ASN B 11 -3.57 -44.13 0.23
CA ASN B 11 -4.33 -42.96 -0.29
C ASN B 11 -3.93 -41.70 0.47
N ILE B 12 -3.14 -40.83 -0.18
CA ILE B 12 -2.70 -39.51 0.36
C ILE B 12 -3.93 -38.62 0.52
N ASN B 13 -4.02 -37.93 1.66
CA ASN B 13 -5.00 -36.87 1.96
C ASN B 13 -4.23 -35.63 2.41
N PRO B 14 -4.26 -34.51 1.64
CA PRO B 14 -3.50 -33.31 2.00
C PRO B 14 -4.04 -32.59 3.25
N TYR B 15 -5.33 -32.76 3.57
CA TYR B 15 -6.01 -32.20 4.76
C TYR B 15 -5.43 -32.80 6.05
N PHE B 16 -4.66 -33.89 5.94
CA PHE B 16 -4.03 -34.61 7.08
C PHE B 16 -2.80 -33.84 7.59
N LEU B 17 -2.35 -32.80 6.89
CA LEU B 17 -1.33 -31.86 7.43
C LEU B 17 -1.92 -31.18 8.67
N PHE B 18 -3.21 -30.81 8.61
CA PHE B 18 -3.95 -30.04 9.65
C PHE B 18 -4.05 -30.85 10.95
N ILE B 19 -3.77 -32.15 10.91
CA ILE B 19 -3.62 -33.01 12.12
C ILE B 19 -2.34 -32.59 12.86
N ASP B 20 -1.24 -32.39 12.13
CA ASP B 20 0.09 -32.07 12.70
C ASP B 20 0.19 -30.55 12.94
N VAL B 21 -0.25 -29.74 11.98
CA VAL B 21 -0.15 -28.26 12.01
C VAL B 21 -1.54 -27.68 12.21
N PRO B 22 -1.72 -26.63 13.04
CA PRO B 22 -3.02 -25.96 13.14
C PRO B 22 -3.33 -25.12 11.89
N ILE B 23 -4.61 -25.07 11.52
CA ILE B 23 -5.11 -24.42 10.26
C ILE B 23 -4.38 -23.09 10.07
N GLN B 24 -4.45 -22.21 11.07
CA GLN B 24 -3.86 -20.83 11.03
C GLN B 24 -2.37 -20.90 10.66
N ALA B 25 -1.63 -21.85 11.24
CA ALA B 25 -0.16 -21.97 11.08
C ALA B 25 0.19 -22.31 9.63
N ALA B 26 -0.70 -23.04 8.94
CA ALA B 26 -0.55 -23.44 7.51
C ALA B 26 -1.76 -22.97 6.70
N ILE B 27 -2.23 -21.76 6.96
CA ILE B 27 -3.40 -21.13 6.26
C ILE B 27 -3.04 -20.93 4.77
N SER B 28 -1.77 -20.63 4.48
CA SER B 28 -1.19 -20.43 3.12
C SER B 28 -1.69 -21.51 2.15
N THR B 29 -1.77 -22.76 2.61
CA THR B 29 -2.12 -23.96 1.81
C THR B 29 -3.63 -23.97 1.46
N THR B 30 -4.41 -23.02 1.96
CA THR B 30 -5.88 -22.91 1.72
C THR B 30 -6.17 -21.80 0.70
N PHE B 31 -5.13 -21.15 0.16
CA PHE B 31 -5.23 -20.04 -0.83
C PHE B 31 -4.68 -20.52 -2.17
N PRO B 32 -5.53 -20.86 -3.17
CA PRO B 32 -5.06 -21.41 -4.45
C PRO B 32 -4.69 -20.30 -5.44
N TYR B 33 -3.62 -19.53 -5.14
CA TYR B 33 -3.26 -18.28 -5.84
C TYR B 33 -2.17 -18.54 -6.89
N THR B 34 -1.84 -19.82 -7.10
CA THR B 34 -1.12 -20.33 -8.30
C THR B 34 -2.14 -20.49 -9.43
N GLY B 35 -3.42 -20.55 -9.08
CA GLY B 35 -4.55 -20.73 -10.02
C GLY B 35 -4.98 -19.42 -10.66
N VAL B 36 -5.83 -19.50 -11.68
CA VAL B 36 -6.32 -18.35 -12.48
C VAL B 36 -7.47 -17.69 -11.75
N PRO B 37 -7.49 -16.34 -11.65
CA PRO B 37 -8.60 -15.63 -11.01
C PRO B 37 -9.80 -15.55 -11.95
N PRO B 38 -11.05 -15.59 -11.45
CA PRO B 38 -12.24 -15.51 -12.31
C PRO B 38 -12.37 -14.16 -13.02
N TYR B 39 -12.47 -14.21 -14.35
CA TYR B 39 -12.73 -13.05 -15.23
C TYR B 39 -14.17 -13.13 -15.75
N SER B 40 -14.76 -11.96 -16.03
CA SER B 40 -16.13 -11.82 -16.59
C SER B 40 -16.11 -12.15 -18.09
N HIS B 41 -17.29 -12.40 -18.65
CA HIS B 41 -17.53 -12.60 -20.10
C HIS B 41 -18.73 -11.77 -20.52
N GLY B 42 -18.65 -11.09 -21.66
CA GLY B 42 -19.76 -10.30 -22.25
C GLY B 42 -20.30 -9.26 -21.27
N THR B 43 -21.62 -9.20 -21.14
CA THR B 43 -22.36 -8.06 -20.52
C THR B 43 -22.33 -8.14 -18.98
N GLY B 44 -22.47 -6.98 -18.34
CA GLY B 44 -22.61 -6.84 -16.87
C GLY B 44 -23.98 -6.31 -16.49
N THR B 45 -24.90 -6.21 -17.45
CA THR B 45 -26.27 -5.66 -17.26
C THR B 45 -27.05 -6.57 -16.31
N GLY B 46 -26.90 -7.89 -16.44
CA GLY B 46 -27.50 -8.88 -15.53
C GLY B 46 -27.12 -8.60 -14.09
N TYR B 47 -25.80 -8.50 -13.84
CA TYR B 47 -25.20 -8.24 -12.51
C TYR B 47 -25.62 -6.86 -12.01
N THR B 48 -25.62 -5.85 -12.89
CA THR B 48 -26.01 -4.46 -12.57
C THR B 48 -27.47 -4.43 -12.12
N ILE B 49 -28.38 -4.97 -12.94
CA ILE B 49 -29.85 -5.02 -12.67
C ILE B 49 -30.08 -5.68 -11.31
N ASP B 50 -29.36 -6.76 -11.00
CA ASP B 50 -29.47 -7.50 -9.71
C ASP B 50 -29.33 -6.50 -8.54
N THR B 51 -28.25 -5.72 -8.53
CA THR B 51 -27.98 -4.67 -7.51
C THR B 51 -29.19 -3.74 -7.41
N VAL B 52 -29.64 -3.22 -8.55
CA VAL B 52 -30.77 -2.24 -8.66
C VAL B 52 -32.04 -2.87 -8.05
N ILE B 53 -32.29 -4.16 -8.31
CA ILE B 53 -33.47 -4.88 -7.75
C ILE B 53 -33.28 -5.04 -6.24
N ARG B 54 -32.14 -5.63 -5.82
CA ARG B 54 -31.85 -5.95 -4.40
C ARG B 54 -31.92 -4.69 -3.55
N THR B 55 -31.23 -3.62 -3.95
CA THR B 55 -31.21 -2.31 -3.24
C THR B 55 -32.65 -1.91 -2.88
N HIS B 56 -33.59 -2.03 -3.82
CA HIS B 56 -35.02 -1.66 -3.65
C HIS B 56 -35.80 -2.77 -2.92
N GLU B 57 -35.33 -4.01 -3.01
CA GLU B 57 -35.95 -5.19 -2.35
C GLU B 57 -35.85 -5.03 -0.82
N TYR B 58 -34.79 -4.35 -0.34
CA TYR B 58 -34.51 -4.13 1.09
C TYR B 58 -35.09 -2.79 1.57
N SER B 59 -35.63 -1.99 0.65
CA SER B 59 -36.21 -0.64 0.90
C SER B 59 -37.70 -0.61 0.53
N ASN B 60 -38.26 -1.71 0.01
CA ASN B 60 -39.61 -1.76 -0.60
C ASN B 60 -40.69 -1.38 0.41
N LYS B 61 -40.49 -1.64 1.71
CA LYS B 61 -41.47 -1.30 2.79
C LYS B 61 -41.36 0.18 3.17
N GLY B 62 -40.42 0.92 2.56
CA GLY B 62 -40.16 2.34 2.86
C GLY B 62 -41.11 3.28 2.13
N LYS B 63 -40.80 4.58 2.16
CA LYS B 63 -41.62 5.67 1.55
C LYS B 63 -41.22 5.81 0.07
N GLN B 64 -42.13 5.47 -0.84
CA GLN B 64 -41.94 5.55 -2.32
C GLN B 64 -42.60 6.84 -2.83
N TYR B 65 -41.88 7.62 -3.65
CA TYR B 65 -42.39 8.88 -4.26
C TYR B 65 -41.73 9.10 -5.62
N ILE B 66 -42.19 10.12 -6.36
CA ILE B 66 -41.66 10.52 -7.69
C ILE B 66 -40.88 11.82 -7.53
N SER B 67 -39.63 11.86 -8.01
CA SER B 67 -38.76 13.06 -7.99
C SER B 67 -39.29 14.09 -8.99
N ASP B 68 -39.62 15.30 -8.52
CA ASP B 68 -40.14 16.40 -9.37
C ASP B 68 -38.99 17.13 -10.06
N VAL B 69 -37.75 16.63 -9.92
CA VAL B 69 -36.52 17.19 -10.56
C VAL B 69 -36.18 16.33 -11.79
N THR B 70 -35.95 15.03 -11.59
CA THR B 70 -35.54 14.05 -12.63
C THR B 70 -36.78 13.40 -13.24
N GLY B 71 -37.85 13.23 -12.46
CA GLY B 71 -39.05 12.46 -12.85
C GLY B 71 -38.90 10.99 -12.48
N CYS B 72 -37.90 10.66 -11.68
CA CYS B 72 -37.48 9.27 -11.34
C CYS B 72 -38.31 8.73 -10.16
N THR B 73 -38.38 7.40 -10.06
CA THR B 73 -39.10 6.65 -8.98
C THR B 73 -38.17 6.50 -7.78
N MET B 74 -38.31 7.39 -6.79
CA MET B 74 -37.46 7.44 -5.57
C MET B 74 -38.10 6.59 -4.47
N VAL B 75 -37.28 5.84 -3.74
CA VAL B 75 -37.67 5.01 -2.56
C VAL B 75 -36.77 5.40 -1.37
N ASP B 76 -37.37 5.56 -0.18
CA ASP B 76 -36.70 6.08 1.04
C ASP B 76 -37.04 5.17 2.22
N PRO B 77 -36.09 4.32 2.67
CA PRO B 77 -36.34 3.41 3.79
C PRO B 77 -36.17 4.04 5.18
N THR B 78 -35.41 5.14 5.27
CA THR B 78 -35.00 5.79 6.53
C THR B 78 -36.24 6.14 7.37
N ASN B 79 -36.14 5.94 8.69
CA ASN B 79 -37.24 6.12 9.68
C ASN B 79 -38.43 5.24 9.29
N GLY B 80 -38.17 4.11 8.61
CA GLY B 80 -39.20 3.18 8.11
C GLY B 80 -39.58 2.15 9.16
N PRO B 81 -40.54 1.24 8.86
CA PRO B 81 -40.97 0.22 9.81
C PRO B 81 -39.85 -0.78 10.09
N LEU B 82 -39.57 -1.04 11.37
CA LEU B 82 -38.47 -1.93 11.82
C LEU B 82 -38.71 -3.34 11.30
N PRO B 83 -37.64 -4.13 11.05
CA PRO B 83 -37.77 -5.45 10.44
C PRO B 83 -38.55 -6.47 11.29
N GLU B 84 -39.24 -7.40 10.62
CA GLU B 84 -40.03 -8.50 11.24
C GLU B 84 -39.22 -9.81 11.19
N ASP B 85 -38.07 -9.81 10.51
CA ASP B 85 -37.26 -11.02 10.21
C ASP B 85 -35.79 -10.62 10.01
N ASN B 86 -34.94 -11.56 9.60
CA ASN B 86 -33.46 -11.38 9.50
C ASN B 86 -33.03 -11.19 8.03
N GLU B 87 -33.98 -10.96 7.12
CA GLU B 87 -33.70 -10.53 5.73
C GLU B 87 -33.05 -9.15 5.79
N PRO B 88 -32.03 -8.85 4.95
CA PRO B 88 -31.37 -7.55 4.98
C PRO B 88 -32.36 -6.38 5.02
N SER B 89 -32.12 -5.42 5.92
CA SER B 89 -32.96 -4.23 6.21
C SER B 89 -32.14 -2.96 5.97
N ALA B 90 -32.70 -2.00 5.23
CA ALA B 90 -32.11 -0.66 4.97
C ALA B 90 -32.80 0.38 5.86
N TYR B 91 -33.76 -0.05 6.69
CA TYR B 91 -34.66 0.80 7.52
C TYR B 91 -33.93 1.24 8.79
N ALA B 92 -32.92 2.10 8.63
CA ALA B 92 -32.13 2.71 9.71
C ALA B 92 -32.92 3.86 10.32
N GLN B 93 -32.83 4.03 11.64
CA GLN B 93 -33.59 5.06 12.41
C GLN B 93 -32.65 6.22 12.77
N LEU B 94 -32.87 7.39 12.15
CA LEU B 94 -32.06 8.63 12.31
C LEU B 94 -31.65 8.81 13.78
N ASP B 95 -32.62 8.80 14.69
CA ASP B 95 -32.42 9.01 16.15
C ASP B 95 -31.29 8.10 16.65
N CYS B 96 -31.33 6.82 16.26
CA CYS B 96 -30.35 5.77 16.68
C CYS B 96 -28.97 6.05 16.06
N VAL B 97 -28.95 6.54 14.82
CA VAL B 97 -27.69 6.92 14.09
C VAL B 97 -27.07 8.12 14.83
N LEU B 98 -27.89 9.11 15.20
CA LEU B 98 -27.45 10.33 15.91
C LEU B 98 -26.94 9.95 17.31
N GLU B 99 -27.78 9.28 18.12
CA GLU B 99 -27.42 8.83 19.49
C GLU B 99 -26.03 8.15 19.45
N ALA B 100 -25.81 7.24 18.50
CA ALA B 100 -24.55 6.50 18.30
C ALA B 100 -23.39 7.48 18.10
N LEU B 101 -23.60 8.52 17.28
CA LEU B 101 -22.57 9.55 16.94
C LEU B 101 -22.32 10.45 18.16
N ASP B 102 -23.36 10.79 18.93
CA ASP B 102 -23.27 11.63 20.15
C ASP B 102 -22.36 10.93 21.17
N ARG B 103 -22.59 9.63 21.41
CA ARG B 103 -21.73 8.77 22.28
C ARG B 103 -20.28 8.83 21.77
N MET B 104 -20.09 8.62 20.47
CA MET B 104 -18.77 8.67 19.78
C MET B 104 -18.09 10.02 20.05
N ASP B 105 -18.86 11.12 19.95
CA ASP B 105 -18.38 12.52 20.17
C ASP B 105 -18.04 12.71 21.66
N GLU B 106 -18.83 12.14 22.56
CA GLU B 106 -18.59 12.18 24.04
C GLU B 106 -17.30 11.41 24.36
N GLU B 107 -17.13 10.22 23.76
CA GLU B 107 -15.93 9.35 23.95
C GLU B 107 -14.70 10.01 23.31
N HIS B 108 -14.88 10.73 22.20
CA HIS B 108 -13.79 11.43 21.46
C HIS B 108 -14.11 12.92 21.39
N PRO B 109 -13.84 13.71 22.45
CA PRO B 109 -14.26 15.10 22.52
C PRO B 109 -13.51 16.01 21.53
N GLY B 110 -14.26 16.77 20.73
CA GLY B 110 -13.73 17.79 19.80
C GLY B 110 -13.28 17.21 18.47
N LEU B 111 -13.27 15.87 18.35
CA LEU B 111 -12.73 15.14 17.17
C LEU B 111 -13.43 15.61 15.90
N PHE B 112 -14.76 15.76 15.94
CA PHE B 112 -15.63 16.10 14.79
C PHE B 112 -15.20 17.46 14.21
N GLN B 113 -15.16 18.49 15.05
CA GLN B 113 -14.78 19.87 14.65
C GLN B 113 -13.28 19.88 14.31
N ALA B 114 -12.47 19.11 15.03
CA ALA B 114 -11.00 18.98 14.81
C ALA B 114 -10.75 18.47 13.38
N ALA B 115 -11.45 17.42 12.97
CA ALA B 115 -11.42 16.85 11.60
C ALA B 115 -11.99 17.89 10.62
N SER B 116 -13.25 18.30 10.84
CA SER B 116 -13.97 19.27 9.97
C SER B 116 -13.06 20.45 9.62
N GLN B 117 -12.38 21.01 10.63
CA GLN B 117 -11.39 22.12 10.47
C GLN B 117 -10.35 21.73 9.40
N ASN B 118 -9.64 20.61 9.62
CA ASN B 118 -8.53 20.16 8.74
C ASN B 118 -9.07 19.89 7.34
N ALA B 119 -10.20 19.15 7.25
CA ALA B 119 -10.91 18.81 6.00
C ALA B 119 -11.27 20.08 5.24
N MET B 120 -11.72 21.11 5.95
CA MET B 120 -12.10 22.43 5.37
C MET B 120 -10.84 23.17 4.90
N GLU B 121 -9.81 23.25 5.75
CA GLU B 121 -8.54 23.97 5.45
C GLU B 121 -7.85 23.32 4.25
N THR B 122 -7.93 21.99 4.13
CA THR B 122 -7.41 21.21 2.98
C THR B 122 -8.12 21.68 1.70
N LEU B 123 -9.46 21.67 1.72
CA LEU B 123 -10.33 22.01 0.55
C LEU B 123 -9.91 23.37 -0.01
N MET B 124 -9.62 24.34 0.87
CA MET B 124 -9.21 25.73 0.50
C MET B 124 -7.89 25.70 -0.28
N VAL B 125 -6.99 24.76 0.04
CA VAL B 125 -5.66 24.60 -0.62
C VAL B 125 -5.82 23.74 -1.88
N THR B 126 -6.77 22.80 -1.88
CA THR B 126 -6.98 21.80 -2.98
C THR B 126 -7.26 22.51 -4.31
N THR B 127 -6.46 22.20 -5.33
CA THR B 127 -6.58 22.70 -6.73
C THR B 127 -7.51 21.77 -7.51
N VAL B 128 -7.73 22.06 -8.80
CA VAL B 128 -8.68 21.28 -9.67
C VAL B 128 -7.98 19.99 -10.13
N ASP B 129 -6.70 20.08 -10.50
CA ASP B 129 -5.87 18.94 -11.01
C ASP B 129 -5.98 17.74 -10.07
N LYS B 130 -6.35 17.95 -8.81
CA LYS B 130 -6.65 16.88 -7.82
C LYS B 130 -7.59 15.84 -8.44
N LEU B 131 -8.52 16.25 -9.31
CA LEU B 131 -9.51 15.34 -9.95
C LEU B 131 -8.88 14.49 -11.05
N THR B 132 -7.64 14.79 -11.47
CA THR B 132 -6.91 14.09 -12.56
C THR B 132 -5.99 13.02 -11.97
N GLN B 133 -6.53 12.17 -11.10
CA GLN B 133 -5.79 11.02 -10.51
C GLN B 133 -6.82 10.01 -10.00
N GLY B 134 -7.72 9.57 -10.89
CA GLY B 134 -8.83 8.65 -10.56
C GLY B 134 -9.20 7.77 -11.73
N ARG B 135 -8.22 7.14 -12.37
CA ARG B 135 -8.45 6.04 -13.35
C ARG B 135 -9.54 6.46 -14.35
N GLN B 136 -10.44 5.54 -14.70
CA GLN B 136 -11.56 5.77 -15.65
C GLN B 136 -12.75 6.40 -14.92
N THR B 137 -13.19 7.57 -15.39
CA THR B 137 -14.33 8.37 -14.86
C THR B 137 -15.39 8.51 -15.96
N PHE B 138 -16.66 8.51 -15.59
CA PHE B 138 -17.80 8.69 -16.52
C PHE B 138 -17.80 10.12 -17.06
N ASP B 139 -17.65 10.26 -18.38
CA ASP B 139 -17.72 11.57 -19.10
C ASP B 139 -19.13 11.77 -19.65
N TRP B 140 -19.79 12.84 -19.20
CA TRP B 140 -21.22 13.14 -19.48
C TRP B 140 -21.39 13.71 -20.89
N THR B 141 -20.32 14.24 -21.50
CA THR B 141 -20.33 14.84 -22.86
C THR B 141 -20.51 13.74 -23.91
N VAL B 142 -19.88 12.57 -23.70
CA VAL B 142 -19.90 11.43 -24.68
C VAL B 142 -20.67 10.23 -24.11
N CYS B 143 -20.97 10.23 -22.80
CA CYS B 143 -21.70 9.13 -22.10
C CYS B 143 -20.92 7.81 -22.23
N ARG B 144 -19.59 7.89 -22.10
CA ARG B 144 -18.66 6.74 -22.03
C ARG B 144 -17.63 7.04 -20.95
N ASN B 145 -17.06 6.01 -20.31
CA ASN B 145 -15.93 6.17 -19.36
C ASN B 145 -14.74 6.73 -20.14
N GLN B 146 -13.94 7.58 -19.51
CA GLN B 146 -12.70 8.16 -20.08
C GLN B 146 -11.71 8.43 -18.94
N PRO B 147 -10.40 8.57 -19.24
CA PRO B 147 -9.42 8.93 -18.22
C PRO B 147 -9.81 10.19 -17.43
N ALA B 148 -9.70 10.10 -16.10
CA ALA B 148 -10.01 11.19 -15.14
C ALA B 148 -9.55 12.54 -15.70
N ALA B 149 -8.31 12.60 -16.18
CA ALA B 149 -7.65 13.84 -16.67
C ALA B 149 -8.40 14.40 -17.89
N THR B 150 -8.86 13.53 -18.79
CA THR B 150 -9.61 13.91 -20.02
C THR B 150 -11.04 14.28 -19.63
N ALA B 151 -11.72 13.40 -18.89
CA ALA B 151 -13.11 13.58 -18.42
C ALA B 151 -13.29 14.98 -17.80
N LEU B 152 -12.30 15.43 -17.03
CA LEU B 152 -12.24 16.79 -16.44
C LEU B 152 -12.11 17.83 -17.57
N ASN B 153 -11.10 17.68 -18.44
CA ASN B 153 -10.80 18.63 -19.54
C ASN B 153 -12.10 18.87 -20.34
N THR B 154 -12.77 17.78 -20.74
CA THR B 154 -14.04 17.83 -21.53
C THR B 154 -15.12 18.59 -20.76
N THR B 155 -15.09 18.56 -19.43
CA THR B 155 -16.05 19.27 -18.54
C THR B 155 -15.67 20.75 -18.46
N ILE B 156 -14.38 21.06 -18.32
CA ILE B 156 -13.86 22.46 -18.25
C ILE B 156 -14.13 23.16 -19.59
N THR B 157 -13.78 22.52 -20.72
CA THR B 157 -14.01 23.07 -22.08
C THR B 157 -15.51 23.35 -22.27
N SER B 158 -16.36 22.42 -21.84
CA SER B 158 -17.85 22.48 -21.97
C SER B 158 -18.41 23.59 -21.07
N PHE B 159 -17.92 23.68 -19.83
CA PHE B 159 -18.34 24.71 -18.82
C PHE B 159 -18.11 26.11 -19.40
N ARG B 160 -16.93 26.36 -19.97
CA ARG B 160 -16.54 27.66 -20.58
C ARG B 160 -17.62 28.10 -21.56
N LEU B 161 -18.14 27.18 -22.38
CA LEU B 161 -19.19 27.45 -23.41
C LEU B 161 -20.50 27.90 -22.74
N ASN B 162 -20.75 27.48 -21.49
CA ASN B 162 -21.98 27.83 -20.73
C ASN B 162 -21.67 29.00 -19.79
N ASP B 163 -20.55 29.70 -20.00
CA ASP B 163 -20.10 30.87 -19.18
C ASP B 163 -19.88 30.41 -17.74
N LEU B 164 -18.95 29.47 -17.54
CA LEU B 164 -18.55 28.94 -16.21
C LEU B 164 -17.02 28.78 -16.18
N ASN B 165 -16.31 29.81 -15.71
CA ASN B 165 -14.82 29.92 -15.77
C ASN B 165 -14.21 29.77 -14.38
N GLY B 166 -15.02 29.39 -13.38
CA GLY B 166 -14.58 29.11 -12.00
C GLY B 166 -13.35 28.21 -11.97
N ALA B 167 -13.31 27.20 -12.84
CA ALA B 167 -12.15 26.31 -13.07
C ALA B 167 -10.86 27.14 -13.11
N ASP B 168 -10.84 28.19 -13.94
CA ASP B 168 -9.62 29.00 -14.26
C ASP B 168 -8.99 29.54 -12.98
N LYS B 169 -9.79 29.86 -11.96
CA LYS B 169 -9.30 30.37 -10.64
C LYS B 169 -8.31 29.38 -10.02
N GLY B 170 -8.45 28.07 -10.30
CA GLY B 170 -7.44 27.05 -9.97
C GLY B 170 -7.78 26.27 -8.70
N GLY B 171 -8.43 26.91 -7.72
CA GLY B 171 -8.94 26.24 -6.50
C GLY B 171 -10.08 25.29 -6.85
N LEU B 172 -10.29 24.23 -6.04
CA LEU B 172 -11.35 23.23 -6.26
C LEU B 172 -12.73 23.85 -5.97
N ILE B 173 -12.82 24.68 -4.92
CA ILE B 173 -14.10 25.27 -4.41
C ILE B 173 -14.80 26.00 -5.56
N PRO B 174 -14.16 26.99 -6.22
CA PRO B 174 -14.81 27.75 -7.29
C PRO B 174 -15.18 26.89 -8.51
N PHE B 175 -14.46 25.79 -8.76
CA PHE B 175 -14.81 24.80 -9.81
C PHE B 175 -16.05 24.02 -9.37
N CYS B 176 -16.11 23.61 -8.10
CA CYS B 176 -17.27 22.91 -7.50
C CYS B 176 -18.51 23.82 -7.54
N GLN B 177 -18.34 25.10 -7.22
CA GLN B 177 -19.41 26.12 -7.31
C GLN B 177 -20.05 26.07 -8.71
N ASP B 178 -19.23 25.95 -9.76
CA ASP B 178 -19.69 25.91 -11.18
C ASP B 178 -20.51 24.65 -11.43
N ILE B 179 -20.18 23.53 -10.77
CA ILE B 179 -20.83 22.20 -10.98
C ILE B 179 -22.29 22.28 -10.51
N ILE B 180 -22.52 22.85 -9.32
CA ILE B 180 -23.88 22.96 -8.71
C ILE B 180 -24.64 24.13 -9.34
N ASP B 181 -23.93 25.04 -10.01
CA ASP B 181 -24.52 26.14 -10.82
C ASP B 181 -24.98 25.58 -12.17
N SER B 182 -24.19 24.67 -12.77
CA SER B 182 -24.45 24.06 -14.10
C SER B 182 -25.80 23.35 -14.11
N LEU B 183 -26.29 22.93 -12.95
CA LEU B 183 -27.61 22.26 -12.77
C LEU B 183 -28.74 23.27 -13.03
N ASP B 184 -28.48 24.57 -12.86
CA ASP B 184 -29.49 25.66 -12.97
C ASP B 184 -29.60 26.14 -14.42
N ARG B 185 -28.60 25.85 -15.26
CA ARG B 185 -28.57 26.24 -16.70
C ARG B 185 -29.77 25.62 -17.42
N PRO B 186 -30.52 26.40 -18.23
CA PRO B 186 -31.71 25.88 -18.91
C PRO B 186 -31.35 24.84 -19.99
N GLU B 187 -30.30 25.11 -20.76
CA GLU B 187 -29.65 24.16 -21.69
C GLU B 187 -28.15 24.13 -21.41
N MET B 188 -27.51 22.97 -21.59
CA MET B 188 -26.03 22.81 -21.46
C MET B 188 -25.46 22.46 -22.83
N THR B 189 -24.52 23.27 -23.31
CA THR B 189 -23.79 23.12 -24.60
C THR B 189 -22.46 22.43 -24.33
N PHE B 190 -21.95 21.69 -25.32
CA PHE B 190 -20.65 20.97 -25.26
C PHE B 190 -20.19 20.66 -26.70
N PHE B 191 -18.87 20.69 -26.92
CA PHE B 191 -18.22 20.31 -28.20
C PHE B 191 -18.42 18.81 -28.42
N SER B 192 -18.64 18.41 -29.68
CA SER B 192 -18.61 17.00 -30.14
C SER B 192 -18.10 16.99 -31.59
N VAL B 193 -16.92 16.40 -31.83
CA VAL B 193 -16.18 16.48 -33.12
C VAL B 193 -16.98 15.75 -34.21
N LYS B 194 -17.04 16.34 -35.40
CA LYS B 194 -17.55 15.71 -36.65
C LYS B 194 -16.43 15.74 -37.69
N ASN B 195 -16.36 14.70 -38.54
CA ASN B 195 -15.36 14.58 -39.64
C ASN B 195 -15.78 15.49 -40.79
N ILE B 196 -14.81 16.04 -41.53
CA ILE B 196 -15.02 16.90 -42.73
C ILE B 196 -13.96 16.55 -43.78
N LYS B 197 -14.38 16.20 -45.00
CA LYS B 197 -13.47 15.94 -46.13
C LYS B 197 -12.81 17.26 -46.56
N LYS B 198 -11.59 17.17 -47.07
CA LYS B 198 -10.84 18.35 -47.60
C LYS B 198 -9.82 17.85 -48.63
N LYS B 199 -9.93 18.32 -49.87
CA LYS B 199 -8.90 18.13 -50.94
C LYS B 199 -7.59 18.73 -50.46
N LEU B 200 -6.48 18.01 -50.64
CA LEU B 200 -5.11 18.52 -50.33
C LEU B 200 -4.18 18.18 -51.49
N PRO B 201 -3.36 19.14 -51.99
CA PRO B 201 -2.49 18.87 -53.13
C PRO B 201 -1.41 17.85 -52.77
N ALA B 202 -1.17 16.88 -53.67
CA ALA B 202 -0.23 15.75 -53.48
C ALA B 202 0.42 15.37 -54.81
N LYS B 203 1.60 14.75 -54.76
CA LYS B 203 2.31 14.15 -55.92
C LYS B 203 1.51 12.91 -56.37
N ASN B 204 0.38 13.15 -57.04
CA ASN B 204 -0.70 12.17 -57.29
C ASN B 204 -1.08 12.24 -58.77
N ARG B 205 -1.61 11.16 -59.34
CA ARG B 205 -2.15 11.14 -60.72
C ARG B 205 -3.19 12.26 -60.84
N LYS B 206 -4.29 12.16 -60.07
CA LYS B 206 -5.42 13.13 -60.08
C LYS B 206 -4.93 14.46 -59.50
N GLY B 207 -3.81 14.45 -58.77
CA GLY B 207 -3.05 15.66 -58.37
C GLY B 207 -3.47 16.19 -57.00
N PHE B 208 -4.20 15.38 -56.22
CA PHE B 208 -4.67 15.74 -54.86
C PHE B 208 -4.98 14.48 -54.06
N LEU B 209 -5.37 14.66 -52.79
CA LEU B 209 -5.71 13.58 -51.84
C LEU B 209 -6.74 14.12 -50.85
N ILE B 210 -7.83 13.38 -50.66
CA ILE B 210 -8.91 13.71 -49.70
C ILE B 210 -8.50 13.12 -48.34
N LYS B 211 -8.63 13.91 -47.27
CA LYS B 211 -8.32 13.49 -45.88
C LYS B 211 -9.35 14.12 -44.94
N ARG B 212 -9.92 13.30 -44.05
CA ARG B 212 -10.98 13.72 -43.09
C ARG B 212 -10.33 14.49 -41.94
N ILE B 213 -10.89 15.66 -41.60
CA ILE B 213 -10.42 16.56 -40.51
C ILE B 213 -11.51 16.61 -39.44
N PRO B 214 -11.16 16.67 -38.14
CA PRO B 214 -12.14 16.87 -37.08
C PRO B 214 -12.61 18.32 -37.04
N MET B 215 -13.85 18.55 -36.61
CA MET B 215 -14.46 19.90 -36.48
C MET B 215 -15.38 19.92 -35.25
N LYS B 216 -15.05 20.76 -34.26
CA LYS B 216 -15.77 20.88 -32.98
C LYS B 216 -17.11 21.59 -33.23
N VAL B 217 -18.19 20.80 -33.31
CA VAL B 217 -19.60 21.26 -33.39
C VAL B 217 -20.16 21.35 -31.98
N LYS B 218 -21.00 22.36 -31.73
CA LYS B 218 -21.62 22.64 -30.41
C LYS B 218 -22.96 21.91 -30.32
N ASP B 219 -22.99 20.82 -29.53
CA ASP B 219 -24.22 20.07 -29.17
C ASP B 219 -24.83 20.69 -27.92
N LYS B 220 -26.16 20.62 -27.78
CA LYS B 220 -26.92 21.12 -26.61
C LYS B 220 -27.71 19.95 -26.01
N ILE B 221 -27.97 20.02 -24.69
CA ILE B 221 -28.94 19.11 -24.00
C ILE B 221 -29.76 19.96 -23.00
N THR B 222 -30.95 19.47 -22.67
CA THR B 222 -31.94 20.16 -21.79
C THR B 222 -31.45 20.13 -20.34
N LYS B 223 -32.08 20.91 -19.47
CA LYS B 223 -31.77 21.01 -18.02
C LYS B 223 -31.80 19.61 -17.39
N VAL B 224 -32.85 18.82 -17.67
CA VAL B 224 -33.11 17.48 -17.07
C VAL B 224 -32.05 16.50 -17.59
N GLU B 225 -31.99 16.33 -18.92
CA GLU B 225 -31.05 15.40 -19.62
C GLU B 225 -29.64 15.54 -19.02
N TYR B 226 -29.21 16.78 -18.76
CA TYR B 226 -27.89 17.10 -18.14
C TYR B 226 -27.86 16.65 -16.68
N ILE B 227 -28.89 17.02 -15.90
CA ILE B 227 -29.00 16.66 -14.45
C ILE B 227 -28.88 15.14 -14.31
N LYS B 228 -29.61 14.38 -15.12
CA LYS B 228 -29.61 12.89 -15.10
C LYS B 228 -28.18 12.39 -15.38
N ARG B 229 -27.47 13.00 -16.33
CA ARG B 229 -26.07 12.65 -16.69
C ARG B 229 -25.12 13.02 -15.53
N ALA B 230 -25.37 14.14 -14.85
CA ALA B 230 -24.59 14.58 -13.67
C ALA B 230 -24.80 13.57 -12.54
N LEU B 231 -26.04 13.10 -12.34
CA LEU B 231 -26.41 12.11 -11.30
C LEU B 231 -26.13 10.67 -11.78
N SER B 232 -25.70 10.49 -13.03
CA SER B 232 -25.45 9.15 -13.65
C SER B 232 -24.20 8.50 -13.04
N LEU B 233 -24.23 7.16 -12.92
CA LEU B 233 -23.09 6.28 -12.57
C LEU B 233 -23.01 5.17 -13.61
N ASN B 234 -21.83 4.97 -14.23
CA ASN B 234 -21.61 3.89 -15.22
C ASN B 234 -21.27 2.62 -14.44
N THR B 235 -21.64 1.44 -14.95
CA THR B 235 -21.50 0.13 -14.25
C THR B 235 -20.71 -0.87 -15.11
N MET B 236 -19.93 -1.72 -14.44
CA MET B 236 -19.10 -2.80 -15.06
C MET B 236 -19.37 -4.11 -14.29
N THR B 237 -18.50 -5.11 -14.44
CA THR B 237 -18.38 -6.28 -13.53
C THR B 237 -16.96 -6.31 -12.95
N LYS B 238 -16.81 -6.77 -11.70
CA LYS B 238 -15.49 -6.86 -11.04
C LYS B 238 -14.78 -8.11 -11.57
N ASP B 239 -13.67 -7.92 -12.29
CA ASP B 239 -12.82 -8.98 -12.87
C ASP B 239 -11.69 -9.33 -11.89
N ALA B 240 -11.29 -10.60 -11.85
CA ALA B 240 -10.23 -11.14 -10.96
C ALA B 240 -10.69 -11.10 -9.50
N GLU B 241 -12.01 -11.09 -9.27
CA GLU B 241 -12.63 -11.18 -7.92
C GLU B 241 -12.29 -12.56 -7.34
N ARG B 242 -11.33 -12.61 -6.42
CA ARG B 242 -10.76 -13.87 -5.87
C ARG B 242 -11.75 -14.47 -4.86
N GLY B 243 -11.62 -15.77 -4.58
CA GLY B 243 -12.35 -16.50 -3.53
C GLY B 243 -13.86 -16.27 -3.59
N LYS B 244 -14.43 -16.22 -4.79
CA LYS B 244 -15.90 -16.07 -5.00
C LYS B 244 -16.32 -16.78 -6.29
N LEU B 245 -17.43 -17.53 -6.23
CA LEU B 245 -17.97 -18.35 -7.34
C LEU B 245 -18.53 -17.43 -8.43
N LYS B 246 -19.48 -16.56 -8.06
CA LYS B 246 -20.29 -15.73 -9.00
C LYS B 246 -19.81 -14.28 -8.96
N ARG B 247 -19.94 -13.58 -10.09
CA ARG B 247 -19.37 -12.22 -10.29
C ARG B 247 -20.27 -11.19 -9.63
N ARG B 248 -19.79 -9.94 -9.53
CA ARG B 248 -20.52 -8.80 -8.90
C ARG B 248 -20.26 -7.53 -9.73
N ALA B 249 -21.18 -6.57 -9.64
CA ALA B 249 -21.18 -5.30 -10.40
C ALA B 249 -20.48 -4.20 -9.59
N ILE B 250 -19.76 -3.33 -10.29
CA ILE B 250 -19.03 -2.15 -9.74
C ILE B 250 -19.42 -0.92 -10.56
N ALA B 251 -19.27 0.28 -9.98
CA ALA B 251 -19.76 1.55 -10.55
C ALA B 251 -18.64 2.60 -10.55
N THR B 252 -18.55 3.37 -11.65
CA THR B 252 -17.69 4.58 -11.81
C THR B 252 -18.60 5.80 -11.95
N ALA B 253 -18.21 6.90 -11.28
CA ALA B 253 -19.04 8.10 -11.03
C ALA B 253 -18.60 9.27 -11.92
N GLY B 254 -19.43 10.31 -11.98
CA GLY B 254 -19.23 11.50 -12.82
C GLY B 254 -18.27 12.51 -12.19
N ILE B 255 -17.47 13.16 -13.04
CA ILE B 255 -16.50 14.24 -12.66
C ILE B 255 -17.23 15.35 -11.89
N GLN B 256 -18.54 15.52 -12.12
CA GLN B 256 -19.43 16.41 -11.32
C GLN B 256 -19.38 15.99 -9.85
N ILE B 257 -19.66 14.71 -9.57
CA ILE B 257 -19.94 14.20 -8.19
C ILE B 257 -18.62 13.74 -7.55
N ARG B 258 -17.58 13.45 -8.35
CA ARG B 258 -16.24 13.05 -7.84
C ARG B 258 -15.67 14.14 -6.93
N GLY B 259 -15.79 15.41 -7.33
CA GLY B 259 -15.33 16.58 -6.57
C GLY B 259 -15.82 16.53 -5.13
N PHE B 260 -17.13 16.44 -4.93
CA PHE B 260 -17.81 16.58 -3.62
C PHE B 260 -17.54 15.36 -2.73
N VAL B 261 -17.27 14.20 -3.33
CA VAL B 261 -17.01 12.93 -2.57
C VAL B 261 -15.63 13.00 -1.90
N LEU B 262 -14.65 13.68 -2.54
CA LEU B 262 -13.25 13.79 -2.02
C LEU B 262 -13.28 14.34 -0.59
N VAL B 263 -14.03 15.43 -0.38
CA VAL B 263 -14.08 16.19 0.90
C VAL B 263 -14.78 15.34 1.97
N VAL B 264 -15.89 14.69 1.63
CA VAL B 264 -16.72 13.89 2.57
C VAL B 264 -15.90 12.68 3.05
N GLU B 265 -15.06 12.12 2.18
CA GLU B 265 -14.11 11.02 2.55
C GLU B 265 -12.98 11.62 3.38
N ASN B 266 -12.29 12.63 2.86
CA ASN B 266 -11.19 13.36 3.55
C ASN B 266 -11.61 13.71 4.99
N LEU B 267 -12.89 14.07 5.19
CA LEU B 267 -13.49 14.34 6.52
C LEU B 267 -13.45 13.06 7.37
N ALA B 268 -14.06 11.98 6.85
CA ALA B 268 -14.23 10.69 7.56
C ALA B 268 -12.87 10.08 7.89
N LYS B 269 -11.87 10.25 7.01
CA LYS B 269 -10.48 9.79 7.19
C LYS B 269 -9.90 10.40 8.46
N ASN B 270 -9.99 11.74 8.58
CA ASN B 270 -9.50 12.51 9.75
C ASN B 270 -10.13 11.94 11.03
N ILE B 271 -11.42 11.58 10.97
CA ILE B 271 -12.17 10.98 12.11
C ILE B 271 -11.62 9.57 12.39
N CYS B 272 -11.47 8.74 11.36
CA CYS B 272 -11.03 7.32 11.45
C CYS B 272 -9.62 7.25 12.03
N GLU B 273 -8.67 8.02 11.48
CA GLU B 273 -7.26 8.05 11.92
C GLU B 273 -7.18 8.12 13.46
N ASN B 274 -8.06 8.90 14.09
CA ASN B 274 -8.06 9.16 15.56
C ASN B 274 -9.18 8.35 16.23
N LEU B 275 -9.50 7.16 15.72
CA LEU B 275 -10.41 6.18 16.38
C LEU B 275 -9.61 4.93 16.76
N GLU B 276 -9.95 4.32 17.89
CA GLU B 276 -9.23 3.15 18.46
C GLU B 276 -9.49 1.91 17.59
N GLN B 277 -10.70 1.78 17.04
CA GLN B 277 -11.23 0.52 16.46
C GLN B 277 -11.24 0.57 14.92
N SER B 278 -10.81 1.69 14.32
CA SER B 278 -10.78 1.87 12.84
C SER B 278 -9.64 1.06 12.22
N GLY B 279 -9.96 0.14 11.30
CA GLY B 279 -8.98 -0.59 10.46
C GLY B 279 -8.48 0.26 9.32
N LEU B 280 -9.32 1.17 8.80
CA LEU B 280 -8.93 2.23 7.85
C LEU B 280 -8.52 3.47 8.64
N PRO B 281 -7.65 4.35 8.10
CA PRO B 281 -6.92 4.09 6.86
C PRO B 281 -5.64 3.24 7.03
N VAL B 282 -5.34 2.79 8.25
CA VAL B 282 -4.05 2.11 8.56
C VAL B 282 -3.95 0.85 7.70
N GLY B 283 -2.73 0.45 7.34
CA GLY B 283 -2.48 -0.70 6.44
C GLY B 283 -1.21 -1.46 6.81
N GLY B 284 -1.11 -2.70 6.34
CA GLY B 284 0.06 -3.58 6.52
C GLY B 284 0.56 -3.58 7.95
N ASN B 285 1.84 -3.24 8.13
CA ASN B 285 2.54 -3.32 9.44
C ASN B 285 1.86 -2.35 10.44
N GLU B 286 1.47 -1.16 9.97
CA GLU B 286 0.79 -0.12 10.80
C GLU B 286 -0.51 -0.70 11.34
N LYS B 287 -1.27 -1.40 10.49
CA LYS B 287 -2.56 -2.06 10.83
C LYS B 287 -2.30 -3.22 11.78
N LYS B 288 -1.36 -4.11 11.42
CA LYS B 288 -0.98 -5.29 12.24
C LYS B 288 -0.59 -4.82 13.65
N ALA B 289 0.23 -3.77 13.75
CA ALA B 289 0.63 -3.14 15.02
C ALA B 289 -0.63 -2.73 15.80
N LYS B 290 -1.47 -1.88 15.19
CA LYS B 290 -2.70 -1.30 15.82
C LYS B 290 -3.60 -2.43 16.33
N LEU B 291 -3.90 -3.41 15.48
CA LEU B 291 -4.80 -4.54 15.84
C LEU B 291 -4.14 -5.41 16.92
N SER B 292 -2.84 -5.71 16.79
CA SER B 292 -2.04 -6.48 17.79
C SER B 292 -2.11 -5.78 19.15
N ASN B 293 -1.97 -4.45 19.18
CA ASN B 293 -2.06 -3.63 20.42
C ASN B 293 -3.50 -3.68 20.94
N ALA B 294 -4.49 -3.42 20.08
CA ALA B 294 -5.93 -3.40 20.42
C ALA B 294 -6.35 -4.73 21.07
N VAL B 295 -6.00 -5.86 20.44
CA VAL B 295 -6.37 -7.22 20.92
C VAL B 295 -5.78 -7.41 22.32
N ALA B 296 -4.52 -7.05 22.52
CA ALA B 296 -3.74 -7.25 23.78
C ALA B 296 -4.45 -6.56 24.95
N LYS B 297 -4.90 -5.32 24.78
CA LYS B 297 -5.54 -4.49 25.84
C LYS B 297 -6.93 -5.07 26.15
N MET B 298 -7.76 -5.27 25.12
CA MET B 298 -9.15 -5.79 25.26
C MET B 298 -9.12 -7.22 25.80
N LEU B 299 -8.02 -7.95 25.57
CA LEU B 299 -7.76 -9.31 26.11
C LEU B 299 -7.55 -9.21 27.62
N SER B 300 -6.54 -8.44 28.06
CA SER B 300 -6.11 -8.32 29.47
C SER B 300 -7.18 -7.62 30.32
N ASN B 301 -8.03 -6.78 29.71
CA ASN B 301 -9.09 -6.02 30.42
C ASN B 301 -10.25 -6.95 30.81
N CYS B 302 -10.32 -8.16 30.25
CA CYS B 302 -11.34 -9.20 30.57
C CYS B 302 -11.44 -9.40 32.08
N PRO B 303 -12.66 -9.36 32.68
CA PRO B 303 -12.81 -9.59 34.12
C PRO B 303 -12.36 -10.99 34.53
N PRO B 304 -11.70 -11.16 35.71
CA PRO B 304 -11.30 -12.48 36.19
C PRO B 304 -12.55 -13.34 36.47
N GLY B 305 -12.55 -14.59 35.97
CA GLY B 305 -13.69 -15.52 36.09
C GLY B 305 -14.61 -15.43 34.88
N GLY B 306 -14.70 -14.25 34.26
CA GLY B 306 -15.51 -14.00 33.04
C GLY B 306 -14.92 -14.69 31.82
N ILE B 307 -15.56 -14.54 30.67
CA ILE B 307 -15.11 -15.13 29.37
C ILE B 307 -15.04 -14.03 28.31
N SER B 308 -13.88 -13.91 27.64
CA SER B 308 -13.65 -13.02 26.49
C SER B 308 -13.95 -13.78 25.19
N MET B 309 -14.86 -13.28 24.35
CA MET B 309 -15.28 -13.97 23.10
C MET B 309 -15.11 -13.04 21.89
N THR B 310 -14.48 -13.53 20.81
CA THR B 310 -14.21 -12.78 19.57
C THR B 310 -15.14 -13.29 18.46
N VAL B 311 -16.01 -12.41 17.95
CA VAL B 311 -16.93 -12.68 16.81
C VAL B 311 -16.22 -12.26 15.52
N THR B 312 -15.64 -13.23 14.80
CA THR B 312 -15.14 -13.08 13.40
C THR B 312 -16.35 -12.75 12.52
N GLY B 313 -16.47 -11.48 12.12
CA GLY B 313 -17.70 -10.88 11.59
C GLY B 313 -17.56 -10.37 10.18
N ASP B 314 -18.64 -10.48 9.40
CA ASP B 314 -18.79 -9.90 8.05
C ASP B 314 -20.22 -9.36 7.95
N ASN B 315 -20.42 -8.24 7.25
CA ASN B 315 -21.76 -7.63 7.04
C ASN B 315 -22.21 -7.94 5.60
N THR B 316 -23.49 -8.29 5.43
CA THR B 316 -24.10 -8.67 4.12
C THR B 316 -24.85 -7.47 3.53
N LYS B 317 -24.76 -7.30 2.21
CA LYS B 317 -25.45 -6.25 1.42
C LYS B 317 -25.10 -4.87 2.00
N TRP B 318 -23.82 -4.66 2.28
CA TRP B 318 -23.24 -3.43 2.89
C TRP B 318 -23.65 -2.20 2.07
N ASN B 319 -23.45 -2.24 0.75
CA ASN B 319 -23.75 -1.14 -0.20
C ASN B 319 -25.26 -1.00 -0.39
N GLU B 320 -25.94 -2.12 -0.65
CA GLU B 320 -27.39 -2.16 -0.99
C GLU B 320 -28.22 -1.57 0.15
N CYS B 321 -27.76 -1.70 1.39
CA CYS B 321 -28.52 -1.32 2.62
C CYS B 321 -28.13 0.09 3.11
N LEU B 322 -26.85 0.45 3.09
CA LEU B 322 -26.36 1.77 3.56
C LEU B 322 -26.93 2.88 2.67
N ASN B 323 -27.66 3.82 3.28
CA ASN B 323 -28.50 4.85 2.60
C ASN B 323 -27.75 6.19 2.58
N PRO B 324 -27.81 6.95 1.46
CA PRO B 324 -27.21 8.29 1.39
C PRO B 324 -27.72 9.30 2.43
N ARG B 325 -29.04 9.36 2.65
CA ARG B 325 -29.70 10.34 3.56
C ARG B 325 -29.13 10.19 4.99
N ILE B 326 -28.75 8.96 5.37
CA ILE B 326 -28.08 8.67 6.67
C ILE B 326 -26.68 9.29 6.64
N PHE B 327 -25.96 9.19 5.51
CA PHE B 327 -24.62 9.81 5.30
C PHE B 327 -24.76 11.34 5.33
N LEU B 328 -25.87 11.88 4.82
CA LEU B 328 -26.19 13.33 4.88
C LEU B 328 -26.27 13.75 6.35
N ALA B 329 -27.09 13.06 7.15
CA ALA B 329 -27.23 13.28 8.61
C ALA B 329 -25.85 13.32 9.27
N MET B 330 -24.98 12.36 8.93
CA MET B 330 -23.62 12.20 9.50
C MET B 330 -22.80 13.49 9.27
N THR B 331 -22.77 14.00 8.03
CA THR B 331 -22.00 15.23 7.66
C THR B 331 -22.56 16.42 8.46
N GLU B 332 -23.88 16.57 8.50
CA GLU B 332 -24.59 17.63 9.27
C GLU B 332 -24.19 17.55 10.75
N ARG B 333 -24.24 16.35 11.34
CA ARG B 333 -23.96 16.15 12.79
C ARG B 333 -22.46 16.35 13.06
N ILE B 334 -21.60 15.99 12.10
CA ILE B 334 -20.11 16.05 12.24
C ILE B 334 -19.63 17.50 12.05
N THR B 335 -20.25 18.26 11.16
CA THR B 335 -19.82 19.65 10.78
C THR B 335 -20.55 20.70 11.63
N ARG B 336 -21.15 20.29 12.75
CA ARG B 336 -22.09 21.12 13.56
C ARG B 336 -21.48 22.50 13.85
N ASP B 337 -20.17 22.56 14.16
CA ASP B 337 -19.47 23.79 14.59
C ASP B 337 -18.86 24.51 13.37
N SER B 338 -18.77 23.85 12.21
CA SER B 338 -18.14 24.39 10.98
C SER B 338 -19.00 25.52 10.40
N PRO B 339 -18.39 26.47 9.64
CA PRO B 339 -19.15 27.54 8.98
C PRO B 339 -20.13 27.04 7.91
N ILE B 340 -21.23 27.78 7.76
CA ILE B 340 -22.49 27.34 7.07
C ILE B 340 -22.15 26.86 5.65
N TRP B 341 -21.19 27.49 4.98
CA TRP B 341 -20.78 27.12 3.60
C TRP B 341 -20.22 25.69 3.58
N PHE B 342 -19.39 25.33 4.57
CA PHE B 342 -18.70 24.02 4.62
C PHE B 342 -19.69 22.92 5.03
N ARG B 343 -20.66 23.24 5.90
CA ARG B 343 -21.77 22.33 6.26
C ARG B 343 -22.53 21.94 4.99
N ASP B 344 -22.80 22.92 4.12
CA ASP B 344 -23.51 22.75 2.82
C ASP B 344 -22.62 21.99 1.83
N PHE B 345 -21.37 22.43 1.66
CA PHE B 345 -20.38 21.81 0.75
C PHE B 345 -20.40 20.29 0.92
N CYS B 346 -20.24 19.82 2.16
CA CYS B 346 -20.26 18.39 2.54
C CYS B 346 -21.61 17.76 2.19
N SER B 347 -22.71 18.47 2.45
CA SER B 347 -24.11 18.00 2.29
C SER B 347 -24.38 17.55 0.85
N ILE B 348 -23.72 18.16 -0.14
CA ILE B 348 -23.96 17.94 -1.59
C ILE B 348 -23.75 16.46 -1.95
N ALA B 349 -22.58 15.90 -1.60
CA ALA B 349 -22.15 14.56 -2.06
C ALA B 349 -23.22 13.52 -1.70
N PRO B 350 -23.66 13.41 -0.42
CA PRO B 350 -24.78 12.53 -0.07
C PRO B 350 -26.10 12.84 -0.80
N VAL B 351 -26.35 14.13 -1.09
CA VAL B 351 -27.58 14.61 -1.78
C VAL B 351 -27.58 14.07 -3.22
N LEU B 352 -26.44 14.15 -3.91
CA LEU B 352 -26.29 13.61 -5.29
C LEU B 352 -26.56 12.11 -5.29
N PHE B 353 -26.01 11.39 -4.29
CA PHE B 353 -26.10 9.91 -4.15
C PHE B 353 -27.53 9.49 -3.79
N SER B 354 -28.34 10.38 -3.20
CA SER B 354 -29.76 10.09 -2.83
C SER B 354 -30.70 10.38 -4.01
N ASN B 355 -30.17 10.91 -5.12
CA ASN B 355 -30.93 11.13 -6.38
C ASN B 355 -30.18 10.50 -7.57
N LYS B 356 -29.08 9.77 -7.30
CA LYS B 356 -28.20 9.16 -8.33
C LYS B 356 -29.00 8.22 -9.25
N ILE B 357 -28.49 8.04 -10.47
CA ILE B 357 -29.07 7.16 -11.54
C ILE B 357 -28.01 6.14 -11.95
N ALA B 358 -28.36 4.84 -11.94
CA ALA B 358 -27.48 3.73 -12.34
C ALA B 358 -27.66 3.44 -13.83
N ARG B 359 -26.57 3.57 -14.61
CA ARG B 359 -26.52 3.13 -16.03
C ARG B 359 -26.36 1.62 -16.06
N LEU B 360 -27.09 0.94 -16.96
CA LEU B 360 -27.29 -0.53 -16.94
C LEU B 360 -26.26 -1.24 -17.83
N GLY B 361 -25.22 -0.52 -18.29
CA GLY B 361 -24.09 -1.10 -19.03
C GLY B 361 -24.42 -1.37 -20.49
N LYS B 362 -23.99 -2.52 -21.02
CA LYS B 362 -24.01 -2.85 -22.47
C LYS B 362 -25.43 -3.24 -22.90
N GLY B 363 -26.06 -4.16 -22.17
CA GLY B 363 -27.40 -4.70 -22.49
C GLY B 363 -27.39 -6.23 -22.47
N PHE B 364 -28.22 -6.85 -23.31
CA PHE B 364 -28.34 -8.32 -23.43
C PHE B 364 -28.19 -8.72 -24.90
N MET B 365 -27.49 -9.83 -25.16
CA MET B 365 -27.24 -10.37 -26.53
C MET B 365 -28.26 -11.46 -26.83
N ILE B 366 -28.98 -11.34 -27.95
CA ILE B 366 -29.97 -12.34 -28.41
C ILE B 366 -29.44 -13.02 -29.68
N THR B 367 -29.71 -14.32 -29.82
CA THR B 367 -29.11 -15.23 -30.84
C THR B 367 -30.17 -16.19 -31.38
N SER B 368 -30.01 -16.64 -32.63
CA SER B 368 -30.69 -17.82 -33.22
C SER B 368 -29.63 -18.88 -33.55
N LYS B 369 -29.73 -20.06 -32.93
CA LYS B 369 -28.77 -21.18 -33.08
C LYS B 369 -28.86 -21.73 -34.51
N THR B 370 -30.09 -21.89 -35.03
CA THR B 370 -30.37 -22.39 -36.40
C THR B 370 -29.69 -21.49 -37.43
N LYS B 371 -29.94 -20.18 -37.36
CA LYS B 371 -29.45 -19.17 -38.35
C LYS B 371 -27.98 -18.80 -38.07
N ARG B 372 -27.50 -19.03 -36.84
CA ARG B 372 -26.16 -18.63 -36.34
C ARG B 372 -26.00 -17.11 -36.45
N LEU B 373 -26.91 -16.37 -35.82
CA LEU B 373 -26.89 -14.89 -35.74
C LEU B 373 -26.89 -14.49 -34.27
N LYS B 374 -26.17 -13.41 -33.93
CA LYS B 374 -26.16 -12.78 -32.58
C LYS B 374 -26.33 -11.27 -32.76
N ALA B 375 -26.99 -10.61 -31.81
CA ALA B 375 -27.18 -9.14 -31.80
C ALA B 375 -27.24 -8.63 -30.35
N GLN B 376 -26.53 -7.53 -30.07
CA GLN B 376 -26.60 -6.80 -28.78
C GLN B 376 -27.84 -5.90 -28.79
N ILE B 377 -28.77 -6.14 -27.86
CA ILE B 377 -29.93 -5.27 -27.54
C ILE B 377 -29.45 -4.20 -26.56
N PRO B 378 -29.33 -2.92 -27.00
CA PRO B 378 -28.94 -1.83 -26.09
C PRO B 378 -29.98 -1.58 -25.00
N CYS B 379 -29.53 -1.08 -23.85
CA CYS B 379 -30.34 -0.93 -22.60
C CYS B 379 -31.59 -0.09 -22.87
N PRO B 380 -31.53 1.00 -23.67
CA PRO B 380 -32.74 1.73 -24.07
C PRO B 380 -33.82 0.86 -24.75
N ASP B 381 -33.40 -0.17 -25.50
CA ASP B 381 -34.30 -1.05 -26.29
C ASP B 381 -34.49 -2.40 -25.56
N LEU B 382 -34.47 -2.40 -24.23
CA LEU B 382 -34.63 -3.64 -23.40
C LEU B 382 -36.07 -4.15 -23.52
N PHE B 383 -37.06 -3.25 -23.52
CA PHE B 383 -38.51 -3.58 -23.59
C PHE B 383 -39.01 -3.39 -25.02
N SER B 384 -38.11 -3.47 -26.01
CA SER B 384 -38.43 -3.41 -27.45
C SER B 384 -38.91 -4.78 -27.93
N ILE B 385 -38.48 -5.86 -27.27
CA ILE B 385 -38.85 -7.26 -27.60
C ILE B 385 -39.74 -7.82 -26.48
N PRO B 386 -40.72 -8.68 -26.80
CA PRO B 386 -41.52 -9.37 -25.78
C PRO B 386 -40.65 -10.21 -24.83
N LEU B 387 -40.95 -10.13 -23.53
CA LEU B 387 -40.10 -10.63 -22.42
C LEU B 387 -39.95 -12.16 -22.50
N GLU B 388 -40.81 -12.83 -23.29
CA GLU B 388 -40.70 -14.29 -23.57
C GLU B 388 -39.42 -14.58 -24.36
N ARG B 389 -38.86 -13.58 -25.05
CA ARG B 389 -37.63 -13.74 -25.88
C ARG B 389 -36.38 -13.64 -24.99
N TYR B 390 -36.52 -13.14 -23.75
CA TYR B 390 -35.46 -13.20 -22.71
C TYR B 390 -35.60 -14.50 -21.92
N ASN B 391 -34.50 -15.00 -21.35
CA ASN B 391 -34.48 -16.28 -20.59
C ASN B 391 -35.16 -16.08 -19.23
N GLU B 392 -35.55 -17.19 -18.58
CA GLU B 392 -36.33 -17.23 -17.32
C GLU B 392 -35.77 -16.20 -16.33
N GLU B 393 -34.47 -16.29 -16.04
CA GLU B 393 -33.77 -15.46 -15.02
C GLU B 393 -33.91 -13.97 -15.39
N THR B 394 -33.47 -13.60 -16.59
CA THR B 394 -33.46 -12.21 -17.12
C THR B 394 -34.89 -11.64 -17.17
N ARG B 395 -35.88 -12.48 -17.53
CA ARG B 395 -37.31 -12.08 -17.59
C ARG B 395 -37.72 -11.47 -16.24
N ALA B 396 -37.53 -12.23 -15.15
CA ALA B 396 -37.83 -11.83 -13.76
C ALA B 396 -37.07 -10.54 -13.42
N LYS B 397 -35.75 -10.53 -13.65
CA LYS B 397 -34.88 -9.34 -13.44
C LYS B 397 -35.53 -8.12 -14.10
N LEU B 398 -35.86 -8.22 -15.40
CA LEU B 398 -36.44 -7.10 -16.19
C LEU B 398 -37.82 -6.71 -15.62
N LYS B 399 -38.66 -7.71 -15.29
CA LYS B 399 -39.98 -7.47 -14.65
C LYS B 399 -39.81 -6.66 -13.36
N LYS B 400 -38.83 -7.03 -12.51
CA LYS B 400 -38.56 -6.36 -11.20
C LYS B 400 -37.87 -5.01 -11.44
N LEU B 401 -37.15 -4.85 -12.55
CA LEU B 401 -36.52 -3.57 -12.96
C LEU B 401 -37.59 -2.58 -13.43
N LYS B 402 -38.63 -3.09 -14.12
CA LYS B 402 -39.67 -2.27 -14.83
C LYS B 402 -39.93 -0.96 -14.10
N PRO B 403 -40.40 -0.93 -12.83
CA PRO B 403 -40.85 0.31 -12.21
C PRO B 403 -39.75 1.28 -11.73
N PHE B 404 -38.46 0.97 -11.97
CA PHE B 404 -37.31 1.83 -11.63
C PHE B 404 -36.56 2.26 -12.90
N PHE B 405 -37.11 1.94 -14.07
CA PHE B 405 -36.46 2.06 -15.39
C PHE B 405 -36.77 3.42 -16.00
N ASN B 406 -35.77 4.04 -16.64
CA ASN B 406 -35.92 5.28 -17.44
C ASN B 406 -35.68 4.94 -18.92
N GLU B 407 -36.48 5.54 -19.81
CA GLU B 407 -36.57 5.18 -21.26
C GLU B 407 -35.21 5.36 -21.95
N GLU B 408 -34.35 6.23 -21.43
CA GLU B 408 -32.98 6.48 -21.97
C GLU B 408 -32.06 5.29 -21.65
N GLY B 409 -32.55 4.28 -20.95
CA GLY B 409 -31.84 3.01 -20.68
C GLY B 409 -31.07 3.06 -19.38
N THR B 410 -31.62 3.73 -18.36
CA THR B 410 -31.00 3.91 -17.02
C THR B 410 -31.99 3.44 -15.95
N ALA B 411 -31.55 3.38 -14.68
CA ALA B 411 -32.37 2.96 -13.53
C ALA B 411 -32.24 3.97 -12.39
N SER B 412 -33.37 4.50 -11.90
CA SER B 412 -33.45 5.32 -10.67
C SER B 412 -32.95 4.47 -9.50
N LEU B 413 -32.07 5.02 -8.66
CA LEU B 413 -31.45 4.27 -7.54
C LEU B 413 -31.19 5.22 -6.36
N SER B 414 -32.27 5.64 -5.68
CA SER B 414 -32.23 6.58 -4.52
C SER B 414 -31.57 5.90 -3.32
N PRO B 415 -31.94 4.66 -2.95
CA PRO B 415 -31.30 3.98 -1.81
C PRO B 415 -29.92 3.45 -2.21
N GLY B 416 -29.21 2.89 -1.25
CA GLY B 416 -27.91 2.23 -1.46
C GLY B 416 -26.77 3.22 -1.61
N MET B 417 -25.58 2.85 -1.14
CA MET B 417 -24.31 3.62 -1.28
C MET B 417 -23.78 3.48 -2.71
N MET B 418 -23.99 2.32 -3.34
CA MET B 418 -23.25 1.83 -4.55
C MET B 418 -21.84 1.39 -4.11
N MET B 419 -21.15 0.62 -4.96
CA MET B 419 -19.92 -0.13 -4.59
C MET B 419 -18.79 0.82 -4.17
N GLY B 420 -18.55 0.91 -2.86
CA GLY B 420 -17.29 1.40 -2.24
C GLY B 420 -17.04 2.89 -2.44
N MET B 421 -18.10 3.71 -2.47
CA MET B 421 -18.01 5.18 -2.72
C MET B 421 -17.66 5.92 -1.42
N PHE B 422 -18.30 5.56 -0.31
CA PHE B 422 -18.08 6.11 1.05
C PHE B 422 -17.60 5.01 1.99
N ASN B 423 -16.35 4.56 1.82
CA ASN B 423 -15.73 3.49 2.66
C ASN B 423 -15.41 4.06 4.04
N MET B 424 -14.63 5.14 4.08
CA MET B 424 -14.19 5.84 5.32
C MET B 424 -15.42 6.18 6.17
N LEU B 425 -16.43 6.80 5.56
CA LEU B 425 -17.65 7.30 6.26
C LEU B 425 -18.49 6.12 6.75
N SER B 426 -18.53 5.01 6.00
CA SER B 426 -19.24 3.77 6.41
C SER B 426 -18.50 3.13 7.58
N THR B 427 -17.16 3.11 7.54
CA THR B 427 -16.29 2.63 8.64
C THR B 427 -16.65 3.37 9.94
N VAL B 428 -16.86 4.69 9.85
CA VAL B 428 -17.24 5.58 10.99
C VAL B 428 -18.59 5.11 11.55
N LEU B 429 -19.61 5.00 10.68
CA LEU B 429 -20.97 4.53 11.05
C LEU B 429 -20.88 3.14 11.69
N GLY B 430 -19.95 2.31 11.21
CA GLY B 430 -19.64 1.00 11.80
C GLY B 430 -19.11 1.15 13.21
N VAL B 431 -17.95 1.81 13.35
CA VAL B 431 -17.29 2.11 14.65
C VAL B 431 -18.35 2.65 15.63
N ALA B 432 -19.21 3.56 15.17
CA ALA B 432 -20.27 4.21 15.97
C ALA B 432 -21.14 3.16 16.67
N ALA B 433 -21.41 2.02 16.01
CA ALA B 433 -22.15 0.88 16.59
C ALA B 433 -21.31 0.24 17.71
N LEU B 434 -20.02 0.04 17.46
CA LEU B 434 -19.05 -0.52 18.43
C LEU B 434 -18.88 0.44 19.62
N GLY B 435 -19.18 1.72 19.42
CA GLY B 435 -19.09 2.79 20.42
C GLY B 435 -20.16 2.69 21.50
N ILE B 436 -21.27 1.99 21.23
CA ILE B 436 -22.39 1.81 22.21
C ILE B 436 -21.87 1.00 23.41
N LYS B 437 -21.34 -0.20 23.14
CA LYS B 437 -20.60 -1.09 24.09
C LYS B 437 -21.58 -1.92 24.95
N ASN B 438 -22.76 -1.39 25.29
CA ASN B 438 -23.73 -2.09 26.19
C ASN B 438 -25.13 -1.49 26.01
N ILE B 439 -26.17 -2.30 26.23
CA ILE B 439 -27.60 -1.91 26.15
C ILE B 439 -28.34 -2.46 27.38
N GLY B 440 -29.00 -1.57 28.13
CA GLY B 440 -29.84 -1.91 29.30
C GLY B 440 -29.02 -2.23 30.55
N ASN B 441 -27.75 -1.82 30.58
CA ASN B 441 -26.79 -2.09 31.69
C ASN B 441 -26.79 -3.58 32.04
N LYS B 442 -26.71 -4.44 31.02
CA LYS B 442 -26.67 -5.92 31.17
C LYS B 442 -25.23 -6.35 31.52
N GLU B 443 -25.04 -7.62 31.85
CA GLU B 443 -23.78 -8.19 32.38
C GLU B 443 -22.82 -8.55 31.24
N TYR B 444 -22.71 -7.70 30.22
CA TYR B 444 -21.74 -7.84 29.09
C TYR B 444 -21.20 -6.46 28.71
N LEU B 445 -20.19 -6.45 27.84
CA LEU B 445 -19.50 -5.22 27.36
C LEU B 445 -18.78 -5.56 26.04
N TRP B 446 -19.27 -5.04 24.92
CA TRP B 446 -18.70 -5.30 23.57
C TRP B 446 -17.80 -4.14 23.15
N ASP B 447 -16.82 -4.44 22.27
CA ASP B 447 -15.87 -3.48 21.67
C ASP B 447 -15.09 -4.24 20.60
N GLY B 448 -14.92 -3.65 19.41
CA GLY B 448 -14.38 -4.38 18.25
C GLY B 448 -13.45 -3.54 17.40
N LEU B 449 -13.28 -3.96 16.14
CA LEU B 449 -12.52 -3.28 15.07
C LEU B 449 -13.42 -3.26 13.82
N GLN B 450 -13.30 -2.24 12.97
CA GLN B 450 -14.14 -2.09 11.75
C GLN B 450 -13.28 -1.52 10.62
N SER B 451 -13.24 -2.22 9.47
CA SER B 451 -12.60 -1.79 8.21
C SER B 451 -13.60 -2.01 7.07
N SER B 452 -14.38 -0.97 6.74
CA SER B 452 -15.58 -1.06 5.85
C SER B 452 -16.58 -2.03 6.50
N ASP B 453 -17.04 -3.05 5.76
CA ASP B 453 -18.03 -4.04 6.24
C ASP B 453 -17.38 -5.02 7.24
N ASP B 454 -16.06 -5.22 7.13
CA ASP B 454 -15.30 -6.27 7.86
C ASP B 454 -15.10 -5.80 9.32
N PHE B 455 -15.52 -6.61 10.29
CA PHE B 455 -15.53 -6.25 11.74
C PHE B 455 -15.26 -7.48 12.61
N ALA B 456 -14.57 -7.27 13.73
CA ALA B 456 -14.21 -8.29 14.74
C ALA B 456 -14.61 -7.80 16.14
N LEU B 457 -15.83 -8.13 16.57
CA LEU B 457 -16.42 -7.71 17.86
C LEU B 457 -15.88 -8.57 19.00
N PHE B 458 -15.20 -7.98 19.99
CA PHE B 458 -14.81 -8.63 21.26
C PHE B 458 -15.90 -8.36 22.32
N VAL B 459 -16.33 -9.41 23.03
CA VAL B 459 -17.34 -9.34 24.11
C VAL B 459 -16.77 -10.01 25.37
N ASN B 460 -16.53 -9.22 26.42
CA ASN B 460 -16.17 -9.67 27.78
C ASN B 460 -17.43 -9.70 28.64
N ALA B 461 -17.81 -10.88 29.13
CA ALA B 461 -19.02 -11.11 29.95
C ALA B 461 -18.74 -12.19 31.00
N LYS B 462 -19.77 -12.57 31.75
CA LYS B 462 -19.65 -13.47 32.94
C LYS B 462 -19.68 -14.93 32.47
N ASP B 463 -20.60 -15.26 31.56
CA ASP B 463 -20.70 -16.61 30.92
C ASP B 463 -21.05 -16.44 29.43
N GLU B 464 -20.71 -17.45 28.62
CA GLU B 464 -20.86 -17.41 27.14
C GLU B 464 -22.33 -17.25 26.75
N GLU B 465 -23.25 -17.69 27.61
CA GLU B 465 -24.72 -17.50 27.42
C GLU B 465 -25.03 -15.99 27.47
N THR B 466 -24.32 -15.24 28.32
CA THR B 466 -24.45 -13.75 28.44
C THR B 466 -23.81 -13.09 27.22
N CYS B 467 -22.59 -13.51 26.85
CA CYS B 467 -21.87 -13.03 25.63
C CYS B 467 -22.85 -12.98 24.44
N MET B 468 -23.60 -14.06 24.25
CA MET B 468 -24.59 -14.22 23.15
C MET B 468 -25.70 -13.17 23.27
N GLU B 469 -26.14 -12.85 24.49
CA GLU B 469 -27.13 -11.76 24.74
C GLU B 469 -26.56 -10.44 24.23
N GLY B 470 -25.25 -10.22 24.41
CA GLY B 470 -24.52 -9.03 23.94
C GLY B 470 -24.44 -8.99 22.42
N ILE B 471 -24.01 -10.10 21.81
CA ILE B 471 -23.94 -10.24 20.32
C ILE B 471 -25.34 -9.98 19.73
N ASN B 472 -26.34 -10.70 20.24
CA ASN B 472 -27.77 -10.56 19.83
C ASN B 472 -28.18 -9.09 19.90
N ASP B 473 -27.74 -8.36 20.93
CA ASP B 473 -28.02 -6.90 21.10
C ASP B 473 -27.28 -6.13 20.00
N PHE B 474 -25.96 -6.30 19.87
CA PHE B 474 -25.12 -5.63 18.84
C PHE B 474 -25.77 -5.78 17.46
N TYR B 475 -26.11 -7.02 17.10
CA TYR B 475 -26.88 -7.39 15.88
C TYR B 475 -28.06 -6.43 15.69
N ARG B 476 -28.86 -6.27 16.75
CA ARG B 476 -30.12 -5.48 16.73
C ARG B 476 -29.80 -3.98 16.65
N THR B 477 -28.72 -3.55 17.29
CA THR B 477 -28.19 -2.15 17.26
C THR B 477 -27.80 -1.80 15.82
N CYS B 478 -27.03 -2.68 15.17
CA CYS B 478 -26.55 -2.49 13.77
C CYS B 478 -27.73 -2.36 12.81
N LYS B 479 -28.78 -3.17 13.01
CA LYS B 479 -30.03 -3.19 12.19
C LYS B 479 -30.67 -1.81 12.17
N LEU B 480 -30.46 -1.00 13.22
CA LEU B 480 -31.02 0.38 13.36
C LEU B 480 -30.14 1.39 12.61
N LEU B 481 -28.92 1.00 12.21
CA LEU B 481 -28.01 1.88 11.42
C LEU B 481 -28.03 1.46 9.95
N GLY B 482 -28.81 0.43 9.61
CA GLY B 482 -28.84 -0.20 8.28
C GLY B 482 -27.65 -1.11 8.07
N ILE B 483 -27.06 -1.63 9.15
CA ILE B 483 -25.90 -2.57 9.09
C ILE B 483 -26.40 -3.99 9.39
N ASN B 484 -26.38 -4.87 8.39
CA ASN B 484 -26.86 -6.26 8.48
C ASN B 484 -25.65 -7.19 8.63
N MET B 485 -25.51 -7.81 9.79
CA MET B 485 -24.48 -8.82 10.13
C MET B 485 -24.80 -10.12 9.40
N SER B 486 -23.82 -10.70 8.70
CA SER B 486 -23.96 -11.96 7.93
C SER B 486 -23.97 -13.15 8.90
N LYS B 487 -25.13 -13.75 9.13
CA LYS B 487 -25.30 -14.91 10.05
C LYS B 487 -24.62 -16.14 9.44
N LYS B 488 -24.51 -16.19 8.11
CA LYS B 488 -23.91 -17.32 7.35
C LYS B 488 -22.39 -17.25 7.44
N LYS B 489 -21.82 -16.07 7.20
CA LYS B 489 -20.35 -15.85 7.07
C LYS B 489 -19.72 -15.53 8.43
N SER B 490 -20.42 -14.80 9.31
CA SER B 490 -19.95 -14.45 10.67
C SER B 490 -19.94 -15.71 11.55
N TYR B 491 -18.93 -15.84 12.43
CA TYR B 491 -18.86 -16.92 13.46
C TYR B 491 -18.13 -16.39 14.69
N CYS B 492 -18.31 -17.10 15.81
CA CYS B 492 -17.88 -16.66 17.18
C CYS B 492 -17.12 -17.79 17.88
N ASN B 493 -16.09 -17.43 18.65
CA ASN B 493 -15.27 -18.35 19.47
C ASN B 493 -14.66 -17.57 20.65
N GLU B 494 -14.10 -18.28 21.62
CA GLU B 494 -13.39 -17.70 22.80
C GLU B 494 -12.14 -16.98 22.28
N THR B 495 -11.85 -15.78 22.81
CA THR B 495 -10.77 -14.87 22.35
C THR B 495 -9.42 -15.59 22.42
N GLY B 496 -8.59 -15.41 21.40
CA GLY B 496 -7.30 -16.09 21.21
C GLY B 496 -6.97 -16.25 19.73
N MET B 497 -7.99 -16.50 18.91
CA MET B 497 -7.88 -16.61 17.43
C MET B 497 -9.14 -16.02 16.77
N PHE B 498 -8.94 -15.28 15.69
CA PHE B 498 -10.01 -14.69 14.84
C PHE B 498 -9.43 -14.32 13.47
N GLU B 499 -10.28 -13.93 12.52
CA GLU B 499 -9.89 -13.49 11.16
C GLU B 499 -10.45 -12.08 10.93
N PHE B 500 -9.62 -11.18 10.41
CA PHE B 500 -10.00 -9.77 10.10
C PHE B 500 -9.31 -9.32 8.81
N THR B 501 -10.07 -9.15 7.73
CA THR B 501 -9.61 -8.68 6.39
C THR B 501 -8.53 -9.64 5.87
N SER B 502 -8.81 -10.95 5.96
CA SER B 502 -7.92 -12.07 5.56
C SER B 502 -6.56 -11.98 6.28
N MET B 503 -6.57 -11.39 7.47
CA MET B 503 -5.47 -11.51 8.48
C MET B 503 -5.96 -12.48 9.56
N PHE B 504 -5.22 -13.57 9.73
CA PHE B 504 -5.55 -14.71 10.63
C PHE B 504 -4.73 -14.60 11.92
N TYR B 505 -5.41 -14.24 13.01
CA TYR B 505 -4.84 -14.09 14.37
C TYR B 505 -4.96 -15.43 15.10
N ARG B 506 -3.84 -15.91 15.65
CA ARG B 506 -3.75 -17.08 16.55
C ARG B 506 -2.67 -16.79 17.60
N ASP B 507 -3.06 -16.13 18.70
CA ASP B 507 -2.11 -15.60 19.72
C ASP B 507 -1.02 -14.78 19.00
N GLY B 508 -1.44 -13.97 18.01
CA GLY B 508 -0.57 -13.17 17.13
C GLY B 508 -0.90 -13.41 15.67
N PHE B 509 -0.96 -12.35 14.87
CA PHE B 509 -1.28 -12.40 13.42
C PHE B 509 -0.26 -13.30 12.71
N VAL B 510 -0.73 -14.40 12.11
CA VAL B 510 0.13 -15.44 11.47
C VAL B 510 0.53 -14.99 10.06
N SER B 511 1.69 -15.46 9.60
CA SER B 511 2.22 -15.26 8.23
C SER B 511 1.35 -16.02 7.22
N ASN B 512 0.98 -15.38 6.10
CA ASN B 512 0.13 -15.94 5.02
C ASN B 512 0.78 -15.65 3.66
N PHE B 513 1.89 -16.32 3.38
CA PHE B 513 2.79 -16.08 2.21
C PHE B 513 2.00 -16.11 0.88
N ALA B 514 1.03 -17.01 0.79
CA ALA B 514 0.26 -17.34 -0.44
C ALA B 514 -0.44 -16.10 -1.01
N MET B 515 -0.99 -15.23 -0.15
CA MET B 515 -1.84 -14.09 -0.56
C MET B 515 -1.08 -13.20 -1.56
N GLU B 516 0.18 -12.87 -1.29
CA GLU B 516 0.97 -11.91 -2.11
C GLU B 516 1.89 -12.65 -3.08
N LEU B 517 1.61 -13.93 -3.37
CA LEU B 517 2.43 -14.75 -4.31
C LEU B 517 2.34 -14.16 -5.72
N PRO B 518 1.13 -13.81 -6.23
CA PRO B 518 1.00 -13.27 -7.58
C PRO B 518 1.96 -12.12 -7.91
N SER B 519 2.34 -11.31 -6.91
CA SER B 519 3.24 -10.14 -7.08
C SER B 519 4.66 -10.59 -7.45
N PHE B 520 5.00 -11.87 -7.31
CA PHE B 520 6.36 -12.41 -7.59
C PHE B 520 6.63 -12.47 -9.10
N GLY B 521 5.59 -12.41 -9.93
CA GLY B 521 5.69 -12.47 -11.40
C GLY B 521 6.45 -11.29 -11.99
N VAL B 522 6.72 -11.32 -13.30
CA VAL B 522 7.34 -10.20 -14.06
C VAL B 522 6.27 -9.10 -14.19
N ALA B 523 6.49 -7.97 -13.52
CA ALA B 523 5.50 -6.88 -13.26
C ALA B 523 4.92 -6.34 -14.58
N GLY B 524 5.70 -6.35 -15.66
CA GLY B 524 5.24 -5.95 -17.01
C GLY B 524 5.30 -4.45 -17.24
N VAL B 525 6.24 -3.75 -16.60
CA VAL B 525 6.55 -2.32 -16.82
C VAL B 525 7.55 -2.24 -17.98
N ASN B 526 8.74 -2.83 -17.79
CA ASN B 526 9.81 -3.03 -18.81
C ASN B 526 10.98 -3.76 -18.14
N GLU B 527 12.04 -4.07 -18.89
CA GLU B 527 13.19 -4.89 -18.43
C GLU B 527 13.86 -4.27 -17.19
N SER B 528 14.33 -3.02 -17.32
CA SER B 528 15.10 -2.30 -16.27
C SER B 528 14.30 -2.22 -14.95
N ALA B 529 12.99 -1.98 -15.06
CA ALA B 529 12.05 -1.80 -13.93
C ALA B 529 11.71 -3.17 -13.31
N ASP B 530 11.34 -4.14 -14.16
CA ASP B 530 10.78 -5.44 -13.73
C ASP B 530 11.81 -6.22 -12.89
N MET B 531 13.11 -6.00 -13.14
CA MET B 531 14.23 -6.59 -12.35
C MET B 531 14.18 -6.02 -10.92
N ALA B 532 14.29 -4.70 -10.81
CA ALA B 532 14.18 -3.92 -9.56
C ALA B 532 12.93 -4.38 -8.81
N ILE B 533 11.75 -4.25 -9.42
CA ILE B 533 10.45 -4.66 -8.81
C ILE B 533 10.58 -6.12 -8.36
N GLY B 534 11.03 -6.99 -9.25
CA GLY B 534 11.26 -8.42 -9.01
C GLY B 534 12.01 -8.66 -7.72
N MET B 535 13.19 -8.03 -7.56
CA MET B 535 14.05 -8.25 -6.36
C MET B 535 13.42 -7.58 -5.13
N THR B 536 12.91 -6.36 -5.29
CA THR B 536 12.26 -5.57 -4.21
C THR B 536 11.08 -6.36 -3.63
N ILE B 537 10.32 -7.09 -4.46
CA ILE B 537 9.17 -7.91 -4.00
C ILE B 537 9.68 -9.04 -3.10
N ILE B 538 10.78 -9.70 -3.49
CA ILE B 538 11.42 -10.80 -2.70
C ILE B 538 11.91 -10.19 -1.38
N LYS B 539 12.83 -9.22 -1.48
CA LYS B 539 13.38 -8.46 -0.32
C LYS B 539 12.25 -8.16 0.68
N ASN B 540 11.18 -7.51 0.21
CA ASN B 540 10.05 -7.04 1.06
C ASN B 540 9.26 -8.24 1.62
N ASN B 541 9.22 -9.36 0.91
CA ASN B 541 8.48 -10.57 1.36
C ASN B 541 9.29 -11.26 2.46
N MET B 542 10.62 -11.33 2.30
CA MET B 542 11.56 -11.89 3.30
C MET B 542 11.28 -11.23 4.67
N ILE B 543 11.01 -9.93 4.66
CA ILE B 543 10.68 -9.14 5.88
C ILE B 543 9.25 -9.52 6.33
N ASN B 544 8.24 -9.02 5.61
CA ASN B 544 6.84 -8.91 6.08
C ASN B 544 6.12 -10.26 6.05
N ASN B 545 6.20 -11.00 4.93
CA ASN B 545 5.35 -12.20 4.69
C ASN B 545 6.10 -13.48 5.08
N GLY B 546 7.18 -13.36 5.86
CA GLY B 546 7.90 -14.49 6.48
C GLY B 546 8.31 -15.54 5.45
N MET B 547 9.13 -15.13 4.47
CA MET B 547 9.75 -16.04 3.47
C MET B 547 11.18 -16.34 3.88
N GLY B 548 11.50 -17.60 4.17
CA GLY B 548 12.82 -18.05 4.62
C GLY B 548 13.88 -17.92 3.52
N PRO B 549 15.18 -17.94 3.87
CA PRO B 549 16.25 -17.64 2.92
C PRO B 549 16.33 -18.60 1.72
N ALA B 550 16.02 -19.89 1.91
CA ALA B 550 15.99 -20.91 0.84
C ALA B 550 14.89 -20.54 -0.17
N THR B 551 13.66 -20.38 0.32
CA THR B 551 12.48 -19.98 -0.50
C THR B 551 12.79 -18.64 -1.18
N ALA B 552 13.41 -17.70 -0.45
CA ALA B 552 13.83 -16.38 -0.98
C ALA B 552 14.82 -16.58 -2.13
N GLN B 553 15.82 -17.43 -1.94
CA GLN B 553 16.86 -17.73 -2.96
C GLN B 553 16.21 -18.39 -4.18
N THR B 554 15.27 -19.32 -3.96
CA THR B 554 14.49 -19.98 -5.05
C THR B 554 13.68 -18.92 -5.81
N ALA B 555 13.01 -18.03 -5.08
CA ALA B 555 12.16 -16.94 -5.60
C ALA B 555 12.96 -16.06 -6.56
N ILE B 556 14.28 -15.94 -6.37
CA ILE B 556 15.20 -15.27 -7.35
C ILE B 556 15.21 -16.14 -8.62
N GLN B 557 15.78 -17.34 -8.54
CA GLN B 557 15.87 -18.33 -9.64
C GLN B 557 14.58 -18.26 -10.49
N LEU B 558 13.44 -18.55 -9.84
CA LEU B 558 12.11 -18.62 -10.51
C LEU B 558 11.82 -17.31 -11.26
N PHE B 559 12.07 -16.17 -10.63
CA PHE B 559 11.91 -14.85 -11.28
C PHE B 559 12.81 -14.83 -12.52
N ILE B 560 14.12 -15.00 -12.30
CA ILE B 560 15.18 -14.89 -13.36
C ILE B 560 14.83 -15.81 -14.54
N ALA B 561 14.18 -16.95 -14.32
CA ALA B 561 13.64 -17.77 -15.43
C ALA B 561 12.56 -16.98 -16.19
N ASP B 562 11.46 -16.66 -15.49
CA ASP B 562 10.26 -15.96 -16.02
C ASP B 562 10.71 -14.73 -16.81
N TYR B 563 11.69 -13.98 -16.26
CA TYR B 563 12.30 -12.77 -16.88
C TYR B 563 12.93 -13.14 -18.21
N ARG B 564 13.80 -14.16 -18.20
CA ARG B 564 14.59 -14.61 -19.38
C ARG B 564 13.64 -15.14 -20.47
N TYR B 565 12.57 -15.84 -20.08
CA TYR B 565 11.55 -16.35 -21.03
C TYR B 565 10.67 -15.19 -21.55
N THR B 566 10.25 -14.29 -20.67
CA THR B 566 9.34 -13.16 -20.99
C THR B 566 10.04 -12.18 -21.93
N TYR B 567 11.24 -11.72 -21.57
CA TYR B 567 12.03 -10.74 -22.34
C TYR B 567 13.00 -11.47 -23.28
N LYS B 568 12.79 -12.77 -23.50
CA LYS B 568 13.51 -13.61 -24.48
C LYS B 568 15.01 -13.23 -24.45
N CYS B 569 15.64 -13.37 -23.29
CA CYS B 569 17.01 -12.87 -23.01
C CYS B 569 17.78 -13.90 -22.16
N HIS B 570 17.97 -15.10 -22.71
CA HIS B 570 18.67 -16.23 -22.04
C HIS B 570 20.18 -15.95 -22.04
N ARG B 571 20.92 -16.62 -21.14
CA ARG B 571 22.39 -16.49 -21.04
C ARG B 571 23.01 -16.53 -22.44
N GLY B 572 23.92 -15.59 -22.72
CA GLY B 572 24.70 -15.52 -23.98
C GLY B 572 25.39 -16.83 -24.32
N ASP B 573 25.79 -17.61 -23.31
CA ASP B 573 26.48 -18.90 -23.50
C ASP B 573 25.47 -20.05 -23.64
N SER B 574 24.17 -19.79 -23.42
CA SER B 574 23.08 -20.76 -23.67
C SER B 574 22.94 -20.94 -25.18
N LYS B 575 22.30 -22.04 -25.61
CA LYS B 575 22.07 -22.35 -27.04
C LYS B 575 20.57 -22.27 -27.35
N VAL B 576 19.81 -21.52 -26.55
CA VAL B 576 18.37 -21.22 -26.79
C VAL B 576 18.30 -20.35 -28.05
N GLU B 577 17.62 -20.84 -29.09
CA GLU B 577 17.46 -20.13 -30.39
C GLU B 577 16.38 -19.07 -30.23
N GLY B 578 16.48 -17.99 -31.02
CA GLY B 578 15.60 -16.82 -30.94
C GLY B 578 16.17 -15.67 -31.75
N LYS B 579 15.36 -14.64 -32.03
CA LYS B 579 15.74 -13.49 -32.89
C LYS B 579 16.70 -12.58 -32.10
N ARG B 580 16.34 -12.23 -30.87
CA ARG B 580 17.18 -11.42 -29.94
C ARG B 580 18.41 -12.22 -29.50
N MET B 581 18.20 -13.52 -29.28
CA MET B 581 19.26 -14.47 -28.82
C MET B 581 20.42 -14.49 -29.82
N LYS B 582 20.15 -14.33 -31.11
CA LYS B 582 21.19 -14.31 -32.18
C LYS B 582 22.18 -13.16 -31.90
N ILE B 583 21.68 -11.97 -31.57
CA ILE B 583 22.54 -10.77 -31.28
C ILE B 583 23.09 -10.91 -29.85
N ILE B 584 22.27 -11.38 -28.90
CA ILE B 584 22.71 -11.63 -27.50
C ILE B 584 23.96 -12.53 -27.52
N LYS B 585 23.97 -13.57 -28.36
CA LYS B 585 25.10 -14.53 -28.49
C LYS B 585 26.33 -13.83 -29.08
N GLU B 586 26.13 -12.89 -30.01
CA GLU B 586 27.22 -12.08 -30.63
C GLU B 586 27.80 -11.14 -29.57
N LEU B 587 26.94 -10.52 -28.75
CA LEU B 587 27.36 -9.65 -27.63
C LEU B 587 28.23 -10.44 -26.66
N TRP B 588 27.82 -11.66 -26.31
CA TRP B 588 28.55 -12.58 -25.41
C TRP B 588 29.98 -12.84 -25.93
N GLU B 589 30.12 -13.08 -27.23
CA GLU B 589 31.42 -13.35 -27.90
C GLU B 589 32.24 -12.05 -27.98
N ASN B 590 31.59 -10.94 -28.35
CA ASN B 590 32.26 -9.61 -28.52
C ASN B 590 32.76 -9.08 -27.17
N THR B 591 32.02 -9.32 -26.09
CA THR B 591 32.26 -8.76 -24.74
C THR B 591 33.35 -9.55 -24.01
N LYS B 592 34.24 -8.85 -23.30
CA LYS B 592 35.31 -9.43 -22.46
C LYS B 592 34.80 -9.60 -21.02
N GLY B 593 34.37 -8.49 -20.40
CA GLY B 593 33.72 -8.48 -19.07
C GLY B 593 32.28 -8.93 -19.17
N ARG B 594 32.06 -10.25 -19.21
CA ARG B 594 30.72 -10.87 -19.45
C ARG B 594 29.89 -10.82 -18.16
N ASP B 595 30.55 -10.86 -17.00
CA ASP B 595 29.89 -10.71 -15.67
C ASP B 595 29.34 -9.29 -15.53
N GLY B 596 29.85 -8.33 -16.31
CA GLY B 596 29.38 -6.93 -16.35
C GLY B 596 28.09 -6.77 -17.14
N LEU B 597 27.74 -7.73 -17.99
CA LEU B 597 26.51 -7.69 -18.83
C LEU B 597 25.28 -7.91 -17.94
N LEU B 598 24.22 -7.12 -18.16
CA LEU B 598 22.91 -7.28 -17.48
C LEU B 598 22.25 -8.57 -18.00
N VAL B 599 21.39 -9.17 -17.18
CA VAL B 599 20.64 -10.41 -17.53
C VAL B 599 19.95 -10.21 -18.88
N ALA B 600 19.34 -9.03 -19.08
CA ALA B 600 18.59 -8.64 -20.29
C ALA B 600 19.51 -8.60 -21.52
N ASP B 601 20.82 -8.51 -21.33
CA ASP B 601 21.83 -8.59 -22.42
C ASP B 601 22.46 -10.00 -22.42
N GLY B 602 21.69 -10.99 -21.96
CA GLY B 602 22.15 -12.39 -21.81
C GLY B 602 23.26 -12.51 -20.79
N GLY B 603 23.36 -11.55 -19.86
CA GLY B 603 24.38 -11.55 -18.80
C GLY B 603 24.05 -12.59 -17.72
N PRO B 604 25.01 -12.93 -16.85
CA PRO B 604 24.74 -13.85 -15.74
C PRO B 604 24.10 -13.12 -14.56
N ASN B 605 23.13 -13.78 -13.90
CA ASN B 605 22.47 -13.26 -12.67
C ASN B 605 23.45 -13.35 -11.50
N ILE B 606 23.72 -12.22 -10.84
CA ILE B 606 24.67 -12.13 -9.69
C ILE B 606 23.91 -11.75 -8.41
N TYR B 607 22.58 -11.72 -8.47
CA TYR B 607 21.70 -11.38 -7.32
C TYR B 607 21.69 -12.54 -6.32
N ASN B 608 21.65 -12.20 -5.03
CA ASN B 608 21.47 -13.12 -3.88
C ASN B 608 20.76 -12.33 -2.78
N LEU B 609 20.49 -12.94 -1.63
CA LEU B 609 19.72 -12.33 -0.51
C LEU B 609 20.27 -10.93 -0.21
N ARG B 610 21.60 -10.80 -0.10
CA ARG B 610 22.27 -9.61 0.51
C ARG B 610 22.18 -8.37 -0.39
N ASN B 611 22.16 -8.52 -1.72
CA ASN B 611 22.29 -7.36 -2.66
C ASN B 611 20.97 -7.06 -3.37
N LEU B 612 19.87 -7.74 -2.99
CA LEU B 612 18.52 -7.59 -3.59
C LEU B 612 18.18 -6.10 -3.75
N HIS B 613 18.63 -5.25 -2.82
CA HIS B 613 18.26 -3.81 -2.73
C HIS B 613 19.16 -2.91 -3.59
N ILE B 614 20.14 -3.47 -4.31
CA ILE B 614 21.04 -2.66 -5.20
C ILE B 614 20.59 -2.80 -6.65
N PRO B 615 20.55 -1.69 -7.43
CA PRO B 615 20.32 -1.77 -8.87
C PRO B 615 21.40 -2.56 -9.63
N GLU B 616 20.94 -3.46 -10.51
CA GLU B 616 21.76 -4.39 -11.33
C GLU B 616 22.84 -3.58 -12.07
N ILE B 617 22.44 -2.44 -12.62
CA ILE B 617 23.33 -1.54 -13.41
C ILE B 617 24.43 -1.03 -12.49
N VAL B 618 24.12 -0.78 -11.21
CA VAL B 618 25.07 -0.25 -10.19
C VAL B 618 25.95 -1.40 -9.70
N LEU B 619 25.39 -2.61 -9.54
CA LEU B 619 26.15 -3.81 -9.12
C LEU B 619 27.26 -4.11 -10.14
N LYS B 620 26.93 -4.07 -11.43
CA LYS B 620 27.81 -4.56 -12.53
C LYS B 620 28.67 -3.43 -13.12
N TYR B 621 28.28 -2.16 -12.92
CA TYR B 621 28.95 -0.96 -13.52
C TYR B 621 30.48 -1.12 -13.49
N ASN B 622 31.03 -1.56 -12.35
CA ASN B 622 32.49 -1.64 -12.08
C ASN B 622 33.17 -2.63 -13.03
N LEU B 623 32.48 -3.72 -13.40
CA LEU B 623 33.08 -4.85 -14.17
C LEU B 623 32.43 -4.91 -15.57
N MET B 624 31.90 -3.78 -16.06
CA MET B 624 31.42 -3.59 -17.46
C MET B 624 32.61 -3.25 -18.35
N ASP B 625 32.49 -3.51 -19.66
CA ASP B 625 33.37 -2.95 -20.71
C ASP B 625 32.99 -1.49 -20.90
N PRO B 626 33.95 -0.59 -21.20
CA PRO B 626 33.65 0.84 -21.36
C PRO B 626 32.70 1.10 -22.54
N GLU B 627 32.92 0.41 -23.66
CA GLU B 627 32.08 0.51 -24.89
C GLU B 627 30.65 0.05 -24.57
N TYR B 628 30.50 -1.07 -23.85
CA TYR B 628 29.19 -1.66 -23.47
C TYR B 628 28.40 -0.67 -22.60
N LYS B 629 29.00 -0.14 -21.53
CA LYS B 629 28.34 0.84 -20.64
C LYS B 629 28.10 2.13 -21.44
N GLY B 630 29.07 2.52 -22.25
CA GLY B 630 28.98 3.68 -23.18
C GLY B 630 27.73 3.61 -24.05
N ARG B 631 27.36 2.42 -24.50
CA ARG B 631 26.09 2.17 -25.24
C ARG B 631 24.93 2.14 -24.23
N LEU B 632 24.95 1.17 -23.32
CA LEU B 632 23.87 0.87 -22.33
C LEU B 632 23.33 2.14 -21.69
N LEU B 633 24.22 3.12 -21.42
CA LEU B 633 23.91 4.37 -20.69
C LEU B 633 24.12 5.59 -21.58
N HIS B 634 23.93 5.47 -22.90
CA HIS B 634 24.07 6.60 -23.85
C HIS B 634 23.12 7.72 -23.45
N PRO B 635 23.61 8.95 -23.15
CA PRO B 635 22.78 10.04 -22.64
C PRO B 635 21.58 10.40 -23.52
N GLN B 636 21.77 10.42 -24.85
CA GLN B 636 20.71 10.68 -25.86
C GLN B 636 20.42 9.40 -26.63
N ASN B 637 20.09 8.30 -25.94
CA ASN B 637 19.64 7.03 -26.57
C ASN B 637 18.18 7.21 -26.98
N PRO B 638 17.72 6.52 -28.05
CA PRO B 638 16.37 6.73 -28.59
C PRO B 638 15.25 5.95 -27.89
N PHE B 639 15.59 5.00 -27.00
CA PHE B 639 14.65 4.05 -26.39
C PHE B 639 13.89 4.72 -25.23
N VAL B 640 14.56 5.60 -24.49
CA VAL B 640 14.02 6.27 -23.26
C VAL B 640 13.31 7.56 -23.68
N GLY B 641 13.97 8.38 -24.50
CA GLY B 641 13.45 9.68 -24.97
C GLY B 641 13.77 10.79 -23.97
N HIS B 642 14.86 11.52 -24.22
CA HIS B 642 15.39 12.61 -23.34
C HIS B 642 15.01 13.96 -23.94
N LEU B 643 15.92 14.95 -23.84
CA LEU B 643 15.75 16.32 -24.43
C LEU B 643 16.50 16.39 -25.75
N SER B 644 16.49 17.56 -26.40
CA SER B 644 17.12 17.81 -27.73
C SER B 644 18.62 18.11 -27.59
N ILE B 645 18.97 19.01 -26.66
CA ILE B 645 20.37 19.50 -26.42
C ILE B 645 20.99 19.92 -27.74
N LYS B 649 20.59 21.62 -30.51
CA LYS B 649 19.61 21.26 -31.57
C LYS B 649 18.18 21.58 -31.09
N GLU B 650 17.34 22.11 -31.98
CA GLU B 650 15.90 22.42 -31.72
C GLU B 650 15.14 22.44 -33.05
N ALA B 651 14.76 21.25 -33.56
CA ALA B 651 14.04 21.06 -34.84
C ALA B 651 12.53 21.22 -34.60
N ASP B 652 11.85 20.13 -34.23
CA ASP B 652 10.40 20.11 -33.87
C ASP B 652 10.09 18.77 -33.19
N ILE B 653 10.88 18.42 -32.17
CA ILE B 653 10.80 17.12 -31.43
C ILE B 653 9.66 17.22 -30.41
N THR B 654 8.44 16.79 -30.81
CA THR B 654 7.19 16.96 -30.02
C THR B 654 6.38 15.67 -30.07
N PRO B 655 6.69 14.69 -29.19
CA PRO B 655 5.88 13.47 -29.02
C PRO B 655 4.86 13.59 -27.89
N ALA B 656 3.87 12.69 -27.87
CA ALA B 656 2.80 12.61 -26.83
C ALA B 656 3.36 11.99 -25.55
N HIS B 657 4.34 12.67 -24.93
CA HIS B 657 5.09 12.21 -23.74
C HIS B 657 4.29 12.55 -22.47
N GLY B 658 3.83 11.53 -21.74
CA GLY B 658 3.09 11.69 -20.48
C GLY B 658 3.99 12.19 -19.35
N PRO B 659 3.43 12.68 -18.22
CA PRO B 659 4.25 13.22 -17.12
C PRO B 659 5.08 12.13 -16.42
N VAL B 660 6.40 12.36 -16.31
CA VAL B 660 7.38 11.39 -15.74
C VAL B 660 7.12 11.28 -14.24
N LYS B 661 6.69 10.10 -13.79
CA LYS B 661 6.19 9.82 -12.41
C LYS B 661 7.37 9.52 -11.48
N LYS B 662 7.08 9.23 -10.21
CA LYS B 662 8.09 8.92 -9.15
C LYS B 662 7.77 7.55 -8.55
N MET B 663 8.20 6.47 -9.22
CA MET B 663 7.91 5.06 -8.81
C MET B 663 8.87 4.64 -7.69
N ASP B 664 8.43 3.70 -6.84
CA ASP B 664 9.14 3.27 -5.60
C ASP B 664 10.44 2.53 -5.97
N TYR B 665 10.40 1.68 -6.99
CA TYR B 665 11.53 0.83 -7.43
C TYR B 665 12.73 1.71 -7.84
N ASP B 666 13.93 1.33 -7.39
CA ASP B 666 15.21 2.01 -7.70
C ASP B 666 15.92 1.27 -8.83
N ALA B 667 16.00 1.89 -10.01
CA ALA B 667 16.70 1.37 -11.21
C ALA B 667 17.24 2.53 -12.05
N VAL B 668 18.43 2.36 -12.62
CA VAL B 668 19.15 3.39 -13.43
C VAL B 668 18.47 3.51 -14.80
N SER B 669 18.45 4.71 -15.38
CA SER B 669 17.85 5.02 -16.71
C SER B 669 18.86 4.69 -17.82
N GLY B 670 18.67 3.55 -18.49
CA GLY B 670 19.52 3.06 -19.59
C GLY B 670 18.68 2.47 -20.71
N THR B 671 19.33 1.89 -21.73
CA THR B 671 18.67 1.44 -22.99
C THR B 671 17.51 0.46 -22.69
N HIS B 672 17.57 -0.29 -21.59
CA HIS B 672 16.55 -1.29 -21.19
C HIS B 672 15.35 -0.64 -20.49
N SER B 673 15.35 0.70 -20.37
CA SER B 673 14.24 1.49 -19.75
C SER B 673 13.33 2.03 -20.86
N TRP B 674 12.92 1.16 -21.79
CA TRP B 674 12.17 1.53 -23.02
C TRP B 674 10.66 1.61 -22.71
N ARG B 675 9.87 2.06 -23.69
CA ARG B 675 8.38 2.10 -23.62
C ARG B 675 7.80 1.34 -24.82
N THR B 676 6.67 0.66 -24.59
CA THR B 676 5.93 -0.15 -25.60
C THR B 676 5.16 0.80 -26.53
N LYS B 677 4.88 0.35 -27.75
CA LYS B 677 4.04 1.09 -28.75
C LYS B 677 2.60 1.09 -28.28
N ARG B 678 1.84 2.13 -28.61
CA ARG B 678 0.43 2.32 -28.18
C ARG B 678 -0.48 1.39 -28.99
N ASN B 679 -1.39 0.70 -28.30
CA ASN B 679 -2.51 -0.08 -28.88
C ASN B 679 -3.20 0.80 -29.93
N ARG B 680 -3.23 0.34 -31.18
CA ARG B 680 -3.64 1.13 -32.37
C ARG B 680 -5.02 0.68 -32.87
N SER B 681 -5.73 -0.16 -32.10
CA SER B 681 -7.18 -0.45 -32.29
C SER B 681 -7.92 0.84 -32.60
N ILE B 682 -7.50 1.95 -31.97
CA ILE B 682 -8.11 3.31 -32.10
C ILE B 682 -8.08 3.79 -33.56
N LEU B 683 -7.08 3.38 -34.36
CA LEU B 683 -6.90 3.86 -35.77
C LEU B 683 -8.08 3.39 -36.65
N ASN B 684 -8.74 2.28 -36.29
CA ASN B 684 -9.87 1.71 -37.09
C ASN B 684 -11.15 2.51 -36.81
N THR B 685 -11.44 2.79 -35.54
CA THR B 685 -12.68 3.48 -35.08
C THR B 685 -12.58 4.98 -35.38
N ASP B 686 -13.69 5.70 -35.22
CA ASP B 686 -13.80 7.16 -35.51
C ASP B 686 -13.15 7.97 -34.38
N GLN B 687 -12.75 7.33 -33.28
CA GLN B 687 -12.04 7.96 -32.14
C GLN B 687 -10.67 8.49 -32.60
N ARG B 688 -10.15 8.02 -33.74
CA ARG B 688 -8.96 8.58 -34.43
C ARG B 688 -8.77 10.04 -34.02
N ASN B 689 -9.81 10.85 -34.23
CA ASN B 689 -9.85 12.32 -34.00
C ASN B 689 -9.05 12.70 -32.76
N MET B 690 -9.24 11.98 -31.65
CA MET B 690 -8.65 12.32 -30.32
C MET B 690 -7.12 12.36 -30.39
N ILE B 691 -6.49 11.58 -31.28
CA ILE B 691 -5.01 11.53 -31.43
C ILE B 691 -4.49 12.93 -31.78
N LEU B 692 -5.21 13.66 -32.63
CA LEU B 692 -4.86 15.04 -33.07
C LEU B 692 -5.02 15.99 -31.87
N GLU B 693 -6.14 15.86 -31.14
CA GLU B 693 -6.43 16.65 -29.91
C GLU B 693 -5.30 16.44 -28.89
N GLU B 694 -4.84 15.20 -28.72
CA GLU B 694 -3.69 14.83 -27.87
C GLU B 694 -2.43 15.51 -28.42
N GLN B 695 -2.03 15.15 -29.65
CA GLN B 695 -0.78 15.62 -30.31
C GLN B 695 -0.77 17.14 -30.44
N CYS B 696 -1.91 17.81 -30.20
CA CYS B 696 -1.98 19.28 -30.02
C CYS B 696 -1.49 19.64 -28.62
N TYR B 697 -2.19 19.18 -27.58
CA TYR B 697 -1.87 19.47 -26.15
C TYR B 697 -0.39 19.13 -25.90
N ALA B 698 0.03 17.97 -26.40
CA ALA B 698 1.44 17.50 -26.40
C ALA B 698 2.36 18.63 -26.87
N LYS B 699 2.07 19.21 -28.03
CA LYS B 699 2.88 20.30 -28.63
C LYS B 699 2.96 21.46 -27.62
N CYS B 700 1.80 21.95 -27.15
CA CYS B 700 1.68 23.10 -26.23
C CYS B 700 2.49 22.84 -24.95
N CYS B 701 2.35 21.65 -24.35
CA CYS B 701 3.04 21.26 -23.09
C CYS B 701 4.55 21.12 -23.34
N ASN B 702 4.94 20.24 -24.25
CA ASN B 702 6.35 19.91 -24.59
C ASN B 702 7.15 21.21 -24.77
N LEU B 703 6.57 22.21 -25.46
CA LEU B 703 7.23 23.53 -25.69
C LEU B 703 7.30 24.30 -24.38
N PHE B 704 6.19 24.36 -23.62
CA PHE B 704 6.11 25.01 -22.29
C PHE B 704 7.24 24.47 -21.40
N GLU B 705 7.49 23.16 -21.47
CA GLU B 705 8.56 22.47 -20.69
C GLU B 705 9.95 22.91 -21.18
N ALA B 706 10.09 23.28 -22.44
CA ALA B 706 11.35 23.78 -23.03
C ALA B 706 11.62 25.21 -22.53
N CYS B 707 10.56 25.96 -22.22
CA CYS B 707 10.62 27.34 -21.64
C CYS B 707 10.86 27.25 -20.13
N PHE B 708 10.12 26.38 -19.44
CA PHE B 708 10.22 26.14 -17.97
C PHE B 708 10.60 24.68 -17.71
N ASN B 709 11.87 24.42 -17.42
CA ASN B 709 12.42 23.05 -17.22
C ASN B 709 11.89 22.45 -15.90
N SER B 710 11.53 23.31 -14.94
CA SER B 710 11.04 22.94 -13.58
C SER B 710 9.62 22.35 -13.64
N ALA B 711 8.91 22.54 -14.76
CA ALA B 711 7.51 22.07 -14.98
C ALA B 711 7.45 20.54 -14.88
N SER B 712 8.45 19.84 -15.44
CA SER B 712 8.61 18.37 -15.35
C SER B 712 8.66 17.93 -13.89
N TYR B 713 9.50 18.60 -13.08
CA TYR B 713 9.74 18.26 -11.65
C TYR B 713 8.54 18.67 -10.79
N ARG B 714 8.28 19.98 -10.68
CA ARG B 714 7.23 20.56 -9.78
C ARG B 714 6.12 21.21 -10.61
N LYS B 715 4.87 21.07 -10.14
CA LYS B 715 3.65 21.64 -10.77
C LYS B 715 3.80 23.16 -10.86
N PRO B 716 3.76 23.75 -12.07
CA PRO B 716 3.75 25.21 -12.20
C PRO B 716 2.40 25.80 -11.76
N VAL B 717 2.43 26.99 -11.16
CA VAL B 717 1.24 27.68 -10.57
C VAL B 717 1.04 29.01 -11.31
N GLY B 718 -0.22 29.40 -11.52
CA GLY B 718 -0.59 30.66 -12.21
C GLY B 718 -1.96 30.56 -12.84
N GLN B 719 -2.78 31.61 -12.70
CA GLN B 719 -4.14 31.72 -13.29
C GLN B 719 -4.07 32.54 -14.59
N HIS B 720 -2.88 33.05 -14.92
CA HIS B 720 -2.57 33.76 -16.19
C HIS B 720 -2.44 32.75 -17.33
N SER B 721 -2.40 33.23 -18.57
CA SER B 721 -2.30 32.42 -19.82
C SER B 721 -0.95 31.70 -19.89
N MET B 722 -0.91 30.52 -20.49
CA MET B 722 0.34 29.75 -20.80
C MET B 722 1.20 30.57 -21.78
N LEU B 723 0.55 31.14 -22.80
CA LEU B 723 1.19 31.98 -23.84
C LEU B 723 1.85 33.20 -23.17
N GLU B 724 1.14 33.86 -22.26
CA GLU B 724 1.63 35.03 -21.48
C GLU B 724 2.92 34.64 -20.75
N ALA B 725 2.89 33.52 -20.01
CA ALA B 725 4.02 32.95 -19.26
C ALA B 725 5.19 32.72 -20.22
N MET B 726 4.96 31.92 -21.26
CA MET B 726 6.02 31.53 -22.24
C MET B 726 6.63 32.79 -22.88
N ALA B 727 5.79 33.74 -23.29
CA ALA B 727 6.18 35.01 -23.94
C ALA B 727 7.22 35.74 -23.08
N HIS B 728 6.83 36.09 -21.84
CA HIS B 728 7.65 36.89 -20.90
C HIS B 728 9.01 36.21 -20.66
N ARG B 729 8.99 34.89 -20.41
CA ARG B 729 10.22 34.10 -20.14
C ARG B 729 11.18 34.22 -21.33
N LEU B 730 10.69 33.92 -22.54
CA LEU B 730 11.47 33.98 -23.81
C LEU B 730 11.97 35.42 -24.03
N ARG B 731 11.10 36.41 -23.76
CA ARG B 731 11.43 37.85 -23.90
C ARG B 731 12.67 38.18 -23.04
N MET B 732 12.67 37.75 -21.76
CA MET B 732 13.82 37.93 -20.84
C MET B 732 15.02 37.13 -21.37
N ASP B 733 14.82 35.83 -21.60
CA ASP B 733 15.85 34.90 -22.14
C ASP B 733 16.60 35.59 -23.28
N ALA B 734 15.86 36.17 -24.24
CA ALA B 734 16.40 36.84 -25.45
C ALA B 734 17.24 38.06 -25.05
N ARG B 735 16.66 38.95 -24.22
CA ARG B 735 17.29 40.21 -23.74
C ARG B 735 18.63 39.86 -23.05
N LEU B 736 18.58 38.96 -22.07
CA LEU B 736 19.76 38.58 -21.25
C LEU B 736 20.76 37.80 -22.12
N ASP B 737 20.27 37.01 -23.08
CA ASP B 737 21.10 36.30 -24.10
C ASP B 737 21.84 37.32 -24.97
N TYR B 738 21.19 38.44 -25.32
CA TYR B 738 21.80 39.53 -26.11
C TYR B 738 22.81 40.29 -25.25
N GLU B 739 22.36 40.83 -24.11
CA GLU B 739 23.18 41.72 -23.23
C GLU B 739 24.40 40.96 -22.68
N SER B 740 24.27 39.64 -22.45
CA SER B 740 25.38 38.77 -21.99
C SER B 740 26.37 38.51 -23.14
N GLY B 741 25.85 38.28 -24.36
CA GLY B 741 26.64 38.03 -25.57
C GLY B 741 26.50 36.61 -26.10
N ARG B 742 25.51 35.85 -25.61
CA ARG B 742 25.14 34.51 -26.12
C ARG B 742 24.45 34.64 -27.49
N MET B 743 23.73 35.75 -27.71
CA MET B 743 22.94 36.02 -28.94
C MET B 743 23.51 37.26 -29.64
N SER B 744 23.37 37.34 -30.98
CA SER B 744 23.85 38.44 -31.84
C SER B 744 22.70 39.41 -32.14
N LYS B 745 23.02 40.59 -32.69
CA LYS B 745 22.07 41.69 -33.01
C LYS B 745 21.04 41.19 -34.03
N ASP B 746 21.52 40.62 -35.14
CA ASP B 746 20.70 40.03 -36.22
C ASP B 746 19.67 39.06 -35.62
N ASP B 747 20.10 38.22 -34.68
CA ASP B 747 19.25 37.21 -34.00
C ASP B 747 18.27 37.92 -33.05
N PHE B 748 18.76 38.88 -32.27
CA PHE B 748 17.95 39.63 -31.26
C PHE B 748 16.81 40.38 -31.96
N GLU B 749 17.12 41.07 -33.06
CA GLU B 749 16.11 41.77 -33.91
C GLU B 749 15.00 40.78 -34.26
N LYS B 750 15.37 39.61 -34.79
CA LYS B 750 14.44 38.51 -35.15
C LYS B 750 13.64 38.10 -33.90
N ALA B 751 14.31 37.87 -32.78
CA ALA B 751 13.70 37.45 -31.49
C ALA B 751 12.61 38.44 -31.08
N MET B 752 12.95 39.73 -30.96
CA MET B 752 12.02 40.81 -30.52
C MET B 752 10.92 41.03 -31.58
N ALA B 753 11.26 40.88 -32.86
CA ALA B 753 10.30 41.01 -34.00
C ALA B 753 9.25 39.90 -33.92
N HIS B 754 9.68 38.64 -33.78
CA HIS B 754 8.82 37.43 -33.69
C HIS B 754 7.94 37.52 -32.43
N LEU B 755 8.54 37.85 -31.27
CA LEU B 755 7.82 38.02 -29.99
C LEU B 755 6.84 39.20 -30.09
N GLY B 756 7.21 40.24 -30.84
CA GLY B 756 6.35 41.40 -31.14
C GLY B 756 5.02 40.98 -31.75
N GLU B 757 5.04 39.96 -32.63
CA GLU B 757 3.84 39.44 -33.36
C GLU B 757 2.83 38.84 -32.39
N ILE B 758 3.25 38.53 -31.16
CA ILE B 758 2.39 37.98 -30.07
C ILE B 758 2.08 39.10 -29.07
N GLY C 9 22.44 29.57 -27.78
CA GLY C 9 21.33 30.32 -28.44
C GLY C 9 20.11 29.45 -28.70
N MET C 10 19.68 28.66 -27.69
CA MET C 10 18.46 27.81 -27.74
C MET C 10 17.21 28.71 -27.75
N THR C 11 17.31 29.92 -27.18
CA THR C 11 16.23 30.94 -27.08
C THR C 11 15.57 31.17 -28.44
N LEU C 12 16.37 31.46 -29.47
CA LEU C 12 15.90 31.81 -30.84
C LEU C 12 14.97 30.72 -31.36
N ALA C 13 15.41 29.46 -31.28
CA ALA C 13 14.72 28.25 -31.80
C ALA C 13 13.33 28.11 -31.15
N LYS C 14 13.24 28.34 -29.83
CA LYS C 14 11.97 28.25 -29.05
C LYS C 14 10.97 29.28 -29.59
N ILE C 15 11.42 30.54 -29.74
CA ILE C 15 10.63 31.66 -30.31
C ILE C 15 10.19 31.28 -31.73
N GLU C 16 11.13 30.75 -32.54
CA GLU C 16 10.84 30.29 -33.93
C GLU C 16 9.75 29.20 -33.90
N LEU C 17 9.85 28.23 -32.98
CA LEU C 17 8.88 27.11 -32.84
C LEU C 17 7.52 27.63 -32.36
N LEU C 18 7.52 28.62 -31.45
CA LEU C 18 6.28 29.25 -30.92
C LEU C 18 5.47 29.84 -32.08
N LYS C 19 6.14 30.55 -33.00
CA LYS C 19 5.52 31.14 -34.21
C LYS C 19 4.92 30.03 -35.08
N GLN C 20 5.65 28.91 -35.26
CA GLN C 20 5.17 27.71 -35.99
C GLN C 20 3.89 27.18 -35.31
N LEU C 21 3.94 26.99 -33.99
CA LEU C 21 2.84 26.41 -33.18
C LEU C 21 1.61 27.32 -33.22
N LEU C 22 1.82 28.64 -33.17
CA LEU C 22 0.73 29.66 -33.08
C LEU C 22 0.00 29.80 -34.42
N ARG C 23 0.51 29.21 -35.51
CA ARG C 23 -0.15 29.20 -36.85
C ARG C 23 -1.34 28.23 -36.81
N ASP C 24 -1.26 27.17 -35.99
CA ASP C 24 -2.40 26.25 -35.71
C ASP C 24 -3.36 26.97 -34.75
N ASN C 25 -4.54 27.36 -35.24
CA ASN C 25 -5.54 28.16 -34.48
C ASN C 25 -6.09 27.31 -33.33
N GLU C 26 -6.10 25.99 -33.48
CA GLU C 26 -6.51 25.03 -32.42
C GLU C 26 -5.49 25.05 -31.28
N ALA C 27 -4.19 25.12 -31.63
CA ALA C 27 -3.07 25.23 -30.66
C ALA C 27 -3.09 26.61 -30.00
N LYS C 28 -3.18 27.67 -30.82
CA LYS C 28 -3.26 29.09 -30.35
C LYS C 28 -4.22 29.19 -29.18
N THR C 29 -5.48 28.77 -29.40
CA THR C 29 -6.60 28.90 -28.41
C THR C 29 -6.28 28.13 -27.14
N VAL C 30 -5.61 26.98 -27.23
CA VAL C 30 -5.17 26.17 -26.05
C VAL C 30 -4.21 27.02 -25.22
N LEU C 31 -3.17 27.58 -25.86
CA LEU C 31 -2.15 28.44 -25.20
C LEU C 31 -2.81 29.71 -24.65
N LYS C 32 -3.79 30.27 -25.36
CA LYS C 32 -4.48 31.53 -24.97
C LYS C 32 -5.42 31.27 -23.77
N GLN C 33 -6.15 30.16 -23.78
CA GLN C 33 -7.25 29.89 -22.80
C GLN C 33 -6.73 29.11 -21.60
N THR C 34 -5.99 28.01 -21.81
CA THR C 34 -5.49 27.10 -20.74
C THR C 34 -4.51 27.88 -19.85
N THR C 35 -4.81 27.96 -18.54
CA THR C 35 -3.97 28.66 -17.53
C THR C 35 -2.80 27.76 -17.14
N VAL C 36 -1.76 28.36 -16.56
CA VAL C 36 -0.51 27.65 -16.13
C VAL C 36 -0.90 26.52 -15.15
N ASP C 37 -1.91 26.75 -14.31
CA ASP C 37 -2.47 25.71 -13.39
C ASP C 37 -2.98 24.53 -14.22
N GLN C 38 -3.72 24.82 -15.29
CA GLN C 38 -4.46 23.82 -16.11
C GLN C 38 -3.48 23.02 -16.98
N TYR C 39 -2.25 23.51 -17.20
CA TYR C 39 -1.14 22.74 -17.82
C TYR C 39 -1.13 21.33 -17.20
N ASN C 40 -1.24 21.26 -15.87
CA ASN C 40 -1.17 20.01 -15.06
C ASN C 40 -2.31 19.06 -15.44
N ILE C 41 -3.40 19.58 -16.01
CA ILE C 41 -4.59 18.79 -16.44
C ILE C 41 -4.38 18.28 -17.87
N ILE C 42 -3.95 19.17 -18.79
CA ILE C 42 -3.80 18.85 -20.24
C ILE C 42 -2.52 18.01 -20.45
N ARG C 43 -1.54 18.09 -19.55
CA ARG C 43 -0.31 17.24 -19.61
C ARG C 43 -0.73 15.77 -19.53
N LYS C 44 -1.67 15.46 -18.63
CA LYS C 44 -2.12 14.08 -18.34
C LYS C 44 -3.16 13.63 -19.37
N PHE C 45 -3.72 14.54 -20.17
CA PHE C 45 -4.69 14.23 -21.26
C PHE C 45 -4.08 13.17 -22.19
N ASN C 46 -4.75 12.03 -22.34
CA ASN C 46 -4.35 10.96 -23.31
C ASN C 46 -5.55 10.12 -23.72
N THR C 47 -5.39 9.33 -24.80
CA THR C 47 -6.35 8.34 -25.32
C THR C 47 -6.21 7.05 -24.53
N SER C 48 -4.96 6.62 -24.34
CA SER C 48 -4.55 5.38 -23.61
C SER C 48 -5.42 5.17 -22.37
N ARG C 49 -6.11 4.03 -22.30
CA ARG C 49 -6.75 3.50 -21.07
C ARG C 49 -5.66 2.86 -20.20
N ILE C 50 -5.82 2.89 -18.88
CA ILE C 50 -4.80 2.42 -17.90
C ILE C 50 -4.76 0.89 -17.94
N GLU C 51 -3.59 0.32 -18.25
CA GLU C 51 -3.38 -1.13 -18.49
C GLU C 51 -3.56 -1.90 -17.18
N LYS C 52 -4.70 -2.60 -17.01
CA LYS C 52 -5.07 -3.25 -15.73
C LYS C 52 -4.27 -4.54 -15.53
N ASN C 53 -3.77 -5.17 -16.60
CA ASN C 53 -3.07 -6.48 -16.55
C ASN C 53 -1.74 -6.38 -17.30
N PRO C 54 -0.79 -5.55 -16.81
CA PRO C 54 0.45 -5.27 -17.55
C PRO C 54 1.40 -6.47 -17.65
N SER C 55 1.45 -7.29 -16.60
CA SER C 55 2.22 -8.57 -16.52
C SER C 55 1.93 -9.42 -17.76
N LEU C 56 0.64 -9.62 -18.05
CA LEU C 56 0.13 -10.36 -19.24
C LEU C 56 0.50 -9.60 -20.51
N ARG C 57 -0.02 -8.37 -20.64
CA ARG C 57 0.12 -7.53 -21.85
C ARG C 57 1.59 -7.49 -22.28
N MET C 58 2.52 -7.43 -21.32
CA MET C 58 3.99 -7.48 -21.59
C MET C 58 4.33 -8.86 -22.17
N LYS C 59 4.03 -9.94 -21.43
CA LYS C 59 4.34 -11.35 -21.82
C LYS C 59 3.86 -11.59 -23.25
N TRP C 60 2.64 -11.15 -23.57
CA TRP C 60 2.04 -11.23 -24.93
C TRP C 60 2.84 -10.36 -25.90
N ALA C 61 2.90 -9.04 -25.63
CA ALA C 61 3.46 -8.01 -26.53
C ALA C 61 4.92 -8.33 -26.90
N MET C 62 5.65 -9.08 -26.08
CA MET C 62 7.07 -9.45 -26.35
C MET C 62 7.15 -10.47 -27.50
N CYS C 63 6.05 -11.13 -27.85
CA CYS C 63 5.97 -12.10 -28.97
C CYS C 63 5.61 -11.39 -30.29
N SER C 64 5.24 -10.11 -30.24
CA SER C 64 4.94 -9.28 -31.43
C SER C 64 6.25 -8.83 -32.10
N ASN C 65 6.16 -8.38 -33.36
CA ASN C 65 7.34 -8.11 -34.23
C ASN C 65 8.01 -6.79 -33.85
N PHE C 66 7.23 -5.77 -33.48
CA PHE C 66 7.72 -4.40 -33.15
C PHE C 66 6.97 -3.86 -31.94
N PRO C 67 7.29 -4.32 -30.71
CA PRO C 67 6.55 -3.91 -29.51
C PRO C 67 6.95 -2.55 -28.93
N LEU C 68 8.14 -2.04 -29.26
CA LEU C 68 8.72 -0.79 -28.68
C LEU C 68 8.63 0.35 -29.68
N ALA C 69 8.70 1.60 -29.19
CA ALA C 69 8.62 2.85 -29.98
C ALA C 69 9.88 3.70 -29.71
N LEU C 70 10.65 4.03 -30.76
CA LEU C 70 11.81 4.95 -30.66
C LEU C 70 11.30 6.39 -30.63
N THR C 71 12.11 7.33 -30.14
CA THR C 71 11.89 8.80 -30.25
C THR C 71 12.45 9.28 -31.58
N LYS C 72 11.61 9.92 -32.40
CA LYS C 72 11.98 10.40 -33.76
C LYS C 72 13.18 11.34 -33.63
N GLY C 73 14.38 10.86 -33.97
CA GLY C 73 15.65 11.61 -33.89
C GLY C 73 16.74 10.98 -34.73
N ASP C 74 17.84 11.71 -34.92
CA ASP C 74 19.03 11.28 -35.71
C ASP C 74 19.59 9.98 -35.13
N MET C 75 19.52 9.81 -33.80
CA MET C 75 20.03 8.61 -33.08
C MET C 75 19.18 7.39 -33.45
N ALA C 76 17.85 7.52 -33.45
CA ALA C 76 16.90 6.46 -33.86
C ALA C 76 17.28 5.93 -35.26
N ASN C 77 17.77 6.83 -36.13
CA ASN C 77 18.14 6.54 -37.53
C ASN C 77 19.56 5.97 -37.61
N ARG C 78 20.26 5.79 -36.48
CA ARG C 78 21.57 5.11 -36.43
C ARG C 78 21.34 3.60 -36.24
N ILE C 79 20.12 3.22 -35.84
CA ILE C 79 19.68 1.78 -35.81
C ILE C 79 19.33 1.39 -37.24
N PRO C 80 19.94 0.31 -37.81
CA PRO C 80 19.57 -0.15 -39.14
C PRO C 80 18.22 -0.86 -39.14
N LEU C 81 17.55 -0.91 -40.31
CA LEU C 81 16.18 -1.47 -40.48
C LEU C 81 16.19 -2.98 -40.19
N GLU C 82 17.20 -3.69 -40.70
CA GLU C 82 17.42 -5.11 -40.37
C GLU C 82 18.92 -5.37 -40.14
N TYR C 83 19.23 -6.41 -39.36
CA TYR C 83 20.61 -6.88 -39.08
C TYR C 83 20.66 -8.40 -39.27
N LYS C 84 21.50 -8.86 -40.20
CA LYS C 84 21.70 -10.29 -40.54
C LYS C 84 20.34 -11.02 -40.54
N GLY C 85 19.39 -10.49 -41.32
CA GLY C 85 18.04 -11.08 -41.53
C GLY C 85 17.17 -10.98 -40.29
N ILE C 86 17.39 -9.98 -39.43
CA ILE C 86 16.52 -9.67 -38.27
C ILE C 86 15.95 -8.26 -38.46
N GLN C 87 14.65 -8.16 -38.72
CA GLN C 87 13.89 -6.88 -38.79
C GLN C 87 14.00 -6.18 -37.43
N LEU C 88 14.87 -5.16 -37.32
CA LEU C 88 15.15 -4.47 -36.03
C LEU C 88 14.07 -3.43 -35.76
N LYS C 89 13.69 -2.66 -36.77
CA LYS C 89 12.63 -1.62 -36.67
C LYS C 89 11.84 -1.56 -37.98
N THR C 90 10.62 -1.03 -37.90
CA THR C 90 9.68 -0.82 -39.03
C THR C 90 9.68 0.66 -39.41
N ASN C 91 9.07 1.00 -40.54
CA ASN C 91 8.88 2.39 -41.02
C ASN C 91 7.70 3.02 -40.27
N ALA C 92 6.68 2.22 -39.97
CA ALA C 92 5.45 2.63 -39.24
C ALA C 92 5.85 3.38 -37.97
N GLU C 93 5.25 4.56 -37.74
CA GLU C 93 5.52 5.45 -36.59
C GLU C 93 4.49 5.21 -35.49
N ASP C 94 4.93 5.14 -34.23
CA ASP C 94 4.05 4.97 -33.05
C ASP C 94 3.15 6.20 -32.91
N ILE C 95 1.95 6.02 -32.37
CA ILE C 95 0.96 7.11 -32.10
C ILE C 95 1.56 8.06 -31.05
N GLY C 96 2.20 7.49 -30.03
CA GLY C 96 2.76 8.21 -28.87
C GLY C 96 4.03 8.98 -29.20
N THR C 97 5.10 8.26 -29.53
CA THR C 97 6.47 8.83 -29.73
C THR C 97 6.53 9.56 -31.07
N LYS C 98 5.60 9.29 -31.98
CA LYS C 98 5.59 9.81 -33.37
C LYS C 98 6.94 9.47 -34.04
N GLY C 99 7.54 8.35 -33.63
CA GLY C 99 8.81 7.82 -34.16
C GLY C 99 8.67 6.36 -34.53
N GLN C 100 9.65 5.82 -35.26
CA GLN C 100 9.65 4.42 -35.76
C GLN C 100 9.47 3.46 -34.58
N MET C 101 8.73 2.38 -34.80
CA MET C 101 8.59 1.24 -33.84
C MET C 101 9.70 0.24 -34.12
N CYS C 102 9.99 -0.66 -33.18
CA CYS C 102 11.12 -1.62 -33.27
C CYS C 102 10.88 -2.87 -32.40
N SER C 103 11.69 -3.90 -32.65
CA SER C 103 11.73 -5.17 -31.88
C SER C 103 12.72 -5.02 -30.71
N ILE C 104 12.51 -5.80 -29.66
CA ILE C 104 13.43 -5.86 -28.47
C ILE C 104 14.86 -6.11 -28.95
N ALA C 105 15.03 -6.82 -30.07
CA ALA C 105 16.34 -7.10 -30.72
C ALA C 105 17.08 -5.80 -31.03
N ALA C 106 16.37 -4.70 -31.27
CA ALA C 106 16.95 -3.36 -31.53
C ALA C 106 17.79 -2.93 -30.33
N VAL C 107 17.25 -3.06 -29.12
CA VAL C 107 17.95 -2.74 -27.83
C VAL C 107 19.26 -3.52 -27.82
N THR C 108 19.16 -4.85 -27.96
CA THR C 108 20.30 -5.80 -27.95
C THR C 108 21.32 -5.36 -29.00
N TRP C 109 20.87 -4.98 -30.20
CA TRP C 109 21.76 -4.45 -31.27
C TRP C 109 22.48 -3.21 -30.73
N TRP C 110 21.72 -2.19 -30.31
CA TRP C 110 22.28 -0.91 -29.78
C TRP C 110 23.33 -1.20 -28.71
N ASN C 111 23.03 -2.09 -27.77
CA ASN C 111 23.93 -2.43 -26.62
C ASN C 111 25.19 -3.14 -27.12
N THR C 112 25.20 -3.65 -28.37
CA THR C 112 26.30 -4.47 -28.94
C THR C 112 27.14 -3.66 -29.93
N TYR C 113 26.51 -3.02 -30.92
CA TYR C 113 27.18 -2.29 -32.03
C TYR C 113 26.70 -0.83 -32.12
N GLY C 114 26.00 -0.33 -31.09
CA GLY C 114 25.49 1.06 -31.07
C GLY C 114 26.62 2.06 -30.89
N PRO C 115 26.34 3.38 -30.96
CA PRO C 115 27.35 4.40 -30.69
C PRO C 115 27.70 4.44 -29.19
N ILE C 116 28.94 4.78 -28.87
CA ILE C 116 29.50 4.77 -27.48
C ILE C 116 29.45 6.21 -26.93
N GLY C 117 28.39 6.52 -26.18
CA GLY C 117 28.14 7.86 -25.60
C GLY C 117 29.00 8.11 -24.37
N ASP C 118 29.06 9.37 -23.92
CA ASP C 118 29.88 9.81 -22.76
C ASP C 118 29.06 9.62 -21.47
N THR C 119 29.58 8.84 -20.52
CA THR C 119 28.97 8.54 -19.20
C THR C 119 29.73 9.29 -18.10
N GLU C 120 29.98 10.59 -18.31
CA GLU C 120 30.76 11.44 -17.37
C GLU C 120 29.83 11.87 -16.22
N GLY C 121 30.32 11.78 -14.98
CA GLY C 121 29.60 12.21 -13.77
C GLY C 121 28.55 11.21 -13.31
N PHE C 122 28.34 10.12 -14.07
CA PHE C 122 27.32 9.07 -13.80
C PHE C 122 27.36 8.67 -12.31
N GLU C 123 28.55 8.32 -11.82
CA GLU C 123 28.78 7.88 -10.41
C GLU C 123 28.45 9.03 -9.44
N ARG C 124 28.70 10.28 -9.82
CA ARG C 124 28.38 11.47 -8.98
C ARG C 124 26.86 11.69 -8.97
N VAL C 125 26.19 11.43 -10.08
CA VAL C 125 24.71 11.50 -10.23
C VAL C 125 24.07 10.41 -9.38
N TYR C 126 24.55 9.17 -9.51
CA TYR C 126 23.98 7.96 -8.85
C TYR C 126 24.81 7.58 -7.62
N GLU C 127 25.51 8.54 -7.00
CA GLU C 127 26.33 8.37 -5.77
C GLU C 127 25.51 7.62 -4.71
N SER C 128 24.30 8.12 -4.43
CA SER C 128 23.32 7.56 -3.47
C SER C 128 23.35 6.02 -3.53
N PHE C 129 23.23 5.45 -4.73
CA PHE C 129 23.18 3.98 -4.97
C PHE C 129 24.56 3.36 -4.79
N PHE C 130 25.62 4.03 -5.24
CA PHE C 130 27.02 3.51 -5.15
C PHE C 130 27.41 3.40 -3.67
N LEU C 131 26.98 4.34 -2.83
CA LEU C 131 27.17 4.26 -1.35
C LEU C 131 26.45 3.03 -0.81
N ARG C 132 25.18 2.83 -1.23
CA ARG C 132 24.31 1.68 -0.87
C ARG C 132 25.09 0.37 -1.08
N LYS C 133 25.81 0.26 -2.20
CA LYS C 133 26.64 -0.91 -2.57
C LYS C 133 27.92 -0.93 -1.73
N MET C 134 28.63 0.20 -1.69
CA MET C 134 29.89 0.39 -0.91
C MET C 134 29.70 -0.11 0.53
N ARG C 135 28.54 0.19 1.13
CA ARG C 135 28.18 -0.26 2.51
C ARG C 135 28.16 -1.79 2.56
N LEU C 136 27.41 -2.44 1.66
CA LEU C 136 27.34 -3.94 1.59
C LEU C 136 28.74 -4.51 1.36
N ASP C 137 29.52 -3.88 0.46
CA ASP C 137 30.86 -4.36 0.03
C ASP C 137 31.84 -4.28 1.20
N ASN C 138 31.94 -3.11 1.85
CA ASN C 138 32.88 -2.88 2.98
C ASN C 138 32.20 -3.23 4.30
N ALA C 139 31.43 -4.32 4.33
CA ALA C 139 30.71 -4.82 5.53
C ALA C 139 31.42 -6.07 6.06
N THR C 140 31.07 -6.51 7.27
CA THR C 140 31.59 -7.76 7.88
C THR C 140 30.42 -8.55 8.48
N TRP C 141 30.32 -9.83 8.13
CA TRP C 141 29.22 -10.74 8.54
C TRP C 141 29.68 -11.60 9.72
N GLY C 142 28.88 -11.62 10.79
CA GLY C 142 29.12 -12.44 11.99
C GLY C 142 28.51 -13.82 11.83
N ARG C 143 27.89 -14.34 12.89
CA ARG C 143 27.31 -15.70 12.96
C ARG C 143 25.79 -15.62 12.86
N ILE C 144 25.16 -16.64 12.26
CA ILE C 144 23.69 -16.86 12.35
C ILE C 144 23.41 -17.58 13.66
N THR C 145 22.30 -17.23 14.32
CA THR C 145 21.83 -17.79 15.61
C THR C 145 20.38 -18.24 15.43
N PHE C 146 20.06 -19.46 15.85
CA PHE C 146 18.71 -20.07 15.75
C PHE C 146 18.06 -20.02 17.13
N GLY C 147 16.94 -19.29 17.24
CA GLY C 147 16.22 -19.06 18.51
C GLY C 147 15.14 -18.00 18.35
N PRO C 148 14.22 -17.86 19.33
CA PRO C 148 13.09 -16.95 19.19
C PRO C 148 13.54 -15.49 19.08
N VAL C 149 12.95 -14.75 18.14
CA VAL C 149 13.12 -13.28 17.96
C VAL C 149 11.74 -12.65 18.04
N GLU C 150 11.56 -11.72 18.99
CA GLU C 150 10.32 -10.91 19.13
C GLU C 150 10.48 -9.67 18.25
N ARG C 151 9.98 -9.74 17.01
CA ARG C 151 10.00 -8.60 16.04
C ARG C 151 8.89 -7.62 16.42
N VAL C 152 9.19 -6.32 16.42
CA VAL C 152 8.24 -5.23 16.78
C VAL C 152 8.07 -4.32 15.56
N ARG C 153 6.82 -3.91 15.27
CA ARG C 153 6.46 -3.18 14.03
C ARG C 153 6.58 -1.68 14.30
N LYS C 154 7.66 -1.05 13.82
CA LYS C 154 7.98 0.37 14.11
C LYS C 154 8.25 1.14 12.81
N ARG C 155 7.85 2.42 12.79
CA ARG C 155 8.06 3.36 11.66
C ARG C 155 9.54 3.73 11.59
N VAL C 156 10.25 3.21 10.59
CA VAL C 156 11.73 3.37 10.45
C VAL C 156 12.05 4.01 9.10
N LEU C 157 13.27 4.57 8.99
CA LEU C 157 13.84 5.19 7.77
C LEU C 157 14.46 4.09 6.91
N LEU C 158 14.06 4.01 5.64
CA LEU C 158 14.44 2.89 4.72
C LEU C 158 15.81 3.15 4.09
N ASN C 159 16.19 4.42 3.88
CA ASN C 159 17.41 4.79 3.11
C ASN C 159 18.14 5.94 3.80
N PRO C 160 19.46 5.79 4.06
CA PRO C 160 20.29 6.89 4.55
C PRO C 160 20.20 8.15 3.67
N LEU C 161 19.99 9.30 4.30
CA LEU C 161 19.88 10.63 3.62
C LEU C 161 21.21 11.38 3.76
N THR C 162 21.52 12.25 2.79
CA THR C 162 22.68 13.18 2.85
C THR C 162 22.38 14.23 3.93
N LYS C 163 21.14 14.71 3.97
CA LYS C 163 20.63 15.71 4.95
C LYS C 163 19.09 15.66 4.93
N GLU C 164 18.45 15.54 6.10
CA GLU C 164 16.97 15.36 6.21
C GLU C 164 16.27 16.72 6.28
N MET C 165 15.23 16.91 5.47
CA MET C 165 14.37 18.12 5.42
C MET C 165 12.94 17.69 5.09
N PRO C 166 11.90 18.45 5.51
CA PRO C 166 10.55 18.24 5.00
C PRO C 166 10.47 18.32 3.48
N PRO C 167 9.58 17.56 2.82
CA PRO C 167 9.44 17.59 1.36
C PRO C 167 9.41 19.00 0.76
N ASP C 168 8.71 19.94 1.42
CA ASP C 168 8.57 21.37 1.03
C ASP C 168 9.96 22.02 0.97
N GLU C 169 10.70 21.97 2.08
CA GLU C 169 12.07 22.51 2.20
C GLU C 169 12.97 21.82 1.18
N ALA C 170 12.94 20.48 1.14
CA ALA C 170 13.74 19.64 0.22
C ALA C 170 13.52 20.07 -1.24
N SER C 171 12.26 20.23 -1.64
CA SER C 171 11.85 20.63 -3.01
C SER C 171 12.50 21.97 -3.38
N ASN C 172 12.45 22.95 -2.47
CA ASN C 172 12.99 24.32 -2.68
C ASN C 172 14.52 24.26 -2.84
N VAL C 173 15.20 23.35 -2.13
CA VAL C 173 16.67 23.13 -2.26
C VAL C 173 16.97 22.66 -3.69
N ILE C 174 16.30 21.59 -4.13
CA ILE C 174 16.50 20.94 -5.47
C ILE C 174 16.32 22.01 -6.56
N MET C 175 15.29 22.85 -6.43
CA MET C 175 15.01 23.99 -7.36
C MET C 175 16.26 24.87 -7.46
N GLU C 176 16.89 25.21 -6.33
CA GLU C 176 18.09 26.10 -6.30
C GLU C 176 19.27 25.40 -7.00
N ILE C 177 19.35 24.07 -6.90
CA ILE C 177 20.44 23.24 -7.51
C ILE C 177 20.22 23.16 -9.02
N LEU C 178 19.01 22.80 -9.47
CA LEU C 178 18.74 22.40 -10.88
C LEU C 178 18.14 23.55 -11.70
N PHE C 179 17.12 24.25 -11.17
CA PHE C 179 16.30 25.24 -11.92
C PHE C 179 16.30 26.58 -11.18
N PRO C 180 17.45 27.30 -11.13
CA PRO C 180 17.54 28.53 -10.33
C PRO C 180 16.47 29.58 -10.64
N LYS C 181 16.27 29.88 -11.93
CA LYS C 181 15.38 30.97 -12.41
C LYS C 181 13.93 30.72 -11.94
N GLU C 182 13.49 29.45 -11.94
CA GLU C 182 12.07 29.06 -11.71
C GLU C 182 11.88 28.61 -10.26
N ALA C 183 12.59 29.23 -9.32
CA ALA C 183 12.66 28.82 -7.90
C ALA C 183 11.49 29.44 -7.11
N GLY C 184 11.13 30.69 -7.42
CA GLY C 184 10.08 31.45 -6.72
C GLY C 184 10.67 32.32 -5.63
N ILE C 185 9.94 32.49 -4.52
CA ILE C 185 10.32 33.38 -3.37
C ILE C 185 11.53 32.77 -2.67
N PRO C 186 12.65 33.52 -2.52
CA PRO C 186 13.78 33.05 -1.70
C PRO C 186 13.37 32.86 -0.23
N ARG C 187 13.50 31.63 0.27
CA ARG C 187 13.12 31.21 1.64
C ARG C 187 14.39 31.19 2.50
N GLU C 188 14.24 31.14 3.84
CA GLU C 188 15.37 30.99 4.80
C GLU C 188 16.18 29.74 4.42
N SER C 189 15.48 28.62 4.19
CA SER C 189 16.05 27.31 3.78
C SER C 189 17.20 27.51 2.79
N THR C 190 16.98 28.33 1.76
CA THR C 190 17.98 28.66 0.70
C THR C 190 19.36 28.89 1.32
N TRP C 191 19.43 29.71 2.38
CA TRP C 191 20.69 30.05 3.08
C TRP C 191 21.18 28.85 3.89
N ILE C 192 20.25 28.14 4.57
CA ILE C 192 20.56 27.09 5.58
C ILE C 192 21.38 25.95 4.94
N HIS C 193 21.13 25.66 3.66
CA HIS C 193 21.76 24.52 2.91
C HIS C 193 22.67 25.05 1.80
N ARG C 194 23.08 26.32 1.88
CA ARG C 194 23.91 27.00 0.85
C ARG C 194 25.16 26.15 0.52
N GLU C 195 25.71 25.46 1.53
CA GLU C 195 26.87 24.54 1.40
C GLU C 195 26.47 23.36 0.51
N LEU C 196 25.35 22.70 0.84
CA LEU C 196 24.83 21.52 0.12
C LEU C 196 24.47 21.89 -1.32
N ILE C 197 23.75 23.00 -1.51
CA ILE C 197 23.34 23.53 -2.84
C ILE C 197 24.58 23.65 -3.72
N LYS C 198 25.56 24.44 -3.27
CA LYS C 198 26.84 24.69 -3.98
C LYS C 198 27.57 23.36 -4.21
N GLU C 199 27.72 22.54 -3.16
CA GLU C 199 28.42 21.23 -3.22
C GLU C 199 27.81 20.38 -4.34
N LYS C 200 26.49 20.22 -4.34
CA LYS C 200 25.73 19.40 -5.33
C LYS C 200 25.83 20.03 -6.73
N ARG C 201 25.61 21.35 -6.82
CA ARG C 201 25.67 22.11 -8.10
C ARG C 201 27.06 21.93 -8.74
N GLU C 202 28.13 21.96 -7.93
CA GLU C 202 29.53 21.77 -8.39
C GLU C 202 29.75 20.32 -8.82
N LYS C 203 29.06 19.36 -8.19
CA LYS C 203 29.28 17.90 -8.40
C LYS C 203 28.48 17.42 -9.63
N LEU C 204 27.29 17.95 -9.86
CA LEU C 204 26.41 17.57 -11.01
C LEU C 204 26.71 18.44 -12.24
N LYS C 205 27.69 19.34 -12.14
CA LYS C 205 27.92 20.45 -13.11
C LYS C 205 28.07 19.89 -14.54
N GLY C 206 29.09 19.06 -14.77
CA GLY C 206 29.49 18.60 -16.11
C GLY C 206 28.90 17.24 -16.46
N THR C 207 27.58 17.07 -16.33
CA THR C 207 26.85 15.82 -16.64
C THR C 207 25.88 16.05 -17.80
N MET C 208 25.46 14.97 -18.46
CA MET C 208 24.56 14.97 -19.64
C MET C 208 23.27 14.19 -19.31
N ILE C 209 23.10 13.72 -18.08
CA ILE C 209 21.85 13.03 -17.61
C ILE C 209 20.73 14.08 -17.52
N THR C 210 19.49 13.67 -17.76
CA THR C 210 18.30 14.56 -17.87
C THR C 210 17.96 15.16 -16.52
N PRO C 211 17.80 16.50 -16.43
CA PRO C 211 17.50 17.17 -15.17
C PRO C 211 16.42 16.50 -14.30
N ILE C 212 15.39 15.94 -14.93
CA ILE C 212 14.24 15.25 -14.25
C ILE C 212 14.76 14.06 -13.43
N VAL C 213 15.78 13.35 -13.94
CA VAL C 213 16.40 12.17 -13.24
C VAL C 213 17.19 12.71 -12.04
N LEU C 214 18.12 13.63 -12.33
CA LEU C 214 18.94 14.35 -11.30
C LEU C 214 18.02 14.85 -10.19
N ALA C 215 16.83 15.37 -10.55
CA ALA C 215 15.82 15.92 -9.62
C ALA C 215 15.35 14.83 -8.65
N TYR C 216 14.99 13.64 -9.15
CA TYR C 216 14.45 12.53 -8.32
C TYR C 216 15.59 11.85 -7.55
N MET C 217 16.79 11.82 -8.13
CA MET C 217 18.00 11.23 -7.48
C MET C 217 18.36 12.03 -6.21
N LEU C 218 18.23 13.36 -6.24
CA LEU C 218 18.46 14.24 -5.06
C LEU C 218 17.31 14.04 -4.06
N GLU C 219 16.07 14.10 -4.56
CA GLU C 219 14.83 13.87 -3.75
C GLU C 219 14.98 12.56 -2.99
N ARG C 220 15.56 11.54 -3.62
CA ARG C 220 15.78 10.19 -3.02
C ARG C 220 16.70 10.31 -1.79
N GLU C 221 17.67 11.24 -1.81
CA GLU C 221 18.71 11.38 -0.75
C GLU C 221 18.54 12.71 0.00
N LEU C 222 17.37 13.35 -0.10
CA LEU C 222 16.99 14.50 0.77
C LEU C 222 15.64 14.24 1.44
N VAL C 223 14.63 13.78 0.70
CA VAL C 223 13.28 13.46 1.25
C VAL C 223 13.35 12.07 1.89
N ALA C 224 12.76 11.93 3.08
CA ALA C 224 12.86 10.72 3.94
C ALA C 224 11.79 9.70 3.52
N ARG C 225 12.23 8.48 3.23
CA ARG C 225 11.34 7.30 3.05
C ARG C 225 11.21 6.59 4.39
N ARG C 226 10.14 6.90 5.14
CA ARG C 226 9.93 6.47 6.53
C ARG C 226 8.63 5.65 6.60
N ARG C 227 8.74 4.34 6.85
CA ARG C 227 7.60 3.39 6.79
C ARG C 227 7.70 2.38 7.94
N PHE C 228 6.55 1.84 8.36
CA PHE C 228 6.44 0.80 9.42
C PHE C 228 7.10 -0.49 8.93
N LEU C 229 7.93 -1.10 9.79
CA LEU C 229 8.58 -2.41 9.50
C LEU C 229 8.74 -3.21 10.78
N PRO C 230 8.72 -4.57 10.70
CA PRO C 230 9.05 -5.43 11.82
C PRO C 230 10.58 -5.45 12.03
N VAL C 231 11.04 -4.88 13.14
CA VAL C 231 12.49 -4.72 13.48
C VAL C 231 12.74 -5.36 14.85
N ALA C 232 14.02 -5.64 15.15
CA ALA C 232 14.47 -6.24 16.42
C ALA C 232 15.92 -5.79 16.70
N GLY C 233 16.06 -4.70 17.47
CA GLY C 233 17.34 -4.19 18.00
C GLY C 233 18.22 -3.53 16.94
N ALA C 234 17.62 -3.12 15.81
CA ALA C 234 18.32 -2.46 14.66
C ALA C 234 17.35 -1.50 13.98
N THR C 235 17.62 -0.20 14.06
CA THR C 235 16.72 0.91 13.60
C THR C 235 17.47 1.83 12.63
N SER C 236 18.78 2.04 12.82
CA SER C 236 19.66 2.83 11.92
C SER C 236 19.38 2.43 10.47
N ALA C 237 19.16 3.42 9.58
CA ALA C 237 18.79 3.22 8.17
C ALA C 237 19.72 2.18 7.51
N GLU C 238 21.03 2.36 7.67
CA GLU C 238 22.08 1.50 7.04
C GLU C 238 21.96 0.05 7.54
N PHE C 239 21.20 -0.20 8.61
CA PHE C 239 20.80 -1.55 9.08
C PHE C 239 19.44 -1.91 8.45
N ILE C 240 18.49 -0.97 8.47
CA ILE C 240 17.09 -1.19 7.95
C ILE C 240 17.16 -1.59 6.47
N GLU C 241 18.08 -1.03 5.68
CA GLU C 241 18.20 -1.32 4.23
C GLU C 241 18.52 -2.82 4.03
N MET C 242 19.19 -3.44 5.01
CA MET C 242 19.60 -4.87 5.00
C MET C 242 18.65 -5.72 5.85
N LEU C 243 17.55 -5.16 6.33
CA LEU C 243 16.65 -5.76 7.36
C LEU C 243 16.28 -7.20 6.99
N HIS C 244 16.11 -7.49 5.69
CA HIS C 244 15.73 -8.83 5.17
C HIS C 244 16.75 -9.90 5.60
N CYS C 245 18.05 -9.55 5.62
CA CYS C 245 19.19 -10.46 5.95
C CYS C 245 19.52 -10.40 7.45
N LEU C 246 18.96 -9.45 8.20
CA LEU C 246 19.32 -9.21 9.63
C LEU C 246 18.67 -10.26 10.53
N GLN C 247 17.40 -10.61 10.30
CA GLN C 247 16.67 -11.58 11.16
C GLN C 247 15.39 -12.09 10.48
N GLY C 248 14.87 -13.20 10.99
CA GLY C 248 13.46 -13.64 10.86
C GLY C 248 12.93 -13.99 12.24
N GLU C 249 11.65 -14.39 12.32
CA GLU C 249 10.95 -14.72 13.60
C GLU C 249 11.82 -15.65 14.48
N ASN C 250 12.58 -16.57 13.86
CA ASN C 250 13.21 -17.74 14.54
C ASN C 250 14.72 -17.80 14.28
N TRP C 251 15.35 -16.72 13.80
CA TRP C 251 16.82 -16.71 13.55
C TRP C 251 17.34 -15.26 13.52
N ARG C 252 18.64 -15.07 13.69
CA ARG C 252 19.28 -13.72 13.71
C ARG C 252 20.66 -13.82 13.05
N GLN C 253 21.04 -12.78 12.30
CA GLN C 253 22.33 -12.67 11.58
C GLN C 253 23.05 -11.38 12.02
N ILE C 254 24.25 -11.51 12.61
CA ILE C 254 25.12 -10.35 12.97
C ILE C 254 25.72 -9.81 11.66
N TYR C 255 25.60 -8.50 11.43
CA TYR C 255 26.04 -7.80 10.20
C TYR C 255 26.52 -6.40 10.57
N HIS C 256 27.80 -6.09 10.29
CA HIS C 256 28.41 -4.76 10.45
C HIS C 256 28.53 -4.10 9.08
N PRO C 257 27.72 -3.06 8.78
CA PRO C 257 27.84 -2.29 7.54
C PRO C 257 29.20 -1.58 7.42
N GLY C 258 29.35 -0.78 6.36
CA GLY C 258 30.60 -0.07 6.03
C GLY C 258 30.46 1.43 6.16
N GLY C 259 31.45 2.18 5.65
CA GLY C 259 31.46 3.65 5.63
C GLY C 259 31.63 4.22 7.03
N ASN C 260 30.56 4.82 7.57
CA ASN C 260 30.59 5.56 8.87
C ASN C 260 29.29 5.30 9.64
N LYS C 261 29.34 5.50 10.96
CA LYS C 261 28.20 5.39 11.90
C LYS C 261 28.22 6.60 12.84
N LEU C 262 27.04 7.17 13.12
CA LEU C 262 26.88 8.46 13.85
C LEU C 262 27.14 8.26 15.35
N THR C 263 27.74 9.27 15.99
CA THR C 263 28.02 9.30 17.45
C THR C 263 26.68 9.38 18.19
N GLU C 264 25.67 10.00 17.56
CA GLU C 264 24.29 10.15 18.11
C GLU C 264 23.62 8.76 18.16
N SER C 265 23.70 8.00 17.06
CA SER C 265 23.19 6.61 16.97
C SER C 265 24.02 5.70 17.90
N ARG C 266 25.35 5.88 17.93
CA ARG C 266 26.25 5.18 18.88
C ARG C 266 25.78 5.43 20.31
N SER C 267 25.43 6.68 20.64
CA SER C 267 24.94 7.11 21.98
C SER C 267 23.63 6.37 22.31
N GLN C 268 22.56 6.64 21.56
CA GLN C 268 21.17 6.21 21.89
C GLN C 268 21.12 4.68 22.02
N SER C 269 21.96 3.95 21.29
CA SER C 269 22.09 2.47 21.40
C SER C 269 22.82 2.11 22.71
N MET C 270 23.96 2.77 22.95
CA MET C 270 24.83 2.57 24.14
C MET C 270 24.00 2.65 25.42
N ILE C 271 22.96 3.49 25.45
CA ILE C 271 21.99 3.63 26.57
C ILE C 271 21.20 2.32 26.72
N VAL C 272 20.60 1.84 25.63
CA VAL C 272 19.69 0.65 25.61
C VAL C 272 20.47 -0.55 26.19
N ALA C 273 21.72 -0.74 25.76
CA ALA C 273 22.63 -1.79 26.24
C ALA C 273 22.72 -1.74 27.77
N CYS C 274 23.15 -0.59 28.31
CA CYS C 274 23.33 -0.34 29.76
C CYS C 274 22.01 -0.59 30.50
N ARG C 275 20.91 0.01 30.03
CA ARG C 275 19.56 -0.18 30.63
C ARG C 275 19.23 -1.68 30.66
N LYS C 276 19.48 -2.39 29.56
CA LYS C 276 19.23 -3.85 29.41
C LYS C 276 20.10 -4.64 30.40
N ILE C 277 21.38 -4.28 30.55
CA ILE C 277 22.32 -4.89 31.53
C ILE C 277 21.76 -4.68 32.95
N ILE C 278 21.53 -3.42 33.33
CA ILE C 278 21.05 -3.06 34.69
C ILE C 278 19.73 -3.78 34.98
N ARG C 279 18.76 -3.71 34.05
CA ARG C 279 17.41 -4.30 34.23
C ARG C 279 17.53 -5.80 34.60
N ARG C 280 18.58 -6.48 34.12
CA ARG C 280 18.82 -7.93 34.33
C ARG C 280 19.70 -8.17 35.57
N SER C 281 20.71 -7.31 35.79
CA SER C 281 21.67 -7.40 36.91
C SER C 281 20.95 -7.25 38.26
N ILE C 282 19.96 -6.35 38.32
CA ILE C 282 19.12 -6.03 39.53
C ILE C 282 18.69 -7.32 40.25
N VAL C 283 18.30 -8.36 39.49
CA VAL C 283 17.62 -9.57 40.02
C VAL C 283 18.60 -10.49 40.76
N ALA C 284 19.87 -10.53 40.32
CA ALA C 284 20.92 -11.42 40.88
C ALA C 284 21.38 -10.88 42.23
N SER C 285 22.00 -11.73 43.05
CA SER C 285 22.79 -11.32 44.24
C SER C 285 24.18 -10.87 43.76
N ASN C 286 24.64 -9.70 44.23
CA ASN C 286 25.85 -9.00 43.72
C ASN C 286 25.61 -8.53 42.28
N PRO C 287 24.57 -7.70 42.02
CA PRO C 287 24.37 -7.11 40.70
C PRO C 287 25.64 -6.59 40.03
N LEU C 288 26.50 -5.89 40.77
CA LEU C 288 27.77 -5.33 40.24
C LEU C 288 28.62 -6.44 39.61
N GLU C 289 28.57 -7.66 40.17
CA GLU C 289 29.30 -8.85 39.65
C GLU C 289 28.89 -9.09 38.19
N LEU C 290 27.58 -9.19 37.96
CA LEU C 290 26.98 -9.52 36.63
C LEU C 290 27.11 -8.31 35.71
N ALA C 291 26.70 -7.15 36.19
CA ALA C 291 26.78 -5.85 35.48
C ALA C 291 28.15 -5.72 34.81
N VAL C 292 29.23 -6.01 35.55
CA VAL C 292 30.64 -5.96 35.05
C VAL C 292 30.86 -7.12 34.07
N GLU C 293 30.41 -8.33 34.43
CA GLU C 293 30.60 -9.56 33.63
C GLU C 293 30.08 -9.31 32.20
N ILE C 294 28.86 -8.80 32.07
CA ILE C 294 28.17 -8.63 30.75
C ILE C 294 28.80 -7.43 30.00
N ALA C 295 28.93 -6.28 30.68
CA ALA C 295 29.37 -5.00 30.11
C ALA C 295 30.74 -5.13 29.44
N ASN C 296 31.62 -5.98 29.97
CA ASN C 296 32.99 -6.23 29.43
C ASN C 296 32.91 -7.01 28.12
N LYS C 297 31.80 -7.74 27.89
CA LYS C 297 31.58 -8.57 26.68
C LYS C 297 30.42 -8.02 25.84
N THR C 298 29.86 -6.85 26.20
CA THR C 298 28.83 -6.15 25.38
C THR C 298 29.52 -5.35 24.27
N VAL C 299 29.19 -5.68 23.02
CA VAL C 299 29.67 -4.99 21.78
C VAL C 299 28.48 -4.26 21.15
N ILE C 300 28.64 -2.95 20.90
CA ILE C 300 27.71 -2.10 20.10
C ILE C 300 28.27 -2.03 18.67
N ASP C 301 27.55 -2.63 17.72
CA ASP C 301 28.03 -2.87 16.34
C ASP C 301 29.37 -3.61 16.45
N THR C 302 30.50 -2.93 16.20
CA THR C 302 31.87 -3.52 16.25
C THR C 302 32.67 -2.93 17.42
N GLU C 303 32.08 -2.03 18.21
CA GLU C 303 32.79 -1.25 19.27
C GLU C 303 32.39 -1.77 20.64
N PRO C 304 33.36 -2.15 21.51
CA PRO C 304 33.05 -2.56 22.88
C PRO C 304 32.35 -1.45 23.69
N LEU C 305 31.39 -1.84 24.54
CA LEU C 305 30.58 -0.92 25.38
C LEU C 305 31.50 0.01 26.19
N LYS C 306 32.54 -0.55 26.81
CA LYS C 306 33.51 0.21 27.67
C LYS C 306 34.15 1.34 26.85
N SER C 307 34.62 1.03 25.64
CA SER C 307 35.26 2.01 24.71
C SER C 307 34.23 3.06 24.31
N CYS C 308 32.98 2.64 24.10
CA CYS C 308 31.84 3.51 23.70
C CYS C 308 31.51 4.49 24.82
N LEU C 309 31.42 4.01 26.06
CA LEU C 309 31.11 4.82 27.27
C LEU C 309 32.28 5.78 27.57
N ALA C 310 33.51 5.36 27.26
CA ALA C 310 34.74 6.18 27.40
C ALA C 310 34.74 7.28 26.33
N ALA C 311 34.47 6.92 25.07
CA ALA C 311 34.56 7.81 23.89
C ALA C 311 33.48 8.90 23.94
N ILE C 312 32.22 8.52 24.18
CA ILE C 312 31.05 9.44 24.13
C ILE C 312 30.97 10.22 25.44
N ASP C 313 30.67 11.52 25.34
CA ASP C 313 30.45 12.44 26.49
C ASP C 313 28.95 12.72 26.59
N GLY C 314 28.22 11.85 27.28
CA GLY C 314 26.75 11.91 27.45
C GLY C 314 26.18 10.55 27.77
N GLY C 315 24.85 10.46 27.92
CA GLY C 315 24.14 9.21 28.27
C GLY C 315 23.53 9.28 29.65
N ASP C 316 22.45 8.52 29.89
CA ASP C 316 21.60 8.63 31.11
C ASP C 316 22.25 7.89 32.29
N VAL C 317 21.59 7.97 33.44
CA VAL C 317 21.92 7.25 34.71
C VAL C 317 22.62 5.93 34.39
N ALA C 318 21.92 5.04 33.67
CA ALA C 318 22.37 3.67 33.33
C ALA C 318 23.82 3.69 32.82
N CYS C 319 24.13 4.59 31.87
CA CYS C 319 25.47 4.76 31.28
C CYS C 319 26.50 5.08 32.37
N ASP C 320 26.13 5.99 33.29
CA ASP C 320 27.01 6.42 34.42
C ASP C 320 27.21 5.25 35.39
N ILE C 321 26.12 4.57 35.79
CA ILE C 321 26.19 3.36 36.67
C ILE C 321 27.21 2.39 36.08
N ILE C 322 27.04 2.00 34.81
CA ILE C 322 27.93 1.02 34.13
C ILE C 322 29.35 1.61 34.02
N ARG C 323 29.46 2.90 33.70
CA ARG C 323 30.76 3.63 33.65
C ARG C 323 31.50 3.42 34.99
N ALA C 324 30.82 3.71 36.10
CA ALA C 324 31.34 3.52 37.48
C ALA C 324 31.70 2.05 37.69
N ALA C 325 30.76 1.14 37.38
CA ALA C 325 30.93 -0.33 37.52
C ALA C 325 32.19 -0.81 36.79
N LEU C 326 32.50 -0.21 35.63
CA LEU C 326 33.69 -0.54 34.82
C LEU C 326 34.90 0.29 35.29
N GLY C 327 34.66 1.42 35.97
CA GLY C 327 35.71 2.32 36.49
C GLY C 327 36.09 3.38 35.48
N LEU C 328 35.15 4.30 35.20
CA LEU C 328 35.32 5.44 34.25
C LEU C 328 34.68 6.69 34.86
N LYS C 329 35.23 7.87 34.56
CA LYS C 329 34.66 9.18 34.99
C LYS C 329 33.19 9.22 34.59
N ILE C 330 32.29 9.15 35.57
CA ILE C 330 30.81 9.29 35.35
C ILE C 330 30.53 10.76 34.98
N ARG C 331 29.96 11.00 33.79
CA ARG C 331 29.55 12.35 33.32
C ARG C 331 28.06 12.52 33.63
N GLN C 332 27.70 13.50 34.46
CA GLN C 332 26.28 13.79 34.81
C GLN C 332 25.71 14.75 33.76
N ARG C 333 26.05 14.51 32.49
CA ARG C 333 25.58 15.30 31.32
C ARG C 333 24.33 14.63 30.75
N GLN C 334 23.21 15.36 30.75
CA GLN C 334 21.91 14.90 30.19
C GLN C 334 21.69 15.55 28.82
N ARG C 335 20.66 15.10 28.10
CA ARG C 335 20.17 15.71 26.84
C ARG C 335 18.65 15.63 26.82
N PHE C 336 18.00 16.68 26.29
CA PHE C 336 16.54 16.74 26.03
C PHE C 336 16.34 17.14 24.57
N GLY C 337 16.85 16.30 23.66
CA GLY C 337 16.93 16.56 22.21
C GLY C 337 17.94 17.65 21.91
N ARG C 338 17.44 18.88 21.68
CA ARG C 338 18.26 20.07 21.33
C ARG C 338 18.95 20.61 22.58
N LEU C 339 18.25 20.58 23.73
CA LEU C 339 18.78 21.04 25.04
C LEU C 339 19.78 20.01 25.58
N GLU C 340 20.84 20.48 26.25
CA GLU C 340 21.86 19.63 26.92
C GLU C 340 22.18 20.24 28.29
N LEU C 341 21.96 19.45 29.35
CA LEU C 341 22.07 19.88 30.77
C LEU C 341 23.26 19.17 31.44
N LYS C 342 23.76 19.75 32.53
CA LYS C 342 24.75 19.12 33.44
C LYS C 342 24.40 19.55 34.88
N ARG C 343 24.04 18.58 35.73
CA ARG C 343 23.51 18.82 37.10
C ARG C 343 24.62 19.36 38.01
N ILE C 344 24.35 20.47 38.68
CA ILE C 344 25.23 21.11 39.72
C ILE C 344 24.77 20.62 41.09
N SER C 345 23.48 20.81 41.39
CA SER C 345 22.81 20.44 42.67
C SER C 345 21.40 19.90 42.41
N GLY C 346 20.89 19.09 43.33
CA GLY C 346 19.50 18.57 43.31
C GLY C 346 19.46 17.05 43.20
N ARG C 347 18.26 16.48 43.37
CA ARG C 347 17.97 15.03 43.27
C ARG C 347 16.55 14.84 42.74
N GLY C 348 16.40 14.27 41.54
CA GLY C 348 15.12 14.15 40.82
C GLY C 348 14.40 12.85 41.16
N PHE C 349 13.09 12.94 41.44
CA PHE C 349 12.19 11.81 41.77
C PHE C 349 11.04 11.76 40.76
N LYS C 350 11.19 10.97 39.70
CA LYS C 350 10.21 10.85 38.58
C LYS C 350 8.99 10.07 39.05
N ASN C 351 7.86 10.75 39.28
CA ASN C 351 6.55 10.17 39.67
C ASN C 351 5.53 10.42 38.55
N ASP C 352 4.82 9.38 38.11
CA ASP C 352 3.75 9.43 37.08
C ASP C 352 2.54 10.15 37.68
N GLU C 353 2.03 11.19 36.99
CA GLU C 353 0.85 11.98 37.43
C GLU C 353 -0.03 12.32 36.22
N GLU C 354 -1.31 12.63 36.47
CA GLU C 354 -2.33 12.95 35.45
C GLU C 354 -2.39 14.46 35.24
N ILE C 355 -1.72 14.94 34.19
CA ILE C 355 -1.59 16.40 33.85
C ILE C 355 -2.74 16.81 32.92
N LEU C 356 -3.46 17.87 33.28
CA LEU C 356 -4.42 18.57 32.39
C LEU C 356 -3.64 19.54 31.50
N ILE C 357 -3.97 19.60 30.21
CA ILE C 357 -3.28 20.47 29.21
C ILE C 357 -4.29 21.46 28.60
N GLY C 358 -3.77 22.54 28.00
CA GLY C 358 -4.52 23.73 27.55
C GLY C 358 -5.75 23.41 26.71
N ASN C 359 -5.65 22.42 25.81
CA ASN C 359 -6.74 22.02 24.90
C ASN C 359 -7.88 21.36 25.70
N GLY C 360 -7.55 20.73 26.83
CA GLY C 360 -8.52 20.20 27.81
C GLY C 360 -8.62 18.68 27.75
N THR C 361 -7.49 17.99 27.95
CA THR C 361 -7.41 16.51 28.09
C THR C 361 -6.40 16.15 29.18
N ILE C 362 -6.42 14.90 29.64
CA ILE C 362 -5.60 14.38 30.77
C ILE C 362 -4.53 13.44 30.21
N GLN C 363 -3.26 13.85 30.30
CA GLN C 363 -2.10 13.06 29.81
C GLN C 363 -1.27 12.59 31.02
N LYS C 364 -0.83 11.32 31.00
CA LYS C 364 0.02 10.70 32.04
C LYS C 364 1.49 11.04 31.73
N ILE C 365 2.13 11.84 32.59
CA ILE C 365 3.56 12.27 32.45
C ILE C 365 4.30 11.94 33.75
N GLY C 366 5.60 11.68 33.65
CA GLY C 366 6.52 11.54 34.80
C GLY C 366 7.07 12.89 35.23
N ILE C 367 6.62 13.41 36.37
CA ILE C 367 6.98 14.77 36.90
C ILE C 367 8.07 14.61 37.97
N TRP C 368 9.13 15.41 37.88
CA TRP C 368 10.31 15.35 38.77
C TRP C 368 10.13 16.34 39.94
N ASP C 369 10.37 15.86 41.17
CA ASP C 369 10.33 16.66 42.43
C ASP C 369 11.71 17.29 42.66
N GLY C 370 11.82 18.09 43.73
CA GLY C 370 13.10 18.61 44.26
C GLY C 370 13.57 19.85 43.51
N GLU C 371 14.26 20.75 44.22
CA GLU C 371 14.99 21.90 43.63
C GLU C 371 16.28 21.38 43.01
N GLU C 372 16.51 21.67 41.72
CA GLU C 372 17.69 21.19 40.96
C GLU C 372 18.26 22.34 40.14
N GLU C 373 19.59 22.40 40.01
CA GLU C 373 20.32 23.38 39.17
C GLU C 373 21.15 22.62 38.12
N PHE C 374 21.09 23.06 36.86
CA PHE C 374 21.80 22.48 35.70
C PHE C 374 22.50 23.58 34.89
N HIS C 375 23.54 23.20 34.14
CA HIS C 375 24.21 24.05 33.12
C HIS C 375 23.56 23.81 31.75
N VAL C 376 22.47 24.54 31.47
CA VAL C 376 21.70 24.43 30.19
C VAL C 376 22.52 25.06 29.06
N ARG C 377 22.50 24.43 27.88
CA ARG C 377 23.22 24.86 26.66
C ARG C 377 22.36 24.56 25.43
N CYS C 378 22.41 25.43 24.41
CA CYS C 378 21.72 25.25 23.11
C CYS C 378 22.52 25.96 22.01
N GLY C 379 23.32 25.19 21.26
CA GLY C 379 24.23 25.71 20.21
C GLY C 379 25.34 26.56 20.82
N GLU C 380 25.45 27.81 20.36
CA GLU C 380 26.46 28.79 20.85
C GLU C 380 26.02 29.36 22.21
N CYS C 381 24.70 29.43 22.47
CA CYS C 381 24.11 30.01 23.71
C CYS C 381 24.34 29.06 24.90
N ARG C 382 24.57 29.63 26.08
CA ARG C 382 24.81 28.92 27.36
C ARG C 382 24.01 29.60 28.48
N GLY C 383 23.68 28.84 29.54
CA GLY C 383 22.89 29.36 30.68
C GLY C 383 22.94 28.46 31.90
N ILE C 384 22.32 28.92 33.00
CA ILE C 384 22.12 28.17 34.28
C ILE C 384 20.63 28.22 34.62
N LEU C 385 20.03 27.05 34.88
CA LEU C 385 18.57 26.85 35.11
C LEU C 385 18.35 26.37 36.54
N LYS C 386 17.27 26.85 37.19
CA LYS C 386 16.81 26.42 38.53
C LYS C 386 15.30 26.14 38.46
N LYS C 387 14.88 24.93 38.83
CA LYS C 387 13.47 24.46 38.69
C LYS C 387 13.07 23.65 39.92
N SER C 388 11.75 23.53 40.14
CA SER C 388 11.10 22.71 41.18
C SER C 388 9.86 22.03 40.58
N LYS C 389 9.23 21.12 41.32
CA LYS C 389 8.10 20.27 40.85
C LYS C 389 7.09 21.12 40.08
N MET C 390 7.13 21.04 38.75
CA MET C 390 6.20 21.72 37.80
C MET C 390 6.23 23.24 38.00
N LYS C 391 7.43 23.80 38.19
CA LYS C 391 7.65 25.28 38.24
C LYS C 391 9.12 25.59 37.91
N LEU C 392 9.36 26.33 36.83
CA LEU C 392 10.66 26.99 36.53
C LEU C 392 10.85 28.14 37.54
N GLU C 393 11.98 28.17 38.25
CA GLU C 393 12.26 29.21 39.27
C GLU C 393 13.02 30.38 38.61
N LYS C 394 14.26 30.14 38.18
CA LYS C 394 15.15 31.18 37.59
C LYS C 394 15.97 30.59 36.44
N LEU C 395 16.26 31.40 35.43
CA LEU C 395 17.02 31.01 34.21
C LEU C 395 17.97 32.14 33.82
N LEU C 396 19.27 31.97 34.08
CA LEU C 396 20.35 32.88 33.62
C LEU C 396 20.84 32.37 32.26
N ILE C 397 21.16 33.28 31.33
CA ILE C 397 21.62 32.93 29.94
C ILE C 397 22.63 33.96 29.44
N ASN C 398 23.40 33.59 28.42
CA ASN C 398 24.31 34.47 27.64
C ASN C 398 23.58 34.97 26.40
N SER C 399 24.10 36.05 25.78
CA SER C 399 23.56 36.65 24.54
C SER C 399 24.41 36.24 23.33
N ALA C 400 24.20 35.03 22.83
CA ALA C 400 24.87 34.45 21.63
C ALA C 400 23.99 34.70 20.40
N LYS C 401 23.47 33.64 19.76
CA LYS C 401 22.60 33.74 18.55
C LYS C 401 21.16 34.02 18.99
N LYS C 402 20.46 34.86 18.22
CA LYS C 402 19.09 35.36 18.51
C LYS C 402 18.10 34.20 18.55
N GLU C 403 18.32 33.16 17.73
CA GLU C 403 17.44 31.96 17.62
C GLU C 403 17.89 30.90 18.66
N ASP C 404 19.20 30.76 18.88
CA ASP C 404 19.79 29.80 19.86
C ASP C 404 19.43 30.24 21.28
N MET C 405 19.30 31.54 21.52
CA MET C 405 18.76 32.12 22.79
C MET C 405 17.26 31.80 22.89
N ARG C 406 16.52 32.04 21.81
CA ARG C 406 15.04 31.87 21.70
C ARG C 406 14.67 30.40 21.97
N ASP C 407 15.45 29.47 21.43
CA ASP C 407 15.20 28.00 21.56
C ASP C 407 15.45 27.56 23.00
N LEU C 408 16.62 27.92 23.57
CA LEU C 408 17.06 27.54 24.95
C LEU C 408 15.95 27.86 25.97
N ILE C 409 15.34 29.04 25.86
CA ILE C 409 14.24 29.53 26.74
C ILE C 409 13.05 28.56 26.62
N ILE C 410 12.62 28.26 25.39
CA ILE C 410 11.45 27.38 25.08
C ILE C 410 11.75 25.97 25.61
N LEU C 411 12.95 25.46 25.35
CA LEU C 411 13.43 24.12 25.81
C LEU C 411 13.42 24.07 27.34
N CYS C 412 14.01 25.08 27.99
CA CYS C 412 14.13 25.19 29.47
C CYS C 412 12.73 25.31 30.10
N MET C 413 11.83 26.09 29.48
CA MET C 413 10.42 26.24 29.92
C MET C 413 9.73 24.87 29.95
N VAL C 414 9.82 24.11 28.85
CA VAL C 414 9.21 22.76 28.68
C VAL C 414 9.87 21.80 29.69
N PHE C 415 11.20 21.70 29.67
CA PHE C 415 12.01 20.83 30.57
C PHE C 415 11.53 20.97 32.01
N SER C 416 11.26 22.20 32.46
CA SER C 416 10.85 22.55 33.85
C SER C 416 9.51 21.90 34.20
N GLN C 417 8.67 21.60 33.21
CA GLN C 417 7.33 20.98 33.37
C GLN C 417 6.40 21.95 34.11
N ASP C 418 6.62 23.25 33.94
CA ASP C 418 5.82 24.33 34.60
C ASP C 418 4.34 24.13 34.27
N THR C 419 3.44 24.33 35.24
CA THR C 419 1.97 24.24 35.05
C THR C 419 1.50 25.30 34.04
N ARG C 420 2.25 26.41 33.89
CA ARG C 420 1.99 27.47 32.88
C ARG C 420 2.26 26.94 31.47
N MET C 421 3.31 26.12 31.30
CA MET C 421 3.72 25.51 30.01
C MET C 421 2.59 24.59 29.50
N PHE C 422 2.01 23.78 30.37
CA PHE C 422 0.89 22.85 30.05
C PHE C 422 -0.38 23.64 29.72
N GLN C 423 -0.55 24.83 30.29
CA GLN C 423 -1.72 25.73 30.06
C GLN C 423 -1.68 26.30 28.64
N GLY C 424 -0.47 26.47 28.07
CA GLY C 424 -0.26 27.10 26.75
C GLY C 424 -0.31 26.10 25.60
N VAL C 425 -0.83 24.89 25.82
CA VAL C 425 -1.00 23.83 24.78
C VAL C 425 -2.38 24.03 24.13
N ARG C 426 -2.45 24.94 23.15
CA ARG C 426 -3.70 25.27 22.40
C ARG C 426 -3.50 24.87 20.93
N GLY C 427 -4.21 23.83 20.48
CA GLY C 427 -4.08 23.23 19.15
C GLY C 427 -4.03 21.71 19.24
N GLU C 428 -3.85 21.04 18.10
CA GLU C 428 -3.79 19.57 18.00
C GLU C 428 -2.40 19.09 18.41
N ILE C 429 -2.30 18.38 19.54
CA ILE C 429 -1.05 17.76 20.06
C ILE C 429 -1.30 16.25 20.18
N ASN C 430 -0.53 15.45 19.43
CA ASN C 430 -0.63 13.96 19.40
C ASN C 430 0.42 13.37 20.35
N PHE C 431 -0.04 12.75 21.44
CA PHE C 431 0.77 11.90 22.36
C PHE C 431 0.68 10.44 21.91
N LEU C 432 -0.45 10.07 21.30
CA LEU C 432 -0.70 8.71 20.77
C LEU C 432 -0.58 8.73 19.24
N ASN C 433 0.12 7.71 18.71
CA ASN C 433 0.49 7.53 17.28
C ASN C 433 -0.72 6.96 16.53
N ARG C 434 -0.73 7.10 15.20
CA ARG C 434 -1.81 6.61 14.29
C ARG C 434 -2.06 5.11 14.51
N ALA C 435 -1.02 4.35 14.86
CA ALA C 435 -1.07 2.90 15.15
C ALA C 435 -1.16 2.65 16.67
N GLY C 436 -1.71 3.60 17.42
CA GLY C 436 -1.99 3.49 18.87
C GLY C 436 -0.74 3.24 19.70
N GLN C 437 0.43 3.66 19.22
CA GLN C 437 1.74 3.56 19.94
C GLN C 437 1.93 4.84 20.77
N LEU C 438 2.75 4.78 21.81
CA LEU C 438 3.02 5.93 22.72
C LEU C 438 4.14 6.79 22.12
N LEU C 439 3.96 8.12 22.14
CA LEU C 439 5.03 9.12 21.81
C LEU C 439 5.33 9.92 23.08
N SER C 440 6.62 10.05 23.42
CA SER C 440 7.10 10.64 24.71
C SER C 440 6.53 12.04 24.91
N PRO C 441 5.55 12.19 25.83
CA PRO C 441 4.80 13.45 25.98
C PRO C 441 5.71 14.68 26.08
N MET C 442 6.74 14.59 26.91
CA MET C 442 7.73 15.68 27.15
C MET C 442 8.48 16.00 25.85
N TYR C 443 8.78 14.97 25.04
CA TYR C 443 9.52 15.10 23.76
C TYR C 443 8.59 15.57 22.64
N GLN C 444 7.28 15.36 22.77
CA GLN C 444 6.25 15.89 21.83
C GLN C 444 5.95 17.36 22.18
N LEU C 445 5.83 17.67 23.48
CA LEU C 445 5.62 19.06 23.98
C LEU C 445 6.82 19.94 23.58
N GLN C 446 8.04 19.40 23.69
CA GLN C 446 9.29 20.07 23.23
C GLN C 446 9.17 20.40 21.73
N ARG C 447 8.74 19.40 20.94
CA ARG C 447 8.62 19.47 19.46
C ARG C 447 7.50 20.44 19.06
N TYR C 448 6.42 20.53 19.84
CA TYR C 448 5.24 21.40 19.55
C TYR C 448 5.61 22.88 19.74
N PHE C 449 6.22 23.24 20.87
CA PHE C 449 6.47 24.63 21.32
C PHE C 449 7.66 25.25 20.56
N LEU C 450 8.51 24.41 19.96
CA LEU C 450 9.65 24.88 19.11
C LEU C 450 9.10 25.53 17.82
N ASN C 451 7.95 25.08 17.33
CA ASN C 451 7.23 25.64 16.15
C ASN C 451 6.37 26.82 16.60
N ARG C 452 5.42 26.58 17.51
CA ARG C 452 4.47 27.62 18.03
C ARG C 452 4.97 28.10 19.41
N SER C 453 5.80 29.14 19.42
CA SER C 453 6.46 29.72 20.63
C SER C 453 5.69 30.94 21.15
N ASN C 454 5.03 31.70 20.26
CA ASN C 454 4.31 32.96 20.60
C ASN C 454 3.21 32.68 21.62
N ASP C 455 2.58 31.51 21.55
CA ASP C 455 1.49 31.07 22.48
C ASP C 455 2.07 30.90 23.89
N LEU C 456 3.20 30.19 24.00
CA LEU C 456 3.90 29.90 25.29
C LEU C 456 4.29 31.21 25.98
N PHE C 457 4.94 32.12 25.24
CA PHE C 457 5.44 33.43 25.75
C PHE C 457 4.28 34.25 26.33
N ASP C 458 3.17 34.34 25.59
CA ASP C 458 1.96 35.11 25.99
C ASP C 458 1.31 34.45 27.22
N GLN C 459 1.22 33.11 27.24
CA GLN C 459 0.56 32.33 28.30
C GLN C 459 1.43 32.25 29.56
N TRP C 460 2.71 32.63 29.47
CA TRP C 460 3.68 32.57 30.59
C TRP C 460 3.51 33.79 31.52
N GLY C 461 3.57 35.00 30.97
CA GLY C 461 3.46 36.27 31.71
C GLY C 461 4.81 36.95 31.86
N TYR C 462 4.82 38.29 31.86
CA TYR C 462 6.05 39.14 31.89
C TYR C 462 6.17 39.80 33.27
N GLU C 463 7.32 40.46 33.52
CA GLU C 463 7.57 41.27 34.74
C GLU C 463 8.63 42.34 34.43
N GLU C 464 9.14 43.03 35.45
CA GLU C 464 10.23 44.03 35.31
C GLU C 464 11.57 43.31 35.07
N SER C 465 12.41 43.86 34.18
CA SER C 465 13.79 43.36 33.90
C SER C 465 14.70 43.66 35.08
N PRO C 466 15.80 42.89 35.26
CA PRO C 466 16.75 43.15 36.34
C PRO C 466 17.51 44.48 36.15
N LYS C 467 17.95 45.09 37.26
CA LYS C 467 18.67 46.39 37.28
C LYS C 467 20.04 46.18 37.93
N ALA C 468 20.63 44.99 37.77
CA ALA C 468 21.93 44.59 38.35
C ALA C 468 23.07 45.10 37.47
N SER C 469 24.31 44.65 37.73
CA SER C 469 25.55 45.10 37.06
C SER C 469 25.54 44.67 35.58
N GLU C 470 25.61 43.36 35.31
CA GLU C 470 25.70 42.79 33.93
C GLU C 470 24.38 42.10 33.54
N LEU C 471 23.35 42.18 34.38
CA LEU C 471 22.03 41.51 34.16
C LEU C 471 21.05 42.51 33.54
N HIS C 472 20.62 42.25 32.30
CA HIS C 472 19.60 43.02 31.54
C HIS C 472 18.69 42.05 30.77
N GLY C 473 17.37 42.17 30.94
CA GLY C 473 16.37 41.21 30.46
C GLY C 473 16.03 41.40 28.99
N ILE C 474 15.43 40.37 28.37
CA ILE C 474 14.98 40.36 26.94
C ILE C 474 13.50 39.96 26.89
N ASN C 475 12.76 40.51 25.91
CA ASN C 475 11.30 40.30 25.73
C ASN C 475 11.07 39.21 24.67
N GLU C 476 9.85 39.15 24.11
CA GLU C 476 9.39 38.10 23.16
C GLU C 476 10.30 38.06 21.92
N SER C 477 10.62 39.23 21.35
CA SER C 477 11.38 39.40 20.08
C SER C 477 12.88 39.13 20.29
N MET C 478 13.32 38.93 21.55
CA MET C 478 14.72 38.60 21.94
C MET C 478 15.61 39.83 21.74
N ASN C 479 15.16 40.99 22.24
CA ASN C 479 15.90 42.29 22.25
C ASN C 479 15.96 42.82 23.68
N ALA C 480 17.06 43.50 24.05
CA ALA C 480 17.29 44.10 25.38
C ALA C 480 16.12 45.02 25.73
N SER C 481 15.17 44.50 26.52
CA SER C 481 13.83 45.12 26.78
C SER C 481 13.67 45.47 28.27
N ASP C 482 12.60 46.21 28.60
CA ASP C 482 12.24 46.64 29.98
C ASP C 482 11.43 45.51 30.64
N TYR C 483 10.47 44.93 29.92
CA TYR C 483 9.66 43.76 30.32
C TYR C 483 10.37 42.47 29.87
N THR C 484 10.58 41.54 30.80
CA THR C 484 11.19 40.21 30.55
C THR C 484 10.24 39.10 31.05
N LEU C 485 10.43 37.88 30.55
CA LEU C 485 9.62 36.67 30.88
C LEU C 485 9.87 36.27 32.34
N LYS C 486 8.79 35.91 33.05
CA LYS C 486 8.76 35.74 34.53
C LYS C 486 9.85 34.75 34.96
N GLY C 487 11.00 35.26 35.39
CA GLY C 487 12.15 34.47 35.87
C GLY C 487 13.16 34.18 34.76
N VAL C 488 13.37 35.14 33.84
CA VAL C 488 14.38 35.06 32.75
C VAL C 488 15.30 36.29 32.85
N VAL C 489 16.61 36.07 32.84
CA VAL C 489 17.67 37.11 32.97
C VAL C 489 18.84 36.76 32.03
N VAL C 490 19.44 37.77 31.39
CA VAL C 490 20.61 37.62 30.48
C VAL C 490 21.83 38.30 31.12
N THR C 491 23.00 37.67 31.04
CA THR C 491 24.27 38.13 31.69
C THR C 491 25.38 38.27 30.62
N ARG C 492 26.57 38.71 31.04
CA ARG C 492 27.75 38.93 30.16
C ARG C 492 28.89 37.96 30.53
N ASN C 493 28.60 36.95 31.36
CA ASN C 493 29.59 35.95 31.86
C ASN C 493 29.05 34.54 31.60
N VAL C 494 29.91 33.61 31.18
CA VAL C 494 29.53 32.24 30.74
C VAL C 494 29.26 31.37 31.98
N THR C 503 36.17 15.58 38.25
CA THR C 503 35.14 16.29 39.04
C THR C 503 35.28 15.94 40.52
N GLU C 504 34.65 14.83 40.95
CA GLU C 504 34.69 14.30 42.34
C GLU C 504 34.64 12.77 42.27
N LYS C 505 35.51 12.08 43.03
CA LYS C 505 35.74 10.62 42.93
C LYS C 505 34.60 9.86 43.64
N VAL C 506 33.83 9.11 42.84
CA VAL C 506 32.64 8.32 43.25
C VAL C 506 33.06 6.87 43.45
N SER C 507 32.25 6.07 44.15
CA SER C 507 32.34 4.59 44.18
C SER C 507 30.93 3.99 44.12
N ILE C 508 30.82 2.75 43.64
CA ILE C 508 29.54 2.07 43.30
C ILE C 508 29.37 0.86 44.23
N THR C 509 28.21 0.75 44.87
CA THR C 509 27.84 -0.38 45.77
C THR C 509 27.57 -1.61 44.91
N LYS C 510 27.76 -2.82 45.45
CA LYS C 510 27.53 -4.09 44.73
C LYS C 510 26.06 -4.17 44.31
N ASN C 511 25.17 -3.51 45.06
CA ASN C 511 23.71 -3.41 44.82
C ASN C 511 23.41 -2.29 43.81
N LEU C 512 24.44 -1.72 43.18
CA LEU C 512 24.37 -0.67 42.10
C LEU C 512 23.74 0.62 42.66
N SER C 513 24.49 1.34 43.49
CA SER C 513 24.23 2.74 43.91
C SER C 513 25.56 3.51 43.87
N LEU C 514 25.55 4.72 43.32
CA LEU C 514 26.74 5.62 43.23
C LEU C 514 26.80 6.47 44.50
N ILE C 515 27.71 6.10 45.42
CA ILE C 515 27.92 6.79 46.72
C ILE C 515 29.09 7.76 46.57
N LYS C 516 28.92 8.97 47.13
CA LYS C 516 30.00 9.99 47.23
C LYS C 516 30.99 9.55 48.32
N ARG C 517 32.16 10.18 48.33
CA ARG C 517 33.26 9.95 49.32
C ARG C 517 32.76 10.30 50.74
N THR C 518 31.73 11.16 50.84
CA THR C 518 31.08 11.53 52.12
C THR C 518 30.17 10.38 52.58
N GLY C 519 29.18 10.02 51.76
CA GLY C 519 28.18 9.00 52.11
C GLY C 519 26.88 9.17 51.34
N GLU C 520 26.51 10.41 50.98
CA GLU C 520 25.31 10.71 50.18
C GLU C 520 25.45 10.03 48.81
N VAL C 521 24.34 9.53 48.26
CA VAL C 521 24.28 8.86 46.93
C VAL C 521 23.95 9.93 45.88
N ILE C 522 24.31 9.68 44.62
CA ILE C 522 24.01 10.57 43.46
C ILE C 522 23.11 9.84 42.45
N MET C 523 23.30 8.52 42.28
CA MET C 523 22.47 7.67 41.40
C MET C 523 22.26 6.29 42.03
N GLY C 524 21.27 5.56 41.53
CA GLY C 524 21.02 4.14 41.85
C GLY C 524 20.30 3.45 40.71
N ALA C 525 20.33 2.12 40.69
CA ALA C 525 19.61 1.28 39.69
C ALA C 525 18.12 1.63 39.70
N ASN C 526 17.62 2.19 40.80
CA ASN C 526 16.19 2.59 40.98
C ASN C 526 15.91 3.90 40.26
N ASP C 527 16.95 4.58 39.73
CA ASP C 527 16.84 5.92 39.07
C ASP C 527 16.84 5.78 37.55
N VAL C 528 17.15 4.59 37.00
CA VAL C 528 17.20 4.35 35.52
C VAL C 528 15.77 4.18 34.99
N SER C 529 15.57 4.53 33.73
CA SER C 529 14.26 4.51 33.02
C SER C 529 13.84 3.06 32.76
N GLU C 530 12.54 2.77 32.94
CA GLU C 530 11.96 1.40 32.82
C GLU C 530 11.66 1.08 31.35
N LEU C 531 11.66 2.10 30.48
CA LEU C 531 11.27 1.95 29.04
C LEU C 531 12.39 1.26 28.26
N GLU C 532 12.14 0.01 27.85
CA GLU C 532 12.93 -0.74 26.83
C GLU C 532 12.57 -0.17 25.45
N SER C 533 13.56 0.02 24.57
CA SER C 533 13.38 0.59 23.21
C SER C 533 14.34 -0.08 22.22
N GLN C 534 14.02 0.04 20.93
CA GLN C 534 14.81 -0.57 19.82
C GLN C 534 16.13 0.20 19.68
N ALA C 535 17.26 -0.47 19.96
CA ALA C 535 18.63 0.06 19.76
C ALA C 535 18.80 0.53 18.32
N GLN C 536 19.53 1.62 18.10
CA GLN C 536 19.78 2.20 16.76
C GLN C 536 20.70 1.25 15.98
N LEU C 537 21.82 0.86 16.60
CA LEU C 537 22.81 -0.10 16.07
C LEU C 537 22.61 -1.46 16.76
N MET C 538 23.21 -2.51 16.20
CA MET C 538 23.02 -3.91 16.65
C MET C 538 23.84 -4.13 17.93
N ILE C 539 23.16 -4.52 19.01
CA ILE C 539 23.77 -4.87 20.33
C ILE C 539 24.09 -6.36 20.31
N THR C 540 25.31 -6.75 20.71
CA THR C 540 25.74 -8.17 20.83
C THR C 540 26.35 -8.41 22.21
N TYR C 541 25.95 -9.48 22.89
CA TYR C 541 26.51 -9.92 24.19
C TYR C 541 27.38 -11.16 23.94
N ASP C 542 28.71 -10.99 24.03
CA ASP C 542 29.72 -11.98 23.58
C ASP C 542 29.86 -13.11 24.61
N THR C 543 29.01 -13.13 25.65
CA THR C 543 28.95 -14.21 26.68
C THR C 543 27.95 -15.27 26.23
N PRO C 544 28.24 -16.56 26.48
CA PRO C 544 27.21 -17.60 26.40
C PRO C 544 26.04 -17.16 27.28
N LYS C 545 24.83 -17.58 26.91
CA LYS C 545 23.56 -17.11 27.52
C LYS C 545 23.49 -15.59 27.37
N MET C 546 23.45 -15.13 26.11
CA MET C 546 23.16 -13.74 25.69
C MET C 546 21.64 -13.52 25.70
N TRP C 547 20.85 -14.59 25.60
CA TRP C 547 19.36 -14.58 25.62
C TRP C 547 18.82 -13.86 26.86
N GLU C 548 19.62 -13.80 27.93
CA GLU C 548 19.23 -13.25 29.26
C GLU C 548 18.88 -11.76 29.14
N MET C 549 19.47 -11.04 28.17
CA MET C 549 19.15 -9.62 27.88
C MET C 549 18.05 -9.53 26.79
N GLY C 550 17.31 -10.61 26.56
CA GLY C 550 16.28 -10.68 25.51
C GLY C 550 15.01 -9.94 25.92
N THR C 551 13.93 -10.16 25.19
CA THR C 551 12.57 -9.64 25.50
C THR C 551 11.84 -10.68 26.37
N THR C 552 10.66 -10.29 26.87
CA THR C 552 9.77 -11.13 27.71
C THR C 552 9.57 -12.48 27.04
N LYS C 553 9.05 -12.48 25.81
CA LYS C 553 8.64 -13.70 25.06
C LYS C 553 9.88 -14.56 24.77
N GLU C 554 11.01 -13.93 24.41
CA GLU C 554 12.31 -14.63 24.15
C GLU C 554 12.75 -15.33 25.44
N LEU C 555 12.86 -14.58 26.54
CA LEU C 555 13.27 -15.14 27.87
C LEU C 555 12.32 -16.28 28.27
N VAL C 556 11.00 -16.02 28.18
CA VAL C 556 9.91 -17.00 28.50
C VAL C 556 10.14 -18.30 27.72
N GLN C 557 10.27 -18.21 26.39
CA GLN C 557 10.41 -19.38 25.50
C GLN C 557 11.74 -20.09 25.78
N ASN C 558 12.84 -19.34 25.89
CA ASN C 558 14.19 -19.90 26.14
C ASN C 558 14.22 -20.62 27.50
N THR C 559 13.54 -20.08 28.52
CA THR C 559 13.45 -20.69 29.88
C THR C 559 12.79 -22.06 29.78
N TYR C 560 11.51 -22.10 29.38
CA TYR C 560 10.69 -23.34 29.26
C TYR C 560 11.38 -24.37 28.37
N GLN C 561 12.08 -23.91 27.32
CA GLN C 561 12.90 -24.78 26.42
C GLN C 561 13.99 -25.46 27.27
N TRP C 562 14.68 -24.69 28.11
CA TRP C 562 15.74 -25.17 29.03
C TRP C 562 15.14 -26.11 30.08
N VAL C 563 13.93 -25.81 30.57
CA VAL C 563 13.17 -26.70 31.51
C VAL C 563 12.89 -28.04 30.80
N LEU C 564 12.34 -28.00 29.58
CA LEU C 564 12.00 -29.21 28.77
C LEU C 564 13.26 -30.00 28.47
N LYS C 565 14.37 -29.31 28.14
CA LYS C 565 15.67 -29.95 27.81
C LYS C 565 16.14 -30.78 29.01
N ASN C 566 16.04 -30.26 30.24
CA ASN C 566 16.60 -30.88 31.48
C ASN C 566 15.46 -31.42 32.36
N LEU C 567 14.27 -31.65 31.79
CA LEU C 567 13.07 -32.15 32.51
C LEU C 567 13.38 -33.50 33.18
N VAL C 568 14.14 -34.38 32.49
CA VAL C 568 14.52 -35.74 32.96
C VAL C 568 15.10 -35.61 34.39
N THR C 569 16.22 -34.90 34.52
CA THR C 569 16.92 -34.65 35.81
C THR C 569 16.06 -33.75 36.70
N LEU C 570 15.70 -32.55 36.22
CA LEU C 570 15.03 -31.51 37.05
C LEU C 570 13.81 -32.09 37.77
N LYS C 571 13.05 -32.99 37.13
CA LYS C 571 11.83 -33.61 37.73
C LYS C 571 12.22 -34.63 38.80
N ALA C 572 13.30 -35.39 38.56
CA ALA C 572 13.83 -36.42 39.49
C ALA C 572 14.41 -35.72 40.74
N GLN C 573 15.33 -34.79 40.53
CA GLN C 573 15.99 -33.98 41.58
C GLN C 573 14.94 -33.37 42.53
N PHE C 574 13.77 -33.00 42.00
CA PHE C 574 12.64 -32.41 42.77
C PHE C 574 12.04 -33.46 43.72
N LEU C 575 11.93 -34.71 43.27
CA LEU C 575 11.32 -35.83 44.04
C LEU C 575 12.27 -36.29 45.16
N LEU C 576 13.56 -35.91 45.06
CA LEU C 576 14.59 -36.12 46.13
C LEU C 576 14.67 -34.84 46.98
N GLY C 577 15.59 -33.92 46.64
CA GLY C 577 15.74 -32.61 47.29
C GLY C 577 14.62 -31.67 46.88
N LYS C 578 14.14 -30.84 47.83
CA LYS C 578 12.95 -29.97 47.66
C LYS C 578 13.34 -28.67 46.94
N GLU C 579 14.23 -27.88 47.56
CA GLU C 579 14.57 -26.49 47.14
C GLU C 579 15.94 -26.44 46.45
N ASP C 580 16.54 -27.61 46.18
CA ASP C 580 17.90 -27.73 45.57
C ASP C 580 17.88 -27.14 44.16
N MET C 581 16.86 -27.50 43.36
CA MET C 581 16.79 -27.18 41.90
C MET C 581 15.75 -26.08 41.64
N PHE C 582 15.48 -25.22 42.63
CA PHE C 582 14.69 -23.97 42.47
C PHE C 582 15.64 -22.84 42.07
N GLN C 583 16.85 -22.80 42.66
CA GLN C 583 17.92 -21.83 42.33
C GLN C 583 18.67 -22.33 41.08
N TRP C 584 18.28 -21.83 39.90
CA TRP C 584 18.91 -22.14 38.60
C TRP C 584 19.05 -20.86 37.77
N ASP C 585 20.22 -20.68 37.13
CA ASP C 585 20.67 -19.43 36.48
C ASP C 585 19.68 -18.99 35.40
N ALA C 586 18.93 -19.94 34.82
CA ALA C 586 17.87 -19.69 33.82
C ALA C 586 16.68 -19.00 34.49
N PHE C 587 16.26 -19.50 35.66
CA PHE C 587 15.09 -19.00 36.41
C PHE C 587 15.38 -17.61 36.99
N GLU C 588 16.67 -17.27 37.14
CA GLU C 588 17.13 -15.91 37.55
C GLU C 588 16.75 -14.92 36.45
N ALA C 589 17.29 -15.11 35.24
CA ALA C 589 16.94 -14.34 34.03
C ALA C 589 15.42 -14.18 33.99
N PHE C 590 14.68 -15.30 34.02
CA PHE C 590 13.20 -15.34 33.95
C PHE C 590 12.59 -14.38 34.97
N GLU C 591 13.20 -14.21 36.15
CA GLU C 591 12.66 -13.33 37.22
C GLU C 591 12.63 -11.87 36.72
N SER C 592 13.62 -11.46 35.92
CA SER C 592 13.83 -10.05 35.50
C SER C 592 12.72 -9.57 34.56
N ILE C 593 11.82 -10.47 34.14
CA ILE C 593 10.63 -10.13 33.29
C ILE C 593 9.34 -10.32 34.11
N ILE C 594 9.45 -10.56 35.42
CA ILE C 594 8.29 -10.62 36.38
C ILE C 594 8.20 -9.28 37.10
N PRO C 595 6.98 -8.71 37.27
CA PRO C 595 6.81 -7.54 38.14
C PRO C 595 7.34 -7.84 39.55
N GLN C 596 8.36 -7.08 39.96
CA GLN C 596 9.14 -7.30 41.22
C GLN C 596 8.19 -7.28 42.41
N LYS C 597 7.07 -6.55 42.29
CA LYS C 597 6.06 -6.37 43.36
C LYS C 597 5.11 -7.57 43.43
N MET C 598 5.25 -8.56 42.54
CA MET C 598 4.46 -9.82 42.57
C MET C 598 5.38 -11.05 42.47
N ALA C 599 6.65 -10.87 42.05
CA ALA C 599 7.67 -11.93 41.94
C ALA C 599 7.63 -12.85 43.18
N GLY C 600 7.79 -12.27 44.37
CA GLY C 600 7.79 -12.99 45.66
C GLY C 600 6.49 -13.75 45.87
N GLN C 601 5.35 -13.09 45.67
CA GLN C 601 4.00 -13.66 45.85
C GLN C 601 3.81 -14.87 44.92
N TYR C 602 4.23 -14.76 43.65
CA TYR C 602 4.10 -15.84 42.63
C TYR C 602 4.88 -17.08 43.08
N SER C 603 6.13 -16.90 43.50
CA SER C 603 7.02 -17.97 44.03
C SER C 603 6.36 -18.66 45.23
N GLY C 604 5.79 -17.86 46.14
CA GLY C 604 5.01 -18.35 47.30
C GLY C 604 3.93 -19.32 46.86
N PHE C 605 3.18 -18.97 45.81
CA PHE C 605 2.07 -19.76 45.24
C PHE C 605 2.61 -21.02 44.55
N ALA C 606 3.52 -20.84 43.58
CA ALA C 606 4.04 -21.92 42.69
C ALA C 606 4.62 -23.08 43.52
N ARG C 607 5.55 -22.78 44.43
CA ARG C 607 6.27 -23.78 45.26
C ARG C 607 5.25 -24.63 46.04
N ALA C 608 4.25 -23.98 46.63
CA ALA C 608 3.16 -24.60 47.41
C ALA C 608 2.42 -25.62 46.54
N VAL C 609 2.07 -25.22 45.31
CA VAL C 609 1.37 -26.08 44.31
C VAL C 609 2.31 -27.23 43.91
N LEU C 610 3.58 -26.95 43.61
CA LEU C 610 4.58 -27.97 43.21
C LEU C 610 4.72 -29.03 44.32
N LYS C 611 5.01 -28.60 45.55
CA LYS C 611 5.18 -29.49 46.73
C LYS C 611 3.89 -30.30 46.94
N GLN C 612 2.73 -29.66 46.74
CA GLN C 612 1.39 -30.27 46.85
C GLN C 612 1.25 -31.42 45.85
N MET C 613 1.86 -31.31 44.67
CA MET C 613 1.85 -32.37 43.63
C MET C 613 2.76 -33.53 44.07
N ARG C 614 3.95 -33.21 44.60
CA ARG C 614 4.94 -34.22 45.08
C ARG C 614 4.36 -35.00 46.25
N ASP C 615 3.93 -34.31 47.31
CA ASP C 615 3.64 -34.89 48.64
C ASP C 615 2.34 -35.71 48.60
N GLN C 616 1.32 -35.26 47.86
CA GLN C 616 -0.04 -35.87 47.85
C GLN C 616 -0.23 -36.79 46.63
N GLU C 617 0.84 -37.09 45.89
CA GLU C 617 0.90 -38.10 44.79
C GLU C 617 0.30 -37.54 43.49
N VAL C 618 -0.51 -36.48 43.56
CA VAL C 618 -1.28 -35.93 42.41
C VAL C 618 -0.35 -35.03 41.57
N MET C 619 0.44 -35.64 40.69
CA MET C 619 1.41 -34.94 39.81
C MET C 619 0.69 -34.43 38.56
N LYS C 620 1.38 -33.66 37.73
CA LYS C 620 0.87 -33.06 36.46
C LYS C 620 2.05 -32.34 35.78
N THR C 621 2.71 -33.04 34.84
CA THR C 621 4.04 -32.67 34.29
C THR C 621 3.96 -31.33 33.54
N ASP C 622 2.86 -31.07 32.83
CA ASP C 622 2.65 -29.80 32.09
C ASP C 622 2.63 -28.63 33.08
N GLN C 623 1.97 -28.82 34.23
CA GLN C 623 1.82 -27.79 35.30
C GLN C 623 3.19 -27.54 35.96
N PHE C 624 3.89 -28.62 36.34
CA PHE C 624 5.27 -28.59 36.90
C PHE C 624 6.13 -27.66 36.04
N ILE C 625 6.20 -27.97 34.74
CA ILE C 625 6.96 -27.21 33.70
C ILE C 625 6.54 -25.74 33.76
N LYS C 626 5.23 -25.48 33.70
CA LYS C 626 4.65 -24.11 33.63
C LYS C 626 5.10 -23.28 34.84
N LEU C 627 5.04 -23.85 36.05
CA LEU C 627 5.20 -23.11 37.33
C LEU C 627 6.67 -23.09 37.78
N LEU C 628 7.45 -24.15 37.52
CA LEU C 628 8.82 -24.32 38.08
C LEU C 628 9.66 -23.04 37.97
N PRO C 629 9.66 -22.30 36.83
CA PRO C 629 10.43 -21.06 36.73
C PRO C 629 10.08 -19.99 37.77
N PHE C 630 8.80 -19.87 38.12
CA PHE C 630 8.26 -18.86 39.09
C PHE C 630 8.82 -19.14 40.49
N CYS C 631 9.25 -20.37 40.76
CA CYS C 631 9.82 -20.84 42.06
C CYS C 631 11.33 -20.53 42.13
N PHE C 632 11.70 -19.24 42.17
CA PHE C 632 13.10 -18.77 42.30
C PHE C 632 13.14 -17.60 43.29
N SER C 633 12.41 -16.53 42.98
CA SER C 633 12.19 -15.34 43.84
C SER C 633 11.86 -15.81 45.25
N PRO C 634 12.60 -15.38 46.30
CA PRO C 634 12.31 -15.79 47.68
C PRO C 634 10.82 -15.64 47.99
N PRO C 635 10.16 -16.67 48.58
CA PRO C 635 8.70 -16.69 48.71
C PRO C 635 8.15 -15.54 49.57
N LYS C 636 6.94 -15.09 49.25
CA LYS C 636 6.19 -14.04 49.99
C LYS C 636 4.77 -14.54 50.24
N LEU C 637 4.53 -15.08 51.44
CA LEU C 637 3.23 -15.67 51.86
C LEU C 637 2.38 -14.58 52.51
N ARG C 638 1.09 -14.84 52.75
CA ARG C 638 0.18 -13.94 53.49
C ARG C 638 0.58 -13.94 54.97
N SER C 639 -0.02 -13.05 55.76
CA SER C 639 0.29 -12.87 57.21
C SER C 639 -0.18 -14.09 58.01
N ASN C 640 -1.15 -14.86 57.50
CA ASN C 640 -1.75 -16.03 58.19
C ASN C 640 -1.10 -17.34 57.71
N GLY C 641 0.10 -17.26 57.11
CA GLY C 641 0.94 -18.44 56.80
C GLY C 641 0.69 -18.98 55.40
N GLU C 642 -0.57 -19.06 54.97
CA GLU C 642 -1.00 -19.64 53.67
C GLU C 642 -0.47 -18.79 52.52
N PRO C 643 -0.13 -19.38 51.35
CA PRO C 643 0.33 -18.60 50.19
C PRO C 643 -0.80 -17.82 49.52
N TYR C 644 -0.42 -16.85 48.67
CA TYR C 644 -1.34 -16.09 47.79
C TYR C 644 -1.83 -17.02 46.66
N GLN C 645 -3.08 -16.85 46.22
CA GLN C 645 -3.72 -17.67 45.14
C GLN C 645 -3.90 -16.79 43.91
N PHE C 646 -3.75 -17.36 42.71
CA PHE C 646 -3.77 -16.63 41.41
C PHE C 646 -4.53 -17.42 40.35
N LEU C 647 -5.16 -16.69 39.43
CA LEU C 647 -5.80 -17.22 38.19
C LEU C 647 -4.80 -17.08 37.03
N LYS C 648 -4.08 -15.95 36.97
CA LYS C 648 -3.04 -15.67 35.94
C LYS C 648 -1.86 -14.94 36.58
N LEU C 649 -0.67 -15.12 35.99
CA LEU C 649 0.62 -14.50 36.42
C LEU C 649 1.09 -13.53 35.33
N VAL C 650 0.77 -12.25 35.48
CA VAL C 650 1.13 -11.16 34.53
C VAL C 650 2.66 -11.02 34.50
N LEU C 651 3.24 -10.74 33.33
CA LEU C 651 4.69 -10.48 33.16
C LEU C 651 4.90 -9.12 32.51
N LYS C 652 6.17 -8.67 32.44
CA LYS C 652 6.56 -7.35 31.88
C LYS C 652 6.25 -7.33 30.38
N GLY C 653 5.75 -6.19 29.89
CA GLY C 653 5.47 -5.95 28.46
C GLY C 653 3.98 -5.84 28.18
N GLY C 654 3.53 -6.36 27.02
CA GLY C 654 2.15 -6.22 26.52
C GLY C 654 1.16 -7.06 27.31
N GLY C 655 -0.13 -6.68 27.22
CA GLY C 655 -1.24 -7.28 27.97
C GLY C 655 -1.43 -8.77 27.68
N GLU C 656 -0.71 -9.31 26.69
CA GLU C 656 -0.75 -10.75 26.29
C GLU C 656 0.45 -11.50 26.88
N ASN C 657 1.32 -10.81 27.63
CA ASN C 657 2.49 -11.44 28.31
C ASN C 657 2.06 -11.90 29.70
N PHE C 658 1.29 -13.00 29.78
CA PHE C 658 0.81 -13.60 31.05
C PHE C 658 0.69 -15.12 30.90
N ILE C 659 0.80 -15.83 32.03
CA ILE C 659 0.68 -17.32 32.15
C ILE C 659 -0.58 -17.61 32.97
N GLU C 660 -1.57 -18.29 32.40
CA GLU C 660 -2.79 -18.74 33.11
C GLU C 660 -2.43 -19.93 34.01
N VAL C 661 -3.10 -20.05 35.16
CA VAL C 661 -2.85 -21.14 36.16
C VAL C 661 -3.68 -22.37 35.77
N ARG C 662 -4.93 -22.16 35.36
CA ARG C 662 -5.92 -23.24 35.11
C ARG C 662 -5.99 -23.52 33.60
N LYS C 663 -6.15 -22.48 32.78
CA LYS C 663 -6.25 -22.56 31.30
C LYS C 663 -4.86 -22.51 30.69
N GLY C 664 -4.80 -22.45 29.35
CA GLY C 664 -3.64 -22.01 28.57
C GLY C 664 -3.70 -20.51 28.31
N SER C 665 -2.63 -19.95 27.73
CA SER C 665 -2.43 -18.50 27.52
C SER C 665 -1.52 -18.27 26.31
N PRO C 666 -1.54 -17.05 25.73
CA PRO C 666 -0.72 -16.74 24.55
C PRO C 666 0.77 -17.09 24.66
N LEU C 667 1.27 -17.32 25.89
CA LEU C 667 2.68 -17.71 26.14
C LEU C 667 2.80 -19.23 26.32
N PHE C 668 1.79 -19.90 26.89
CA PHE C 668 1.90 -21.31 27.37
C PHE C 668 0.54 -22.00 27.38
N SER C 669 0.40 -23.09 26.63
CA SER C 669 -0.79 -23.98 26.64
C SER C 669 -0.39 -25.41 26.22
N TYR C 670 -0.98 -26.41 26.87
CA TYR C 670 -0.70 -27.85 26.65
C TYR C 670 -1.94 -28.52 26.04
N ASN C 671 -1.76 -29.15 24.87
CA ASN C 671 -2.78 -30.00 24.21
C ASN C 671 -2.53 -31.45 24.64
N PRO C 672 -3.41 -32.05 25.48
CA PRO C 672 -3.25 -33.42 25.94
C PRO C 672 -3.56 -34.46 24.84
N GLN C 673 -4.51 -34.17 23.95
CA GLN C 673 -4.89 -35.07 22.82
C GLN C 673 -3.64 -35.43 22.02
N THR C 674 -2.83 -34.42 21.66
CA THR C 674 -1.60 -34.56 20.84
C THR C 674 -0.37 -34.67 21.75
N GLU C 675 -0.54 -34.36 23.05
CA GLU C 675 0.56 -34.24 24.05
C GLU C 675 1.56 -33.19 23.55
N VAL C 676 1.02 -32.06 23.06
CA VAL C 676 1.82 -30.97 22.40
C VAL C 676 1.73 -29.70 23.25
N LEU C 677 2.88 -29.27 23.76
CA LEU C 677 3.06 -28.01 24.54
C LEU C 677 3.41 -26.89 23.56
N THR C 678 2.62 -25.82 23.55
CA THR C 678 2.82 -24.62 22.69
C THR C 678 3.40 -23.49 23.55
N ILE C 679 4.56 -22.96 23.15
CA ILE C 679 5.31 -21.87 23.85
C ILE C 679 5.55 -20.74 22.87
N CYS C 680 4.75 -19.66 22.93
CA CYS C 680 4.83 -18.48 22.03
C CYS C 680 4.69 -18.92 20.57
N GLY C 681 3.80 -19.86 20.29
CA GLY C 681 3.47 -20.32 18.92
C GLY C 681 4.35 -21.47 18.45
N ARG C 682 5.46 -21.76 19.15
CA ARG C 682 6.36 -22.90 18.83
C ARG C 682 5.82 -24.14 19.56
N MET C 683 5.66 -25.25 18.83
CA MET C 683 5.05 -26.52 19.31
C MET C 683 6.16 -27.50 19.68
N MET C 684 6.05 -28.14 20.85
CA MET C 684 7.03 -29.10 21.41
C MET C 684 6.27 -30.34 21.91
N SER C 685 6.76 -31.53 21.56
CA SER C 685 6.11 -32.84 21.89
C SER C 685 6.51 -33.25 23.31
N LEU C 686 5.53 -33.45 24.20
CA LEU C 686 5.75 -34.04 25.56
C LEU C 686 5.50 -35.55 25.52
N LYS C 687 5.45 -36.14 24.32
CA LYS C 687 5.36 -37.61 24.12
C LYS C 687 6.59 -38.25 24.78
N GLY C 688 6.39 -39.31 25.55
CA GLY C 688 7.46 -40.05 26.25
C GLY C 688 7.70 -39.47 27.64
N LYS C 689 7.87 -38.15 27.75
CA LYS C 689 8.10 -37.42 29.02
C LYS C 689 6.75 -37.09 29.66
N ILE C 690 5.99 -38.13 30.02
CA ILE C 690 4.61 -38.03 30.60
C ILE C 690 4.27 -39.37 31.26
N GLU C 691 3.65 -39.34 32.45
CA GLU C 691 3.24 -40.54 33.22
C GLU C 691 1.90 -41.05 32.66
N ASP C 692 1.57 -42.32 32.94
CA ASP C 692 0.38 -43.01 32.40
C ASP C 692 -0.89 -42.49 33.07
N GLU C 693 -0.84 -42.26 34.39
CA GLU C 693 -1.99 -41.89 35.25
C GLU C 693 -2.46 -40.46 34.94
N GLU C 694 -1.54 -39.57 34.54
CA GLU C 694 -1.77 -38.11 34.38
C GLU C 694 -3.01 -37.84 33.51
N ARG C 695 -3.12 -38.51 32.36
CA ARG C 695 -4.22 -38.32 31.38
C ARG C 695 -5.55 -38.16 32.14
N ASN C 696 -5.90 -39.15 32.97
CA ASN C 696 -7.17 -39.23 33.74
C ASN C 696 -7.07 -38.35 34.99
N ARG C 697 -5.86 -38.12 35.51
CA ARG C 697 -5.58 -37.30 36.72
C ARG C 697 -6.01 -35.86 36.45
N SER C 698 -6.94 -35.32 37.25
CA SER C 698 -7.51 -33.96 37.11
C SER C 698 -6.43 -32.90 37.32
N MET C 699 -6.69 -31.69 36.84
CA MET C 699 -5.82 -30.49 37.01
C MET C 699 -6.19 -29.79 38.32
N GLY C 700 -7.44 -29.89 38.75
CA GLY C 700 -8.02 -29.19 39.92
C GLY C 700 -7.10 -29.19 41.13
N ASN C 701 -6.23 -30.20 41.27
CA ASN C 701 -5.32 -30.38 42.43
C ASN C 701 -4.12 -29.43 42.34
N ALA C 702 -3.57 -29.21 41.14
CA ALA C 702 -2.37 -28.36 40.91
C ALA C 702 -2.79 -26.98 40.39
N VAL C 703 -3.86 -26.40 40.94
CA VAL C 703 -4.47 -25.11 40.49
C VAL C 703 -4.46 -24.10 41.64
N LEU C 704 -4.71 -24.57 42.88
CA LEU C 704 -4.66 -23.76 44.12
C LEU C 704 -3.71 -24.46 45.11
N ALA C 705 -3.05 -23.67 45.97
CA ALA C 705 -2.15 -24.14 47.04
C ALA C 705 -2.96 -24.53 48.27
N GLY C 706 -2.72 -25.73 48.81
CA GLY C 706 -3.44 -26.29 49.97
C GLY C 706 -4.89 -26.61 49.66
N PHE C 707 -5.20 -26.87 48.39
CA PHE C 707 -6.57 -27.18 47.89
C PHE C 707 -6.51 -28.42 46.98
N LEU C 708 -7.35 -29.42 47.25
CA LEU C 708 -7.38 -30.71 46.49
C LEU C 708 -8.83 -31.08 46.16
N VAL C 709 -9.05 -31.75 45.03
CA VAL C 709 -10.39 -32.12 44.47
C VAL C 709 -11.02 -33.17 45.40
N SER C 710 -12.35 -33.08 45.62
CA SER C 710 -13.13 -34.09 46.39
C SER C 710 -14.11 -34.83 45.47
N GLY C 711 -14.93 -34.08 44.72
CA GLY C 711 -15.91 -34.62 43.76
C GLY C 711 -16.20 -33.63 42.65
N LYS C 712 -17.43 -33.64 42.12
CA LYS C 712 -17.89 -32.73 41.04
C LYS C 712 -18.83 -31.67 41.62
N TYR C 713 -18.99 -30.56 40.89
CA TYR C 713 -19.88 -29.40 41.21
C TYR C 713 -21.09 -29.87 42.02
N ASP C 714 -21.26 -29.32 43.23
CA ASP C 714 -22.40 -29.60 44.15
C ASP C 714 -23.28 -28.36 44.24
N PRO C 715 -24.44 -28.33 43.53
CA PRO C 715 -25.32 -27.16 43.51
C PRO C 715 -25.58 -26.49 44.87
N ASP C 716 -25.53 -27.27 45.96
CA ASP C 716 -25.74 -26.79 47.36
C ASP C 716 -24.70 -25.74 47.73
N LEU C 717 -23.45 -25.87 47.24
CA LEU C 717 -22.33 -24.96 47.56
C LEU C 717 -22.47 -23.62 46.80
N GLY C 718 -23.37 -23.55 45.82
CA GLY C 718 -23.71 -22.31 45.10
C GLY C 718 -22.77 -22.05 43.94
N ASP C 719 -22.52 -20.78 43.64
CA ASP C 719 -21.70 -20.34 42.46
C ASP C 719 -20.22 -20.59 42.75
N PHE C 720 -19.36 -20.39 41.75
CA PHE C 720 -17.89 -20.63 41.82
C PHE C 720 -17.23 -19.53 42.66
N LYS C 721 -16.31 -19.91 43.55
CA LYS C 721 -15.65 -18.95 44.49
C LYS C 721 -14.55 -18.18 43.76
N THR C 722 -14.40 -16.89 44.09
CA THR C 722 -13.30 -16.01 43.60
C THR C 722 -12.01 -16.37 44.34
N ILE C 723 -10.86 -15.87 43.84
CA ILE C 723 -9.53 -15.97 44.51
C ILE C 723 -9.71 -15.57 45.97
N GLU C 724 -10.31 -14.39 46.20
CA GLU C 724 -10.55 -13.79 47.54
C GLU C 724 -11.36 -14.78 48.40
N GLU C 725 -12.56 -15.16 47.92
CA GLU C 725 -13.50 -16.08 48.61
C GLU C 725 -12.80 -17.41 48.92
N LEU C 726 -11.89 -17.87 48.04
CA LEU C 726 -11.09 -19.11 48.24
C LEU C 726 -10.06 -18.88 49.36
N GLU C 727 -9.26 -17.80 49.25
CA GLU C 727 -8.24 -17.41 50.25
C GLU C 727 -8.88 -17.25 51.63
N LYS C 728 -10.11 -16.73 51.69
CA LYS C 728 -10.84 -16.45 52.96
C LYS C 728 -11.74 -17.64 53.34
N LEU C 729 -11.21 -18.87 53.27
CA LEU C 729 -11.88 -20.11 53.75
C LEU C 729 -11.09 -20.67 54.94
N LYS C 730 -11.65 -21.68 55.62
CA LYS C 730 -11.00 -22.39 56.76
C LYS C 730 -10.76 -23.84 56.35
N PRO C 731 -9.56 -24.41 56.62
CA PRO C 731 -9.23 -25.78 56.25
C PRO C 731 -10.35 -26.81 56.48
N GLY C 732 -10.61 -27.67 55.48
CA GLY C 732 -11.66 -28.70 55.51
C GLY C 732 -13.01 -28.19 55.04
N GLU C 733 -13.03 -27.05 54.32
CA GLU C 733 -14.26 -26.45 53.72
C GLU C 733 -14.26 -26.70 52.21
N LYS C 734 -15.39 -27.16 51.67
CA LYS C 734 -15.59 -27.50 50.24
C LYS C 734 -15.95 -26.24 49.46
N ALA C 735 -15.65 -26.20 48.16
CA ALA C 735 -15.85 -25.03 47.27
C ALA C 735 -15.98 -25.48 45.81
N ASN C 736 -16.73 -24.72 45.01
CA ASN C 736 -16.92 -24.92 43.55
C ASN C 736 -15.92 -24.06 42.79
N ILE C 737 -15.07 -24.71 41.99
CA ILE C 737 -14.01 -24.08 41.14
C ILE C 737 -14.31 -24.39 39.67
N LEU C 738 -14.01 -23.45 38.77
CA LEU C 738 -14.06 -23.64 37.30
C LEU C 738 -12.64 -23.50 36.75
N LEU C 739 -12.10 -24.58 36.16
CA LEU C 739 -10.73 -24.61 35.58
C LEU C 739 -10.75 -23.84 34.25
N TYR C 740 -11.59 -24.28 33.32
CA TYR C 740 -11.89 -23.60 32.03
C TYR C 740 -13.33 -23.97 31.64
N GLN C 741 -13.89 -23.26 30.65
CA GLN C 741 -15.30 -23.39 30.21
C GLN C 741 -15.69 -24.87 30.14
N GLY C 742 -16.69 -25.27 30.92
CA GLY C 742 -17.33 -26.60 30.86
C GLY C 742 -16.55 -27.67 31.62
N LYS C 743 -15.74 -27.28 32.62
CA LYS C 743 -15.02 -28.23 33.53
C LYS C 743 -15.19 -27.79 34.97
N PRO C 744 -16.44 -27.82 35.53
CA PRO C 744 -16.65 -27.55 36.95
C PRO C 744 -16.03 -28.63 37.85
N VAL C 745 -15.32 -28.22 38.91
CA VAL C 745 -14.62 -29.11 39.89
C VAL C 745 -15.01 -28.68 41.30
N LYS C 746 -15.12 -29.65 42.22
CA LYS C 746 -15.41 -29.43 43.66
C LYS C 746 -14.13 -29.68 44.47
N VAL C 747 -13.54 -28.58 44.99
CA VAL C 747 -12.19 -28.58 45.64
C VAL C 747 -12.36 -28.24 47.12
N VAL C 748 -11.53 -28.86 47.96
CA VAL C 748 -11.56 -28.77 49.46
C VAL C 748 -10.16 -28.40 49.96
N LYS C 749 -10.09 -27.73 51.11
CA LYS C 749 -8.86 -27.21 51.74
C LYS C 749 -8.31 -28.28 52.71
#